data_9GVZ
# 
_entry.id   9GVZ 
# 
_audit_conform.dict_name       mmcif_pdbx.dic 
_audit_conform.dict_version    5.403 
_audit_conform.dict_location   http://mmcif.pdb.org/dictionaries/ascii/mmcif_pdbx.dic 
# 
loop_
_database_2.database_id 
_database_2.database_code 
_database_2.pdbx_database_accession 
_database_2.pdbx_DOI 
PDB   9GVZ         pdb_00009gvz 10.2210/pdb9gvz/pdb 
WWPDB D_1292139395 ?            ?                   
# 
loop_
_pdbx_audit_revision_history.ordinal 
_pdbx_audit_revision_history.data_content_type 
_pdbx_audit_revision_history.major_revision 
_pdbx_audit_revision_history.minor_revision 
_pdbx_audit_revision_history.revision_date 
_pdbx_audit_revision_history.part_number 
1 'Structure model' 1 0 2025-03-26 ? 
2 'Structure model' 1 1 2025-04-02 ? 
# 
_pdbx_audit_revision_details.ordinal             1 
_pdbx_audit_revision_details.revision_ordinal    1 
_pdbx_audit_revision_details.data_content_type   'Structure model' 
_pdbx_audit_revision_details.provider            repository 
_pdbx_audit_revision_details.type                'Initial release' 
_pdbx_audit_revision_details.description         ? 
_pdbx_audit_revision_details.details             ? 
# 
_pdbx_audit_revision_group.ordinal             1 
_pdbx_audit_revision_group.revision_ordinal    2 
_pdbx_audit_revision_group.data_content_type   'Structure model' 
_pdbx_audit_revision_group.group               'Database references' 
# 
_pdbx_audit_revision_category.ordinal             1 
_pdbx_audit_revision_category.revision_ordinal    2 
_pdbx_audit_revision_category.data_content_type   'Structure model' 
_pdbx_audit_revision_category.category            citation 
# 
loop_
_pdbx_audit_revision_item.ordinal 
_pdbx_audit_revision_item.revision_ordinal 
_pdbx_audit_revision_item.data_content_type 
_pdbx_audit_revision_item.item 
1 2 'Structure model' '_citation.pdbx_database_id_PubMed' 
2 2 'Structure model' '_citation.title'                   
# 
_pdbx_database_status.status_code                     REL 
_pdbx_database_status.status_code_sf                  REL 
_pdbx_database_status.status_code_mr                  ? 
_pdbx_database_status.entry_id                        9GVZ 
_pdbx_database_status.recvd_initial_deposition_date   2024-09-26 
_pdbx_database_status.SG_entry                        N 
_pdbx_database_status.deposit_site                    PDBE 
_pdbx_database_status.process_site                    PDBE 
_pdbx_database_status.status_code_cs                  ? 
_pdbx_database_status.status_code_nmr_data            ? 
_pdbx_database_status.methods_development_category    ? 
_pdbx_database_status.pdb_format_compatible           N 
# 
_pdbx_contact_author.id                 2 
_pdbx_contact_author.email              pozzi4@unisi.it 
_pdbx_contact_author.name_first         Cecilia 
_pdbx_contact_author.name_last          Pozzi 
_pdbx_contact_author.name_mi            ? 
_pdbx_contact_author.role               'principal investigator/group leader' 
_pdbx_contact_author.identifier_ORCID   0000-0003-2574-3911 
# 
loop_
_audit_author.name 
_audit_author.pdbx_ordinal 
_audit_author.identifier_ORCID 
'Tassone, G.' 1 0000-0002-2575-5528 
'Pozzi, C.'   2 0000-0003-2574-3911 
# 
_citation.abstract                  ? 
_citation.abstract_id_CAS           ? 
_citation.book_id_ISBN              ? 
_citation.book_publisher            ? 
_citation.book_publisher_city       ? 
_citation.book_title                ? 
_citation.coordinate_linkage        ? 
_citation.country                   US 
_citation.database_id_Medline       ? 
_citation.details                   ? 
_citation.id                        primary 
_citation.journal_abbrev            'Acs Med.Chem.Lett.' 
_citation.journal_id_ASTM           ? 
_citation.journal_id_CSD            ? 
_citation.journal_id_ISSN           1948-5875 
_citation.journal_full              ? 
_citation.journal_issue             ? 
_citation.journal_volume            16 
_citation.language                  ? 
_citation.page_first                397 
_citation.page_last                 405 
_citation.title                     
'Morita-Baylis-Hillman Adduct Chemistry as a Tool for the Design of Lysine-Targeted Covalent Ligands.' 
_citation.year                      2025 
_citation.database_id_CSD           ? 
_citation.pdbx_database_id_DOI      10.1021/acsmedchemlett.4c00479 
_citation.pdbx_database_id_PubMed   40104796 
_citation.pdbx_database_id_patent   ? 
_citation.unpublished_flag          ? 
# 
loop_
_citation_author.citation_id 
_citation_author.name 
_citation_author.ordinal 
_citation_author.identifier_ORCID 
primary 'Paolino, M.'   1  ? 
primary 'Tassone, G.'   2  ? 
primary 'Governa, P.'   3  ? 
primary 'Saletti, M.'   4  ? 
primary 'Lami, M.'      5  ? 
primary 'Carletti, R.'  6  ? 
primary 'Sacchetta, F.' 7  ? 
primary 'Pozzi, C.'     8  ? 
primary 'Orlandini, M.' 9  ? 
primary 'Manetti, F.'   10 ? 
primary 'Olivucci, M.'  11 ? 
primary 'Cappelli, A.'  12 ? 
# 
loop_
_entity.id 
_entity.type 
_entity.src_method 
_entity.pdbx_description 
_entity.formula_weight 
_entity.pdbx_number_of_molecules 
_entity.pdbx_ec 
_entity.pdbx_mutation 
_entity.pdbx_fragment 
_entity.details 
1 polymer     man 'Cellular retinoic acid-binding protein 2'                                 15992.265 1 ? 
'R111K, Y134F, T54V, R132Q, P39Y, R59Y' ? ? 
2 non-polymer syn 'methyl (~{Z})-3-(4-ethynoxy-3,5-dimethoxy-phenyl)-2-methyl-prop-2-enoate' 290.311   1 ? ? ? ? 
3 water       nat water                                                                      18.015    2 ? ? ? ? 
# 
_entity_name_com.entity_id   1 
_entity_name_com.name        'Cellular retinoic acid-binding protein II,CRABP-II' 
# 
_entity_poly.entity_id                      1 
_entity_poly.type                           'polypeptide(L)' 
_entity_poly.nstd_linkage                   no 
_entity_poly.nstd_monomer                   no 
_entity_poly.pdbx_seq_one_letter_code       
;GSHMPNFSGNWKIIRSENFEELLKVLGVNVMLRKIAVAAASKYAVEIKQEGDTFYIKVSTTVYTTEINFKVGEEFEEQTV
DGRPCKSLVKWESENKMVCEQKLLKGEGPKTSWTKELTNDGELILTMTADDVVCTQVFVRE
;
_entity_poly.pdbx_seq_one_letter_code_can   
;GSHMPNFSGNWKIIRSENFEELLKVLGVNVMLRKIAVAAASKYAVEIKQEGDTFYIKVSTTVYTTEINFKVGEEFEEQTV
DGRPCKSLVKWESENKMVCEQKLLKGEGPKTSWTKELTNDGELILTMTADDVVCTQVFVRE
;
_entity_poly.pdbx_strand_id                 A 
_entity_poly.pdbx_target_identifier         ? 
# 
loop_
_pdbx_entity_nonpoly.entity_id 
_pdbx_entity_nonpoly.name 
_pdbx_entity_nonpoly.comp_id 
2 'methyl (~{Z})-3-(4-ethynoxy-3,5-dimethoxy-phenyl)-2-methyl-prop-2-enoate' A1IQ0 
3 water                                                                      HOH   
# 
loop_
_entity_poly_seq.entity_id 
_entity_poly_seq.num 
_entity_poly_seq.mon_id 
_entity_poly_seq.hetero 
1 1   GLY n 
1 2   SER n 
1 3   HIS n 
1 4   MET n 
1 5   PRO n 
1 6   ASN n 
1 7   PHE n 
1 8   SER n 
1 9   GLY n 
1 10  ASN n 
1 11  TRP n 
1 12  LYS n 
1 13  ILE n 
1 14  ILE n 
1 15  ARG n 
1 16  SER n 
1 17  GLU n 
1 18  ASN n 
1 19  PHE n 
1 20  GLU n 
1 21  GLU n 
1 22  LEU n 
1 23  LEU n 
1 24  LYS n 
1 25  VAL n 
1 26  LEU n 
1 27  GLY n 
1 28  VAL n 
1 29  ASN n 
1 30  VAL n 
1 31  MET n 
1 32  LEU n 
1 33  ARG n 
1 34  LYS n 
1 35  ILE n 
1 36  ALA n 
1 37  VAL n 
1 38  ALA n 
1 39  ALA n 
1 40  ALA n 
1 41  SER n 
1 42  LYS n 
1 43  TYR n 
1 44  ALA n 
1 45  VAL n 
1 46  GLU n 
1 47  ILE n 
1 48  LYS n 
1 49  GLN n 
1 50  GLU n 
1 51  GLY n 
1 52  ASP n 
1 53  THR n 
1 54  PHE n 
1 55  TYR n 
1 56  ILE n 
1 57  LYS n 
1 58  VAL n 
1 59  SER n 
1 60  THR n 
1 61  THR n 
1 62  VAL n 
1 63  TYR n 
1 64  THR n 
1 65  THR n 
1 66  GLU n 
1 67  ILE n 
1 68  ASN n 
1 69  PHE n 
1 70  LYS n 
1 71  VAL n 
1 72  GLY n 
1 73  GLU n 
1 74  GLU n 
1 75  PHE n 
1 76  GLU n 
1 77  GLU n 
1 78  GLN n 
1 79  THR n 
1 80  VAL n 
1 81  ASP n 
1 82  GLY n 
1 83  ARG n 
1 84  PRO n 
1 85  CYS n 
1 86  LYS n 
1 87  SER n 
1 88  LEU n 
1 89  VAL n 
1 90  LYS n 
1 91  TRP n 
1 92  GLU n 
1 93  SER n 
1 94  GLU n 
1 95  ASN n 
1 96  LYS n 
1 97  MET n 
1 98  VAL n 
1 99  CYS n 
1 100 GLU n 
1 101 GLN n 
1 102 LYS n 
1 103 LEU n 
1 104 LEU n 
1 105 LYS n 
1 106 GLY n 
1 107 GLU n 
1 108 GLY n 
1 109 PRO n 
1 110 LYS n 
1 111 THR n 
1 112 SER n 
1 113 TRP n 
1 114 THR n 
1 115 LYS n 
1 116 GLU n 
1 117 LEU n 
1 118 THR n 
1 119 ASN n 
1 120 ASP n 
1 121 GLY n 
1 122 GLU n 
1 123 LEU n 
1 124 ILE n 
1 125 LEU n 
1 126 THR n 
1 127 MET n 
1 128 THR n 
1 129 ALA n 
1 130 ASP n 
1 131 ASP n 
1 132 VAL n 
1 133 VAL n 
1 134 CYS n 
1 135 THR n 
1 136 GLN n 
1 137 VAL n 
1 138 PHE n 
1 139 VAL n 
1 140 ARG n 
1 141 GLU n 
# 
_entity_src_gen.entity_id                          1 
_entity_src_gen.pdbx_src_id                        1 
_entity_src_gen.pdbx_alt_source_flag               sample 
_entity_src_gen.pdbx_seq_type                      'Biological sequence' 
_entity_src_gen.pdbx_beg_seq_num                   1 
_entity_src_gen.pdbx_end_seq_num                   141 
_entity_src_gen.gene_src_common_name               human 
_entity_src_gen.gene_src_genus                     ? 
_entity_src_gen.pdbx_gene_src_gene                 CRABP2 
_entity_src_gen.gene_src_species                   ? 
_entity_src_gen.gene_src_strain                    ? 
_entity_src_gen.gene_src_tissue                    ? 
_entity_src_gen.gene_src_tissue_fraction           ? 
_entity_src_gen.gene_src_details                   ? 
_entity_src_gen.pdbx_gene_src_fragment             ? 
_entity_src_gen.pdbx_gene_src_scientific_name      'Homo sapiens' 
_entity_src_gen.pdbx_gene_src_ncbi_taxonomy_id     9606 
_entity_src_gen.pdbx_gene_src_variant              ? 
_entity_src_gen.pdbx_gene_src_cell_line            ? 
_entity_src_gen.pdbx_gene_src_atcc                 ? 
_entity_src_gen.pdbx_gene_src_organ                ? 
_entity_src_gen.pdbx_gene_src_organelle            ? 
_entity_src_gen.pdbx_gene_src_cell                 ? 
_entity_src_gen.pdbx_gene_src_cellular_location    ? 
_entity_src_gen.host_org_common_name               ? 
_entity_src_gen.pdbx_host_org_scientific_name      'Escherichia coli BL21(DE3)' 
_entity_src_gen.pdbx_host_org_ncbi_taxonomy_id     469008 
_entity_src_gen.host_org_genus                     ? 
_entity_src_gen.pdbx_host_org_gene                 ? 
_entity_src_gen.pdbx_host_org_organ                ? 
_entity_src_gen.host_org_species                   ? 
_entity_src_gen.pdbx_host_org_tissue               ? 
_entity_src_gen.pdbx_host_org_tissue_fraction      ? 
_entity_src_gen.pdbx_host_org_strain               ? 
_entity_src_gen.pdbx_host_org_variant              ? 
_entity_src_gen.pdbx_host_org_cell_line            ? 
_entity_src_gen.pdbx_host_org_atcc                 ? 
_entity_src_gen.pdbx_host_org_culture_collection   ? 
_entity_src_gen.pdbx_host_org_cell                 ? 
_entity_src_gen.pdbx_host_org_organelle            ? 
_entity_src_gen.pdbx_host_org_cellular_location    ? 
_entity_src_gen.pdbx_host_org_vector_type          PLASMID 
_entity_src_gen.pdbx_host_org_vector               ? 
_entity_src_gen.host_org_details                   ? 
_entity_src_gen.expression_system_id               ? 
_entity_src_gen.plasmid_name                       pET15b 
_entity_src_gen.plasmid_details                    ? 
_entity_src_gen.pdbx_description                   ? 
# 
loop_
_chem_comp.id 
_chem_comp.type 
_chem_comp.mon_nstd_flag 
_chem_comp.name 
_chem_comp.pdbx_synonyms 
_chem_comp.formula 
_chem_comp.formula_weight 
A1IQ0 non-polymer         . 'methyl (~{Z})-3-(4-ethynoxy-3,5-dimethoxy-phenyl)-2-methyl-prop-2-enoate' ? 'C16 H18 O5'     290.311 
ALA   'L-peptide linking' y ALANINE                                                                    ? 'C3 H7 N O2'     89.093  
ARG   'L-peptide linking' y ARGININE                                                                   ? 'C6 H15 N4 O2 1' 175.209 
ASN   'L-peptide linking' y ASPARAGINE                                                                 ? 'C4 H8 N2 O3'    132.118 
ASP   'L-peptide linking' y 'ASPARTIC ACID'                                                            ? 'C4 H7 N O4'     133.103 
CYS   'L-peptide linking' y CYSTEINE                                                                   ? 'C3 H7 N O2 S'   121.158 
GLN   'L-peptide linking' y GLUTAMINE                                                                  ? 'C5 H10 N2 O3'   146.144 
GLU   'L-peptide linking' y 'GLUTAMIC ACID'                                                            ? 'C5 H9 N O4'     147.129 
GLY   'peptide linking'   y GLYCINE                                                                    ? 'C2 H5 N O2'     75.067  
HIS   'L-peptide linking' y HISTIDINE                                                                  ? 'C6 H10 N3 O2 1' 156.162 
HOH   non-polymer         . WATER                                                                      ? 'H2 O'           18.015  
ILE   'L-peptide linking' y ISOLEUCINE                                                                 ? 'C6 H13 N O2'    131.173 
LEU   'L-peptide linking' y LEUCINE                                                                    ? 'C6 H13 N O2'    131.173 
LYS   'L-peptide linking' y LYSINE                                                                     ? 'C6 H15 N2 O2 1' 147.195 
MET   'L-peptide linking' y METHIONINE                                                                 ? 'C5 H11 N O2 S'  149.211 
PHE   'L-peptide linking' y PHENYLALANINE                                                              ? 'C9 H11 N O2'    165.189 
PRO   'L-peptide linking' y PROLINE                                                                    ? 'C5 H9 N O2'     115.130 
SER   'L-peptide linking' y SERINE                                                                     ? 'C3 H7 N O3'     105.093 
THR   'L-peptide linking' y THREONINE                                                                  ? 'C4 H9 N O3'     119.119 
TRP   'L-peptide linking' y TRYPTOPHAN                                                                 ? 'C11 H12 N2 O2'  204.225 
TYR   'L-peptide linking' y TYROSINE                                                                   ? 'C9 H11 N O3'    181.189 
VAL   'L-peptide linking' y VALINE                                                                     ? 'C5 H11 N O2'    117.146 
# 
loop_
_pdbx_poly_seq_scheme.asym_id 
_pdbx_poly_seq_scheme.entity_id 
_pdbx_poly_seq_scheme.seq_id 
_pdbx_poly_seq_scheme.mon_id 
_pdbx_poly_seq_scheme.ndb_seq_num 
_pdbx_poly_seq_scheme.pdb_seq_num 
_pdbx_poly_seq_scheme.auth_seq_num 
_pdbx_poly_seq_scheme.pdb_mon_id 
_pdbx_poly_seq_scheme.auth_mon_id 
_pdbx_poly_seq_scheme.pdb_strand_id 
_pdbx_poly_seq_scheme.pdb_ins_code 
_pdbx_poly_seq_scheme.hetero 
A 1 1   GLY 1   -3  ?   ?   ?   A . n 
A 1 2   SER 2   -2  ?   ?   ?   A . n 
A 1 3   HIS 3   -1  ?   ?   ?   A . n 
A 1 4   MET 4   0   0   MET MET A . n 
A 1 5   PRO 5   1   1   PRO PRO A . n 
A 1 6   ASN 6   2   2   ASN ASN A . n 
A 1 7   PHE 7   3   3   PHE PHE A . n 
A 1 8   SER 8   4   4   SER SER A . n 
A 1 9   GLY 9   5   5   GLY GLY A . n 
A 1 10  ASN 10  6   6   ASN ASN A . n 
A 1 11  TRP 11  7   7   TRP TRP A . n 
A 1 12  LYS 12  8   8   LYS LYS A . n 
A 1 13  ILE 13  9   9   ILE ILE A . n 
A 1 14  ILE 14  10  10  ILE ILE A . n 
A 1 15  ARG 15  11  11  ARG ARG A . n 
A 1 16  SER 16  12  12  SER SER A . n 
A 1 17  GLU 17  13  13  GLU GLU A . n 
A 1 18  ASN 18  14  14  ASN ASN A . n 
A 1 19  PHE 19  15  15  PHE PHE A . n 
A 1 20  GLU 20  16  16  GLU GLU A . n 
A 1 21  GLU 21  17  17  GLU GLU A . n 
A 1 22  LEU 22  18  18  LEU LEU A . n 
A 1 23  LEU 23  19  19  LEU LEU A . n 
A 1 24  LYS 24  20  20  LYS LYS A . n 
A 1 25  VAL 25  21  21  VAL VAL A . n 
A 1 26  LEU 26  22  22  LEU LEU A . n 
A 1 27  GLY 27  23  23  GLY GLY A . n 
A 1 28  VAL 28  24  24  VAL VAL A . n 
A 1 29  ASN 29  25  25  ASN ASN A . n 
A 1 30  VAL 30  26  26  VAL VAL A . n 
A 1 31  MET 31  27  27  MET MET A . n 
A 1 32  LEU 32  28  28  LEU LEU A . n 
A 1 33  ARG 33  29  29  ARG ARG A . n 
A 1 34  LYS 34  30  30  LYS LYS A . n 
A 1 35  ILE 35  31  31  ILE ILE A . n 
A 1 36  ALA 36  32  32  ALA ALA A . n 
A 1 37  VAL 37  33  33  VAL VAL A . n 
A 1 38  ALA 38  34  34  ALA ALA A . n 
A 1 39  ALA 39  35  35  ALA ALA A . n 
A 1 40  ALA 40  36  36  ALA ALA A . n 
A 1 41  SER 41  37  37  SER SER A . n 
A 1 42  LYS 42  38  38  LYS LYS A . n 
A 1 43  TYR 43  39  39  TYR TYR A . n 
A 1 44  ALA 44  40  40  ALA ALA A . n 
A 1 45  VAL 45  41  41  VAL VAL A . n 
A 1 46  GLU 46  42  42  GLU GLU A . n 
A 1 47  ILE 47  43  43  ILE ILE A . n 
A 1 48  LYS 48  44  44  LYS LYS A . n 
A 1 49  GLN 49  45  45  GLN GLN A . n 
A 1 50  GLU 50  46  46  GLU GLU A . n 
A 1 51  GLY 51  47  47  GLY GLY A . n 
A 1 52  ASP 52  48  48  ASP ASP A . n 
A 1 53  THR 53  49  49  THR THR A . n 
A 1 54  PHE 54  50  50  PHE PHE A . n 
A 1 55  TYR 55  51  51  TYR TYR A . n 
A 1 56  ILE 56  52  52  ILE ILE A . n 
A 1 57  LYS 57  53  53  LYS LYS A . n 
A 1 58  VAL 58  54  54  VAL VAL A . n 
A 1 59  SER 59  55  55  SER SER A . n 
A 1 60  THR 60  56  56  THR THR A . n 
A 1 61  THR 61  57  57  THR THR A . n 
A 1 62  VAL 62  58  58  VAL VAL A . n 
A 1 63  TYR 63  59  59  TYR TYR A . n 
A 1 64  THR 64  60  60  THR THR A . n 
A 1 65  THR 65  61  61  THR THR A . n 
A 1 66  GLU 66  62  62  GLU GLU A . n 
A 1 67  ILE 67  63  63  ILE ILE A . n 
A 1 68  ASN 68  64  64  ASN ASN A . n 
A 1 69  PHE 69  65  65  PHE PHE A . n 
A 1 70  LYS 70  66  66  LYS LYS A . n 
A 1 71  VAL 71  67  67  VAL VAL A . n 
A 1 72  GLY 72  68  68  GLY GLY A . n 
A 1 73  GLU 73  69  69  GLU GLU A . n 
A 1 74  GLU 74  70  70  GLU GLU A . n 
A 1 75  PHE 75  71  71  PHE PHE A . n 
A 1 76  GLU 76  72  72  GLU GLU A . n 
A 1 77  GLU 77  73  73  GLU GLU A . n 
A 1 78  GLN 78  74  74  GLN GLN A . n 
A 1 79  THR 79  75  75  THR THR A . n 
A 1 80  VAL 80  76  76  VAL VAL A . n 
A 1 81  ASP 81  77  77  ASP ASP A . n 
A 1 82  GLY 82  78  78  GLY GLY A . n 
A 1 83  ARG 83  79  79  ARG ARG A . n 
A 1 84  PRO 84  80  80  PRO PRO A . n 
A 1 85  CYS 85  81  81  CYS CYS A . n 
A 1 86  LYS 86  82  82  LYS LYS A . n 
A 1 87  SER 87  83  83  SER SER A . n 
A 1 88  LEU 88  84  84  LEU LEU A . n 
A 1 89  VAL 89  85  85  VAL VAL A . n 
A 1 90  LYS 90  86  86  LYS LYS A . n 
A 1 91  TRP 91  87  87  TRP TRP A . n 
A 1 92  GLU 92  88  88  GLU GLU A . n 
A 1 93  SER 93  89  89  SER SER A . n 
A 1 94  GLU 94  90  90  GLU GLU A . n 
A 1 95  ASN 95  91  91  ASN ASN A . n 
A 1 96  LYS 96  92  92  LYS LYS A . n 
A 1 97  MET 97  93  93  MET MET A . n 
A 1 98  VAL 98  94  94  VAL VAL A . n 
A 1 99  CYS 99  95  95  CYS CYS A . n 
A 1 100 GLU 100 96  96  GLU GLU A . n 
A 1 101 GLN 101 97  97  GLN GLN A . n 
A 1 102 LYS 102 98  98  LYS LYS A . n 
A 1 103 LEU 103 99  99  LEU LEU A . n 
A 1 104 LEU 104 100 100 LEU LEU A . n 
A 1 105 LYS 105 101 101 LYS LYS A . n 
A 1 106 GLY 106 102 102 GLY GLY A . n 
A 1 107 GLU 107 103 103 GLU GLU A . n 
A 1 108 GLY 108 104 104 GLY GLY A . n 
A 1 109 PRO 109 105 105 PRO PRO A . n 
A 1 110 LYS 110 106 106 LYS LYS A . n 
A 1 111 THR 111 107 107 THR THR A . n 
A 1 112 SER 112 108 108 SER SER A . n 
A 1 113 TRP 113 109 109 TRP TRP A . n 
A 1 114 THR 114 110 110 THR THR A . n 
A 1 115 LYS 115 111 111 LYS LYS A . n 
A 1 116 GLU 116 112 112 GLU GLU A . n 
A 1 117 LEU 117 113 113 LEU LEU A . n 
A 1 118 THR 118 114 114 THR THR A . n 
A 1 119 ASN 119 115 115 ASN ASN A . n 
A 1 120 ASP 120 116 116 ASP ASP A . n 
A 1 121 GLY 121 117 117 GLY GLY A . n 
A 1 122 GLU 122 118 118 GLU GLU A . n 
A 1 123 LEU 123 119 119 LEU LEU A . n 
A 1 124 ILE 124 120 120 ILE ILE A . n 
A 1 125 LEU 125 121 121 LEU LEU A . n 
A 1 126 THR 126 122 122 THR THR A . n 
A 1 127 MET 127 123 123 MET MET A . n 
A 1 128 THR 128 124 124 THR THR A . n 
A 1 129 ALA 129 125 125 ALA ALA A . n 
A 1 130 ASP 130 126 126 ASP ASP A . n 
A 1 131 ASP 131 127 127 ASP ASP A . n 
A 1 132 VAL 132 128 128 VAL VAL A . n 
A 1 133 VAL 133 129 129 VAL VAL A . n 
A 1 134 CYS 134 130 130 CYS CYS A . n 
A 1 135 THR 135 131 131 THR THR A . n 
A 1 136 GLN 136 132 132 GLN GLN A . n 
A 1 137 VAL 137 133 133 VAL VAL A . n 
A 1 138 PHE 138 134 134 PHE PHE A . n 
A 1 139 VAL 139 135 135 VAL VAL A . n 
A 1 140 ARG 140 136 136 ARG ARG A . n 
A 1 141 GLU 141 137 137 GLU GLU A . n 
# 
_pdbx_entity_instance_feature.ordinal        1 
_pdbx_entity_instance_feature.comp_id        A1IQ0 
_pdbx_entity_instance_feature.asym_id        ? 
_pdbx_entity_instance_feature.seq_num        ? 
_pdbx_entity_instance_feature.auth_comp_id   A1IQ0 
_pdbx_entity_instance_feature.auth_asym_id   ? 
_pdbx_entity_instance_feature.auth_seq_num   ? 
_pdbx_entity_instance_feature.feature_type   'SUBJECT OF INVESTIGATION' 
_pdbx_entity_instance_feature.details        ? 
# 
loop_
_pdbx_nonpoly_scheme.asym_id 
_pdbx_nonpoly_scheme.entity_id 
_pdbx_nonpoly_scheme.mon_id 
_pdbx_nonpoly_scheme.ndb_seq_num 
_pdbx_nonpoly_scheme.pdb_seq_num 
_pdbx_nonpoly_scheme.auth_seq_num 
_pdbx_nonpoly_scheme.pdb_mon_id 
_pdbx_nonpoly_scheme.auth_mon_id 
_pdbx_nonpoly_scheme.pdb_strand_id 
_pdbx_nonpoly_scheme.pdb_ins_code 
B 2 A1IQ0 1 201 202 A1IQ0 0PT A . 
C 3 HOH   1 301 4   HOH   HOH A . 
C 3 HOH   2 302 6   HOH   HOH A . 
# 
loop_
_pdbx_unobs_or_zero_occ_atoms.id 
_pdbx_unobs_or_zero_occ_atoms.PDB_model_num 
_pdbx_unobs_or_zero_occ_atoms.polymer_flag 
_pdbx_unobs_or_zero_occ_atoms.occupancy_flag 
_pdbx_unobs_or_zero_occ_atoms.auth_asym_id 
_pdbx_unobs_or_zero_occ_atoms.auth_comp_id 
_pdbx_unobs_or_zero_occ_atoms.auth_seq_id 
_pdbx_unobs_or_zero_occ_atoms.PDB_ins_code 
_pdbx_unobs_or_zero_occ_atoms.auth_atom_id 
_pdbx_unobs_or_zero_occ_atoms.label_alt_id 
_pdbx_unobs_or_zero_occ_atoms.label_asym_id 
_pdbx_unobs_or_zero_occ_atoms.label_comp_id 
_pdbx_unobs_or_zero_occ_atoms.label_seq_id 
_pdbx_unobs_or_zero_occ_atoms.label_atom_id 
1  1 Y 1 A LYS   8   ? CG  ? A LYS   12  CG  
2  1 Y 1 A LYS   8   ? CD  ? A LYS   12  CD  
3  1 Y 1 A LYS   8   ? CE  ? A LYS   12  CE  
4  1 Y 1 A LYS   8   ? NZ  ? A LYS   12  NZ  
5  1 Y 1 A ARG   11  ? CD  ? A ARG   15  CD  
6  1 Y 1 A ARG   11  ? NE  ? A ARG   15  NE  
7  1 Y 1 A ARG   11  ? CZ  ? A ARG   15  CZ  
8  1 Y 1 A ARG   11  ? NH1 ? A ARG   15  NH1 
9  1 Y 1 A ARG   11  ? NH2 ? A ARG   15  NH2 
10 1 Y 1 A GLU   13  ? CG  ? A GLU   17  CG  
11 1 Y 1 A GLU   13  ? CD  ? A GLU   17  CD  
12 1 Y 1 A GLU   13  ? OE1 ? A GLU   17  OE1 
13 1 Y 1 A GLU   13  ? OE2 ? A GLU   17  OE2 
14 1 Y 1 A LYS   20  ? CE  ? A LYS   24  CE  
15 1 Y 1 A LYS   20  ? NZ  ? A LYS   24  NZ  
16 1 Y 1 A LYS   38  ? CG  ? A LYS   42  CG  
17 1 Y 1 A LYS   38  ? CD  ? A LYS   42  CD  
18 1 Y 1 A LYS   38  ? CE  ? A LYS   42  CE  
19 1 Y 1 A LYS   38  ? NZ  ? A LYS   42  NZ  
20 1 Y 1 A LYS   44  ? CG  ? A LYS   48  CG  
21 1 Y 1 A LYS   44  ? CD  ? A LYS   48  CD  
22 1 Y 1 A LYS   44  ? CE  ? A LYS   48  CE  
23 1 Y 1 A LYS   44  ? NZ  ? A LYS   48  NZ  
24 1 Y 1 A GLU   46  ? CG  ? A GLU   50  CG  
25 1 Y 1 A GLU   46  ? CD  ? A GLU   50  CD  
26 1 Y 1 A GLU   46  ? OE1 ? A GLU   50  OE1 
27 1 Y 1 A GLU   46  ? OE2 ? A GLU   50  OE2 
28 1 Y 1 A LYS   53  ? CE  ? A LYS   57  CE  
29 1 Y 1 A LYS   53  ? NZ  ? A LYS   57  NZ  
30 1 Y 1 A LYS   66  ? CD  ? A LYS   70  CD  
31 1 Y 1 A LYS   66  ? CE  ? A LYS   70  CE  
32 1 Y 1 A LYS   66  ? NZ  ? A LYS   70  NZ  
33 1 Y 1 A GLU   70  ? CD  ? A GLU   74  CD  
34 1 Y 1 A GLU   70  ? OE1 ? A GLU   74  OE1 
35 1 Y 1 A GLU   70  ? OE2 ? A GLU   74  OE2 
36 1 Y 1 A GLN   74  ? CD  ? A GLN   78  CD  
37 1 Y 1 A GLN   74  ? OE1 ? A GLN   78  OE1 
38 1 Y 1 A GLN   74  ? NE2 ? A GLN   78  NE2 
39 1 Y 1 A ARG   79  ? NE  ? A ARG   83  NE  
40 1 Y 1 A ARG   79  ? CZ  ? A ARG   83  CZ  
41 1 Y 1 A ARG   79  ? NH1 ? A ARG   83  NH1 
42 1 Y 1 A ARG   79  ? NH2 ? A ARG   83  NH2 
43 1 Y 1 A LYS   82  ? CD  ? A LYS   86  CD  
44 1 Y 1 A LYS   82  ? CE  ? A LYS   86  CE  
45 1 Y 1 A LYS   82  ? NZ  ? A LYS   86  NZ  
46 1 Y 1 A LYS   86  ? CD  ? A LYS   90  CD  
47 1 Y 1 A LYS   86  ? CE  ? A LYS   90  CE  
48 1 Y 1 A LYS   86  ? NZ  ? A LYS   90  NZ  
49 1 Y 1 A GLU   88  ? CD  ? A GLU   92  CD  
50 1 Y 1 A GLU   88  ? OE1 ? A GLU   92  OE1 
51 1 Y 1 A GLU   88  ? OE2 ? A GLU   92  OE2 
52 1 Y 1 A LYS   92  ? CD  ? A LYS   96  CD  
53 1 Y 1 A LYS   92  ? CE  ? A LYS   96  CE  
54 1 Y 1 A LYS   92  ? NZ  ? A LYS   96  NZ  
55 1 Y 1 A GLU   96  ? CG  ? A GLU   100 CG  
56 1 Y 1 A GLU   96  ? CD  ? A GLU   100 CD  
57 1 Y 1 A GLU   96  ? OE1 ? A GLU   100 OE1 
58 1 Y 1 A GLU   96  ? OE2 ? A GLU   100 OE2 
59 1 Y 1 A LYS   98  ? CG  ? A LYS   102 CG  
60 1 Y 1 A LYS   98  ? CD  ? A LYS   102 CD  
61 1 Y 1 A LYS   98  ? CE  ? A LYS   102 CE  
62 1 Y 1 A LYS   98  ? NZ  ? A LYS   102 NZ  
63 1 Y 1 A LYS   101 ? CG  ? A LYS   105 CG  
64 1 Y 1 A LYS   101 ? CD  ? A LYS   105 CD  
65 1 Y 1 A LYS   101 ? CE  ? A LYS   105 CE  
66 1 Y 1 A LYS   101 ? NZ  ? A LYS   105 NZ  
67 1 Y 1 A GLU   103 ? CG  ? A GLU   107 CG  
68 1 Y 1 A GLU   103 ? CD  ? A GLU   107 CD  
69 1 Y 1 A GLU   103 ? OE1 ? A GLU   107 OE1 
70 1 Y 1 A GLU   103 ? OE2 ? A GLU   107 OE2 
71 1 Y 1 A LYS   106 ? CD  ? A LYS   110 CD  
72 1 Y 1 A LYS   106 ? CE  ? A LYS   110 CE  
73 1 Y 1 A LYS   106 ? NZ  ? A LYS   110 NZ  
74 1 Y 1 A ASP   127 ? CG  ? A ASP   131 CG  
75 1 Y 1 A ASP   127 ? OD1 ? A ASP   131 OD1 
76 1 Y 1 A ASP   127 ? OD2 ? A ASP   131 OD2 
77 1 Y 1 A GLU   137 ? CG  ? A GLU   141 CG  
78 1 Y 1 A GLU   137 ? CD  ? A GLU   141 CD  
79 1 Y 1 A GLU   137 ? OE1 ? A GLU   141 OE1 
80 1 Y 1 A GLU   137 ? OE2 ? A GLU   141 OE2 
81 1 N 1 A A1IQ0 201 ? C1  ? B A1IQ0 1   C1  
82 1 N 1 A A1IQ0 201 ? C2  ? B A1IQ0 1   C2  
83 1 N 1 A A1IQ0 201 ? C3  ? B A1IQ0 1   C3  
# 
loop_
_software.citation_id 
_software.classification 
_software.compiler_name 
_software.compiler_version 
_software.contact_author 
_software.contact_author_email 
_software.date 
_software.description 
_software.dependencies 
_software.hardware 
_software.language 
_software.location 
_software.mods 
_software.name 
_software.os 
_software.os_version 
_software.type 
_software.version 
_software.pdbx_ordinal 
? refinement       ? ? ? ? ? ? ? ? ? ? ? REFMAC ? ? ? 5.8.0267 1 
? 'data reduction' ? ? ? ? ? ? ? ? ? ? ? XDS    ? ? ? .        2 
? 'data scaling'   ? ? ? ? ? ? ? ? ? ? ? SCALA  ? ? ? .        3 
? phasing          ? ? ? ? ? ? ? ? ? ? ? REFMAC ? ? ? .        4 
# 
_cell.angle_alpha                  90.00 
_cell.angle_alpha_esd              ? 
_cell.angle_beta                   90.00 
_cell.angle_beta_esd               ? 
_cell.angle_gamma                  120.00 
_cell.angle_gamma_esd              ? 
_cell.entry_id                     9GVZ 
_cell.details                      ? 
_cell.formula_units_Z              ? 
_cell.length_a                     57.554 
_cell.length_a_esd                 ? 
_cell.length_b                     57.554 
_cell.length_b_esd                 ? 
_cell.length_c                     101.742 
_cell.length_c_esd                 ? 
_cell.volume                       ? 
_cell.volume_esd                   ? 
_cell.Z_PDB                        6 
_cell.reciprocal_angle_alpha       ? 
_cell.reciprocal_angle_beta        ? 
_cell.reciprocal_angle_gamma       ? 
_cell.reciprocal_angle_alpha_esd   ? 
_cell.reciprocal_angle_beta_esd    ? 
_cell.reciprocal_angle_gamma_esd   ? 
_cell.reciprocal_length_a          ? 
_cell.reciprocal_length_b          ? 
_cell.reciprocal_length_c          ? 
_cell.reciprocal_length_a_esd      ? 
_cell.reciprocal_length_b_esd      ? 
_cell.reciprocal_length_c_esd      ? 
_cell.pdbx_unique_axis             ? 
_cell.pdbx_esd_method              ? 
# 
_symmetry.entry_id                         9GVZ 
_symmetry.cell_setting                     ? 
_symmetry.Int_Tables_number                152 
_symmetry.space_group_name_Hall            ? 
_symmetry.space_group_name_H-M             'P 31 2 1' 
_symmetry.pdbx_full_space_group_name_H-M   ? 
# 
_exptl.absorpt_coefficient_mu     ? 
_exptl.absorpt_correction_T_max   ? 
_exptl.absorpt_correction_T_min   ? 
_exptl.absorpt_correction_type    ? 
_exptl.absorpt_process_details    ? 
_exptl.entry_id                   9GVZ 
_exptl.crystals_number            1 
_exptl.details                    ? 
_exptl.method                     'X-RAY DIFFRACTION' 
_exptl.method_details             ? 
# 
_exptl_crystal.colour                       ? 
_exptl_crystal.density_diffrn               ? 
_exptl_crystal.density_Matthews             3.13 
_exptl_crystal.density_method               ? 
_exptl_crystal.density_percent_sol          60.77 
_exptl_crystal.description                  ? 
_exptl_crystal.F_000                        ? 
_exptl_crystal.id                           1 
_exptl_crystal.preparation                  ? 
_exptl_crystal.size_max                     ? 
_exptl_crystal.size_mid                     ? 
_exptl_crystal.size_min                     ? 
_exptl_crystal.size_rad                     ? 
_exptl_crystal.colour_lustre                ? 
_exptl_crystal.colour_modifier              ? 
_exptl_crystal.colour_primary               ? 
_exptl_crystal.density_meas                 ? 
_exptl_crystal.density_meas_esd             ? 
_exptl_crystal.density_meas_gt              ? 
_exptl_crystal.density_meas_lt              ? 
_exptl_crystal.density_meas_temp            ? 
_exptl_crystal.density_meas_temp_esd        ? 
_exptl_crystal.density_meas_temp_gt         ? 
_exptl_crystal.density_meas_temp_lt         ? 
_exptl_crystal.pdbx_crystal_image_url       ? 
_exptl_crystal.pdbx_crystal_image_format    ? 
_exptl_crystal.pdbx_mosaicity               ? 
_exptl_crystal.pdbx_mosaicity_esd           ? 
_exptl_crystal.pdbx_mosaic_method           ? 
_exptl_crystal.pdbx_mosaic_block_size       ? 
_exptl_crystal.pdbx_mosaic_block_size_esd   ? 
# 
_exptl_crystal_grow.apparatus       ? 
_exptl_crystal_grow.atmosphere      ? 
_exptl_crystal_grow.crystal_id      1 
_exptl_crystal_grow.details         ? 
_exptl_crystal_grow.method          'VAPOR DIFFUSION, SITTING DROP' 
_exptl_crystal_grow.method_ref      ? 
_exptl_crystal_grow.pH              ? 
_exptl_crystal_grow.pressure        ? 
_exptl_crystal_grow.pressure_esd    ? 
_exptl_crystal_grow.seeding         ? 
_exptl_crystal_grow.seeding_ref     ? 
_exptl_crystal_grow.temp_details    ? 
_exptl_crystal_grow.temp_esd        ? 
_exptl_crystal_grow.time            ? 
_exptl_crystal_grow.pdbx_details    '0.2 M sodium malonate pH 7 and 20% w/v polyethylene glycol 3.350' 
_exptl_crystal_grow.pdbx_pH_range   7.0 
_exptl_crystal_grow.temp            281 
# 
_diffrn.ambient_environment              ? 
_diffrn.ambient_temp                     100 
_diffrn.ambient_temp_details             ? 
_diffrn.ambient_temp_esd                 ? 
_diffrn.crystal_id                       1 
_diffrn.crystal_support                  ? 
_diffrn.crystal_treatment                ? 
_diffrn.details                          ? 
_diffrn.id                               1 
_diffrn.ambient_pressure                 ? 
_diffrn.ambient_pressure_esd             ? 
_diffrn.ambient_pressure_gt              ? 
_diffrn.ambient_pressure_lt              ? 
_diffrn.ambient_temp_gt                  ? 
_diffrn.ambient_temp_lt                  ? 
_diffrn.pdbx_serial_crystal_experiment   N 
# 
_diffrn_detector.details                      ? 
_diffrn_detector.detector                     PIXEL 
_diffrn_detector.diffrn_id                    1 
_diffrn_detector.type                         'DECTRIS EIGER2 XE 16M' 
_diffrn_detector.area_resol_mean              ? 
_diffrn_detector.dtime                        ? 
_diffrn_detector.pdbx_frames_total            ? 
_diffrn_detector.pdbx_collection_time_total   ? 
_diffrn_detector.pdbx_collection_date         2022-02-09 
_diffrn_detector.pdbx_frequency               ? 
_diffrn_detector.id                           ? 
_diffrn_detector.number_of_axes               ? 
# 
_diffrn_radiation.collimation                      ? 
_diffrn_radiation.diffrn_id                        1 
_diffrn_radiation.filter_edge                      ? 
_diffrn_radiation.inhomogeneity                    ? 
_diffrn_radiation.monochromator                    'Si(111)' 
_diffrn_radiation.polarisn_norm                    ? 
_diffrn_radiation.polarisn_ratio                   ? 
_diffrn_radiation.probe                            ? 
_diffrn_radiation.type                             ? 
_diffrn_radiation.xray_symbol                      ? 
_diffrn_radiation.wavelength_id                    1 
_diffrn_radiation.pdbx_monochromatic_or_laue_m_l   M 
_diffrn_radiation.pdbx_wavelength_list             ? 
_diffrn_radiation.pdbx_wavelength                  ? 
_diffrn_radiation.pdbx_diffrn_protocol             'SINGLE WAVELENGTH' 
_diffrn_radiation.pdbx_analyzer                    ? 
_diffrn_radiation.pdbx_scattering_type             x-ray 
# 
_diffrn_radiation_wavelength.id           1 
_diffrn_radiation_wavelength.wavelength   0.97949 
_diffrn_radiation_wavelength.wt           1.0 
# 
_diffrn_source.current                     ? 
_diffrn_source.details                     ? 
_diffrn_source.diffrn_id                   1 
_diffrn_source.power                       ? 
_diffrn_source.size                        ? 
_diffrn_source.source                      SYNCHROTRON 
_diffrn_source.target                      ? 
_diffrn_source.type                        'DIAMOND BEAMLINE I04' 
_diffrn_source.voltage                     ? 
_diffrn_source.take-off_angle              ? 
_diffrn_source.pdbx_wavelength_list        0.97949 
_diffrn_source.pdbx_wavelength             ? 
_diffrn_source.pdbx_synchrotron_beamline   I04 
_diffrn_source.pdbx_synchrotron_site       Diamond 
# 
_reflns.B_iso_Wilson_estimate                          63.0 
_reflns.entry_id                                       9GVZ 
_reflns.data_reduction_details                         ? 
_reflns.data_reduction_method                          ? 
_reflns.d_resolution_high                              3.00 
_reflns.d_resolution_low                               49.84 
_reflns.details                                        ? 
_reflns.limit_h_max                                    ? 
_reflns.limit_h_min                                    ? 
_reflns.limit_k_max                                    ? 
_reflns.limit_k_min                                    ? 
_reflns.limit_l_max                                    ? 
_reflns.limit_l_min                                    ? 
_reflns.number_all                                     ? 
_reflns.number_obs                                     4162 
_reflns.observed_criterion                             ? 
_reflns.observed_criterion_F_max                       ? 
_reflns.observed_criterion_F_min                       ? 
_reflns.observed_criterion_I_max                       ? 
_reflns.observed_criterion_I_min                       ? 
_reflns.observed_criterion_sigma_F                     ? 
_reflns.observed_criterion_sigma_I                     ? 
_reflns.percent_possible_obs                           99.5 
_reflns.R_free_details                                 ? 
_reflns.Rmerge_F_all                                   ? 
_reflns.Rmerge_F_obs                                   ? 
_reflns.Friedel_coverage                               ? 
_reflns.number_gt                                      ? 
_reflns.threshold_expression                           ? 
_reflns.pdbx_redundancy                                6.4 
_reflns.pdbx_netI_over_av_sigmaI                       ? 
_reflns.pdbx_netI_over_sigmaI                          9.0 
_reflns.pdbx_res_netI_over_av_sigmaI_2                 ? 
_reflns.pdbx_res_netI_over_sigmaI_2                    ? 
_reflns.pdbx_chi_squared                               ? 
_reflns.pdbx_scaling_rejects                           ? 
_reflns.pdbx_d_res_high_opt                            ? 
_reflns.pdbx_d_res_low_opt                             ? 
_reflns.pdbx_d_res_opt_method                          ? 
_reflns.phase_calculation_details                      ? 
_reflns.pdbx_Rrim_I_all                                0.131 
_reflns.pdbx_Rpim_I_all                                0.051 
_reflns.pdbx_d_opt                                     ? 
_reflns.pdbx_number_measured_all                       ? 
_reflns.pdbx_diffrn_id                                 1 
_reflns.pdbx_ordinal                                   1 
_reflns.pdbx_CC_half                                   0.997 
_reflns.pdbx_CC_star                                   ? 
_reflns.pdbx_R_split                                   ? 
_reflns.pdbx_Rmerge_I_obs                              0.120 
_reflns.pdbx_Rmerge_I_all                              ? 
_reflns.pdbx_Rsym_value                                ? 
_reflns.pdbx_CC_split_method                           ? 
_reflns.pdbx_aniso_diffraction_limit_axis_1_ortho[1]   ? 
_reflns.pdbx_aniso_diffraction_limit_axis_1_ortho[2]   ? 
_reflns.pdbx_aniso_diffraction_limit_axis_1_ortho[3]   ? 
_reflns.pdbx_aniso_diffraction_limit_axis_2_ortho[1]   ? 
_reflns.pdbx_aniso_diffraction_limit_axis_2_ortho[2]   ? 
_reflns.pdbx_aniso_diffraction_limit_axis_2_ortho[3]   ? 
_reflns.pdbx_aniso_diffraction_limit_axis_3_ortho[1]   ? 
_reflns.pdbx_aniso_diffraction_limit_axis_3_ortho[2]   ? 
_reflns.pdbx_aniso_diffraction_limit_axis_3_ortho[3]   ? 
_reflns.pdbx_aniso_diffraction_limit_1                 ? 
_reflns.pdbx_aniso_diffraction_limit_2                 ? 
_reflns.pdbx_aniso_diffraction_limit_3                 ? 
_reflns.pdbx_aniso_B_tensor_eigenvector_1_ortho[1]     ? 
_reflns.pdbx_aniso_B_tensor_eigenvector_1_ortho[2]     ? 
_reflns.pdbx_aniso_B_tensor_eigenvector_1_ortho[3]     ? 
_reflns.pdbx_aniso_B_tensor_eigenvector_2_ortho[1]     ? 
_reflns.pdbx_aniso_B_tensor_eigenvector_2_ortho[2]     ? 
_reflns.pdbx_aniso_B_tensor_eigenvector_2_ortho[3]     ? 
_reflns.pdbx_aniso_B_tensor_eigenvector_3_ortho[1]     ? 
_reflns.pdbx_aniso_B_tensor_eigenvector_3_ortho[2]     ? 
_reflns.pdbx_aniso_B_tensor_eigenvector_3_ortho[3]     ? 
_reflns.pdbx_aniso_B_tensor_eigenvalue_1               ? 
_reflns.pdbx_aniso_B_tensor_eigenvalue_2               ? 
_reflns.pdbx_aniso_B_tensor_eigenvalue_3               ? 
_reflns.pdbx_orthogonalization_convention              ? 
_reflns.pdbx_percent_possible_ellipsoidal              ? 
_reflns.pdbx_percent_possible_spherical                ? 
_reflns.pdbx_percent_possible_ellipsoidal_anomalous    ? 
_reflns.pdbx_percent_possible_spherical_anomalous      ? 
_reflns.pdbx_redundancy_anomalous                      ? 
_reflns.pdbx_CC_half_anomalous                         ? 
_reflns.pdbx_absDiff_over_sigma_anomalous              ? 
_reflns.pdbx_percent_possible_anomalous                ? 
_reflns.pdbx_observed_signal_threshold                 ? 
_reflns.pdbx_signal_type                               ? 
_reflns.pdbx_signal_details                            ? 
_reflns.pdbx_signal_software_id                        ? 
# 
_reflns_shell.d_res_high                                    3.00 
_reflns_shell.d_res_low                                     3.16 
_reflns_shell.meanI_over_sigI_all                           ? 
_reflns_shell.meanI_over_sigI_obs                           1.8 
_reflns_shell.number_measured_all                           ? 
_reflns_shell.number_measured_obs                           ? 
_reflns_shell.number_possible                               ? 
_reflns_shell.number_unique_all                             ? 
_reflns_shell.number_unique_obs                             591 
_reflns_shell.percent_possible_obs                          ? 
_reflns_shell.Rmerge_F_all                                  ? 
_reflns_shell.Rmerge_F_obs                                  ? 
_reflns_shell.meanI_over_sigI_gt                            ? 
_reflns_shell.meanI_over_uI_all                             ? 
_reflns_shell.meanI_over_uI_gt                              ? 
_reflns_shell.number_measured_gt                            ? 
_reflns_shell.number_unique_gt                              ? 
_reflns_shell.percent_possible_gt                           ? 
_reflns_shell.Rmerge_F_gt                                   ? 
_reflns_shell.Rmerge_I_gt                                   ? 
_reflns_shell.pdbx_redundancy                               6.5 
_reflns_shell.pdbx_chi_squared                              ? 
_reflns_shell.pdbx_netI_over_sigmaI_all                     ? 
_reflns_shell.pdbx_netI_over_sigmaI_obs                     ? 
_reflns_shell.pdbx_Rrim_I_all                               1.128 
_reflns_shell.pdbx_Rpim_I_all                               0.430 
_reflns_shell.pdbx_rejects                                  ? 
_reflns_shell.pdbx_ordinal                                  1 
_reflns_shell.pdbx_diffrn_id                                1 
_reflns_shell.pdbx_CC_half                                  0.679 
_reflns_shell.pdbx_CC_star                                  ? 
_reflns_shell.pdbx_R_split                                  ? 
_reflns_shell.percent_possible_all                          99.8 
_reflns_shell.Rmerge_I_all                                  ? 
_reflns_shell.Rmerge_I_obs                                  1.038 
_reflns_shell.pdbx_Rsym_value                               ? 
_reflns_shell.pdbx_percent_possible_ellipsoidal             ? 
_reflns_shell.pdbx_percent_possible_spherical               ? 
_reflns_shell.pdbx_percent_possible_ellipsoidal_anomalous   ? 
_reflns_shell.pdbx_percent_possible_spherical_anomalous     ? 
_reflns_shell.pdbx_redundancy_anomalous                     ? 
_reflns_shell.pdbx_CC_half_anomalous                        ? 
_reflns_shell.pdbx_absDiff_over_sigma_anomalous             ? 
_reflns_shell.pdbx_percent_possible_anomalous               ? 
# 
_refine.aniso_B[1][1]                            -0.01 
_refine.aniso_B[1][2]                            -0.00 
_refine.aniso_B[1][3]                            -0.00 
_refine.aniso_B[2][2]                            -0.01 
_refine.aniso_B[2][3]                            0.00 
_refine.aniso_B[3][3]                            0.02 
_refine.B_iso_max                                ? 
_refine.B_iso_mean                               70.00 
_refine.B_iso_min                                ? 
_refine.correlation_coeff_Fo_to_Fc               0.935 
_refine.correlation_coeff_Fo_to_Fc_free          0.902 
_refine.details                                  ? 
_refine.diff_density_max                         ? 
_refine.diff_density_max_esd                     ? 
_refine.diff_density_min                         ? 
_refine.diff_density_min_esd                     ? 
_refine.diff_density_rms                         ? 
_refine.diff_density_rms_esd                     ? 
_refine.entry_id                                 9GVZ 
_refine.pdbx_refine_id                           'X-RAY DIFFRACTION' 
_refine.ls_abs_structure_details                 ? 
_refine.ls_abs_structure_Flack                   ? 
_refine.ls_abs_structure_Flack_esd               ? 
_refine.ls_abs_structure_Rogers                  ? 
_refine.ls_abs_structure_Rogers_esd              ? 
_refine.ls_d_res_high                            3.00 
_refine.ls_d_res_low                             44.80 
_refine.ls_extinction_coef                       ? 
_refine.ls_extinction_coef_esd                   ? 
_refine.ls_extinction_expression                 ? 
_refine.ls_extinction_method                     ? 
_refine.ls_goodness_of_fit_all                   ? 
_refine.ls_goodness_of_fit_all_esd               ? 
_refine.ls_goodness_of_fit_obs                   ? 
_refine.ls_goodness_of_fit_obs_esd               ? 
_refine.ls_hydrogen_treatment                    ? 
_refine.ls_matrix_type                           ? 
_refine.ls_number_constraints                    ? 
_refine.ls_number_parameters                     ? 
_refine.ls_number_reflns_all                     ? 
_refine.ls_number_reflns_obs                     3962 
_refine.ls_number_reflns_R_free                  200 
_refine.ls_number_reflns_R_work                  ? 
_refine.ls_number_restraints                     ? 
_refine.ls_percent_reflns_obs                    99.07 
_refine.ls_percent_reflns_R_free                 4.8 
_refine.ls_R_factor_all                          ? 
_refine.ls_R_factor_obs                          0.21364 
_refine.ls_R_factor_R_free                       0.27080 
_refine.ls_R_factor_R_free_error                 ? 
_refine.ls_R_factor_R_free_error_details         ? 
_refine.ls_R_factor_R_work                       0.21002 
_refine.ls_R_Fsqd_factor_obs                     ? 
_refine.ls_R_I_factor_obs                        ? 
_refine.ls_redundancy_reflns_all                 ? 
_refine.ls_redundancy_reflns_obs                 ? 
_refine.ls_restrained_S_all                      ? 
_refine.ls_restrained_S_obs                      ? 
_refine.ls_shift_over_esd_max                    ? 
_refine.ls_shift_over_esd_mean                   ? 
_refine.ls_structure_factor_coef                 ? 
_refine.ls_weighting_details                     ? 
_refine.ls_weighting_scheme                      ? 
_refine.ls_wR_factor_all                         ? 
_refine.ls_wR_factor_obs                         ? 
_refine.ls_wR_factor_R_free                      ? 
_refine.ls_wR_factor_R_work                      ? 
_refine.occupancy_max                            ? 
_refine.occupancy_min                            ? 
_refine.solvent_model_details                    MASK 
_refine.solvent_model_param_bsol                 ? 
_refine.solvent_model_param_ksol                 ? 
_refine.pdbx_R_complete                          ? 
_refine.ls_R_factor_gt                           ? 
_refine.ls_goodness_of_fit_gt                    ? 
_refine.ls_goodness_of_fit_ref                   ? 
_refine.ls_shift_over_su_max                     ? 
_refine.ls_shift_over_su_max_lt                  ? 
_refine.ls_shift_over_su_mean                    ? 
_refine.ls_shift_over_su_mean_lt                 ? 
_refine.pdbx_ls_sigma_I                          ? 
_refine.pdbx_ls_sigma_F                          ? 
_refine.pdbx_ls_sigma_Fsqd                       ? 
_refine.pdbx_data_cutoff_high_absF               ? 
_refine.pdbx_data_cutoff_high_rms_absF           ? 
_refine.pdbx_data_cutoff_low_absF                ? 
_refine.pdbx_isotropic_thermal_model             ? 
_refine.pdbx_ls_cross_valid_method               THROUGHOUT 
_refine.pdbx_method_to_determine_struct          'MOLECULAR REPLACEMENT' 
_refine.pdbx_starting_model                      ? 
_refine.pdbx_stereochemistry_target_values       'MAXIMUM LIKELIHOOD' 
_refine.pdbx_R_Free_selection_details            RANDOM 
_refine.pdbx_stereochem_target_val_spec_case     ? 
_refine.pdbx_overall_ESU_R                       ? 
_refine.pdbx_overall_ESU_R_Free                  0.425 
_refine.pdbx_solvent_vdw_probe_radii             1.20 
_refine.pdbx_solvent_ion_probe_radii             0.80 
_refine.pdbx_solvent_shrinkage_radii             0.80 
_refine.pdbx_real_space_R                        ? 
_refine.pdbx_density_correlation                 ? 
_refine.pdbx_pd_number_of_powder_patterns        ? 
_refine.pdbx_pd_number_of_points                 ? 
_refine.pdbx_pd_meas_number_of_points            ? 
_refine.pdbx_pd_proc_ls_prof_R_factor            ? 
_refine.pdbx_pd_proc_ls_prof_wR_factor           ? 
_refine.pdbx_pd_Marquardt_correlation_coeff      ? 
_refine.pdbx_pd_Fsqrd_R_factor                   ? 
_refine.pdbx_pd_ls_matrix_band_width             ? 
_refine.pdbx_overall_phase_error                 ? 
_refine.pdbx_overall_SU_R_free_Cruickshank_DPI   ? 
_refine.pdbx_overall_SU_R_free_Blow_DPI          ? 
_refine.pdbx_overall_SU_R_Blow_DPI               ? 
_refine.pdbx_TLS_residual_ADP_flag               ? 
_refine.pdbx_diffrn_id                           1 
_refine.overall_SU_B                             21.053 
_refine.overall_SU_ML                            0.377 
_refine.overall_SU_R_Cruickshank_DPI             ? 
_refine.overall_SU_R_free                        ? 
_refine.overall_FOM_free_R_set                   ? 
_refine.overall_FOM_work_R_set                   ? 
_refine.pdbx_average_fsc_overall                 ? 
_refine.pdbx_average_fsc_work                    ? 
_refine.pdbx_average_fsc_free                    ? 
# 
_refine_analyze.entry_id                        9GVZ 
_refine_analyze.pdbx_refine_id                  'X-RAY DIFFRACTION' 
_refine_analyze.Luzzati_coordinate_error_free   ? 
_refine_analyze.Luzzati_coordinate_error_obs    0.4011 
_refine_analyze.Luzzati_d_res_low_free          ? 
_refine_analyze.Luzzati_d_res_low_obs           ? 
_refine_analyze.Luzzati_sigma_a_free            ? 
_refine_analyze.Luzzati_sigma_a_free_details    ? 
_refine_analyze.Luzzati_sigma_a_obs             ? 
_refine_analyze.Luzzati_sigma_a_obs_details     ? 
_refine_analyze.number_disordered_residues      ? 
_refine_analyze.occupancy_sum_hydrogen          ? 
_refine_analyze.occupancy_sum_non_hydrogen      ? 
_refine_analyze.RG_d_res_high                   ? 
_refine_analyze.RG_d_res_low                    ? 
_refine_analyze.RG_free                         ? 
_refine_analyze.RG_work                         ? 
_refine_analyze.RG_free_work_ratio              ? 
_refine_analyze.pdbx_Luzzati_d_res_high_obs     ? 
# 
_refine_hist.pdbx_refine_id                   'X-RAY DIFFRACTION' 
_refine_hist.cycle_id                         1 
_refine_hist.details                          ? 
_refine_hist.d_res_high                       3.00 
_refine_hist.d_res_low                        44.80 
_refine_hist.number_atoms_solvent             2 
_refine_hist.number_atoms_total               1040 
_refine_hist.number_reflns_all                ? 
_refine_hist.number_reflns_obs                ? 
_refine_hist.number_reflns_R_free             ? 
_refine_hist.number_reflns_R_work             ? 
_refine_hist.R_factor_all                     ? 
_refine_hist.R_factor_obs                     ? 
_refine_hist.R_factor_R_free                  ? 
_refine_hist.R_factor_R_work                  ? 
_refine_hist.pdbx_number_residues_total       ? 
_refine_hist.pdbx_B_iso_mean_ligand           ? 
_refine_hist.pdbx_B_iso_mean_solvent          ? 
_refine_hist.pdbx_number_atoms_protein        1020 
_refine_hist.pdbx_number_atoms_nucleic_acid   0 
_refine_hist.pdbx_number_atoms_ligand         18 
_refine_hist.pdbx_number_atoms_lipid          ? 
_refine_hist.pdbx_number_atoms_carb           ? 
_refine_hist.pdbx_pseudo_atom_details         ? 
# 
loop_
_refine_ls_restr.pdbx_refine_id 
_refine_ls_restr.criterion 
_refine_ls_restr.dev_ideal 
_refine_ls_restr.dev_ideal_target 
_refine_ls_restr.number 
_refine_ls_restr.rejects 
_refine_ls_restr.type 
_refine_ls_restr.weight 
_refine_ls_restr.pdbx_restraint_function 
'X-RAY DIFFRACTION' ? 0.005  0.012  1062 ? r_bond_refined_d             ? ? 
'X-RAY DIFFRACTION' ? ?      ?      ?    ? r_bond_other_d               ? ? 
'X-RAY DIFFRACTION' ? 1.503  1.653  1450 ? r_angle_refined_deg          ? ? 
'X-RAY DIFFRACTION' ? ?      ?      ?    ? r_angle_other_deg            ? ? 
'X-RAY DIFFRACTION' ? 7.458  5.000  139  ? r_dihedral_angle_1_deg       ? ? 
'X-RAY DIFFRACTION' ? 40.647 25.122 41   ? r_dihedral_angle_2_deg       ? ? 
'X-RAY DIFFRACTION' ? 21.703 15.000 159  ? r_dihedral_angle_3_deg       ? ? 
'X-RAY DIFFRACTION' ? 15.767 15.000 2    ? r_dihedral_angle_4_deg       ? ? 
'X-RAY DIFFRACTION' ? 0.104  0.200  150  ? r_chiral_restr               ? ? 
'X-RAY DIFFRACTION' ? 0.006  0.020  795  ? r_gen_planes_refined         ? ? 
'X-RAY DIFFRACTION' ? ?      ?      ?    ? r_gen_planes_other           ? ? 
'X-RAY DIFFRACTION' ? ?      ?      ?    ? r_nbd_refined                ? ? 
'X-RAY DIFFRACTION' ? ?      ?      ?    ? r_nbd_other                  ? ? 
'X-RAY DIFFRACTION' ? ?      ?      ?    ? r_nbtor_refined              ? ? 
'X-RAY DIFFRACTION' ? ?      ?      ?    ? r_nbtor_other                ? ? 
'X-RAY DIFFRACTION' ? ?      ?      ?    ? r_xyhbond_nbd_refined        ? ? 
'X-RAY DIFFRACTION' ? ?      ?      ?    ? r_xyhbond_nbd_other          ? ? 
'X-RAY DIFFRACTION' ? ?      ?      ?    ? r_metal_ion_refined          ? ? 
'X-RAY DIFFRACTION' ? ?      ?      ?    ? r_metal_ion_other            ? ? 
'X-RAY DIFFRACTION' ? ?      ?      ?    ? r_symmetry_vdw_refined       ? ? 
'X-RAY DIFFRACTION' ? ?      ?      ?    ? r_symmetry_vdw_other         ? ? 
'X-RAY DIFFRACTION' ? ?      ?      ?    ? r_symmetry_hbond_refined     ? ? 
'X-RAY DIFFRACTION' ? ?      ?      ?    ? r_symmetry_hbond_other       ? ? 
'X-RAY DIFFRACTION' ? ?      ?      ?    ? r_symmetry_metal_ion_refined ? ? 
'X-RAY DIFFRACTION' ? ?      ?      ?    ? r_symmetry_metal_ion_other   ? ? 
'X-RAY DIFFRACTION' ? 5.420  7.618  553  ? r_mcbond_it                  ? ? 
'X-RAY DIFFRACTION' ? ?      ?      ?    ? r_mcbond_other               ? ? 
'X-RAY DIFFRACTION' ? 8.101  11.413 690  ? r_mcangle_it                 ? ? 
'X-RAY DIFFRACTION' ? ?      ?      ?    ? r_mcangle_other              ? ? 
'X-RAY DIFFRACTION' ? 6.819  7.732  509  ? r_scbond_it                  ? ? 
'X-RAY DIFFRACTION' ? ?      ?      ?    ? r_scbond_other               ? ? 
'X-RAY DIFFRACTION' ? ?      ?      ?    ? r_scangle_it                 ? ? 
'X-RAY DIFFRACTION' ? ?      ?      ?    ? r_scangle_other              ? ? 
'X-RAY DIFFRACTION' ? 11.308 ?      1604 ? r_long_range_B_refined       ? ? 
'X-RAY DIFFRACTION' ? ?      ?      ?    ? r_long_range_B_other         ? ? 
'X-RAY DIFFRACTION' ? ?      ?      ?    ? r_rigid_bond_restr           ? ? 
'X-RAY DIFFRACTION' ? ?      ?      ?    ? r_sphericity_free            ? ? 
'X-RAY DIFFRACTION' ? ?      ?      ?    ? r_sphericity_bonded          ? ? 
# 
_refine_ls_shell.pdbx_refine_id                   'X-RAY DIFFRACTION' 
_refine_ls_shell.d_res_high                       3.000 
_refine_ls_shell.d_res_low                        3.078 
_refine_ls_shell.number_reflns_all                ? 
_refine_ls_shell.number_reflns_obs                ? 
_refine_ls_shell.number_reflns_R_free             22 
_refine_ls_shell.number_reflns_R_work             268 
_refine_ls_shell.percent_reflns_obs               99.32 
_refine_ls_shell.percent_reflns_R_free            ? 
_refine_ls_shell.R_factor_all                     ? 
_refine_ls_shell.R_factor_obs                     ? 
_refine_ls_shell.R_factor_R_free_error            ? 
_refine_ls_shell.R_factor_R_work                  0.282 
_refine_ls_shell.redundancy_reflns_all            ? 
_refine_ls_shell.redundancy_reflns_obs            ? 
_refine_ls_shell.wR_factor_all                    ? 
_refine_ls_shell.wR_factor_obs                    ? 
_refine_ls_shell.wR_factor_R_free                 ? 
_refine_ls_shell.wR_factor_R_work                 ? 
_refine_ls_shell.pdbx_R_complete                  ? 
_refine_ls_shell.pdbx_total_number_of_bins_used   ? 
_refine_ls_shell.pdbx_phase_error                 ? 
_refine_ls_shell.pdbx_fsc_work                    ? 
_refine_ls_shell.pdbx_fsc_free                    ? 
_refine_ls_shell.R_factor_R_free                  0.282 
# 
_struct.entry_id                     9GVZ 
_struct.title                        
'M2 mutant (R111K:Y134F:T54V:R132Q:P39Y:R59Y) of human cellular retinoic acid binding protein II - 1j conjugate' 
_struct.pdbx_model_details           ? 
_struct.pdbx_formula_weight          ? 
_struct.pdbx_formula_weight_method   ? 
_struct.pdbx_model_type_details      ? 
_struct.pdbx_CASP_flag               N 
# 
_struct_keywords.entry_id        9GVZ 
_struct_keywords.text            
'human cellular retinoic acid binding protein II, hCRABPII, conjugate, chromophore, M2, TRANSPORT PROTEIN' 
_struct_keywords.pdbx_keywords   'TRANSPORT PROTEIN' 
# 
loop_
_struct_asym.id 
_struct_asym.pdbx_blank_PDB_chainid_flag 
_struct_asym.pdbx_modified 
_struct_asym.entity_id 
_struct_asym.details 
A N N 1 ? 
B N N 2 ? 
C N N 3 ? 
# 
_struct_ref.id                         1 
_struct_ref.db_name                    UNP 
_struct_ref.db_code                    RABP2_HUMAN 
_struct_ref.pdbx_db_accession          P29373 
_struct_ref.pdbx_db_isoform            ? 
_struct_ref.entity_id                  1 
_struct_ref.pdbx_seq_one_letter_code   
;MPNFSGNWKIIRSENFEELLKVLGVNVMLRKIAVAAASKPAVEIKQEGDTFYIKTSTTVRTTEINFKVGEEFEEQTVDGR
PCKSLVKWESENKMVCEQKLLKGEGPKTSWTRELTNDGELILTMTADDVVCTRVYVRE
;
_struct_ref.pdbx_align_begin           1 
# 
_struct_ref_seq.align_id                      1 
_struct_ref_seq.ref_id                        1 
_struct_ref_seq.pdbx_PDB_id_code              9GVZ 
_struct_ref_seq.pdbx_strand_id                A 
_struct_ref_seq.seq_align_beg                 4 
_struct_ref_seq.pdbx_seq_align_beg_ins_code   ? 
_struct_ref_seq.seq_align_end                 141 
_struct_ref_seq.pdbx_seq_align_end_ins_code   ? 
_struct_ref_seq.pdbx_db_accession             P29373 
_struct_ref_seq.db_align_beg                  1 
_struct_ref_seq.pdbx_db_align_beg_ins_code    ? 
_struct_ref_seq.db_align_end                  138 
_struct_ref_seq.pdbx_db_align_end_ins_code    ? 
_struct_ref_seq.pdbx_auth_seq_align_beg       0 
_struct_ref_seq.pdbx_auth_seq_align_end       137 
# 
loop_
_struct_ref_seq_dif.align_id 
_struct_ref_seq_dif.pdbx_pdb_id_code 
_struct_ref_seq_dif.mon_id 
_struct_ref_seq_dif.pdbx_pdb_strand_id 
_struct_ref_seq_dif.seq_num 
_struct_ref_seq_dif.pdbx_pdb_ins_code 
_struct_ref_seq_dif.pdbx_seq_db_name 
_struct_ref_seq_dif.pdbx_seq_db_accession_code 
_struct_ref_seq_dif.db_mon_id 
_struct_ref_seq_dif.pdbx_seq_db_seq_num 
_struct_ref_seq_dif.details 
_struct_ref_seq_dif.pdbx_auth_seq_num 
_struct_ref_seq_dif.pdbx_ordinal 
1 9GVZ GLY A 1   ? UNP P29373 ?   ?   'expression tag'      -3  1 
1 9GVZ SER A 2   ? UNP P29373 ?   ?   'expression tag'      -2  2 
1 9GVZ HIS A 3   ? UNP P29373 ?   ?   'expression tag'      -1  3 
1 9GVZ TYR A 43  ? UNP P29373 PRO 40  'engineered mutation' 39  4 
1 9GVZ VAL A 58  ? UNP P29373 THR 55  'engineered mutation' 54  5 
1 9GVZ TYR A 63  ? UNP P29373 ARG 60  'engineered mutation' 59  6 
1 9GVZ LYS A 115 ? UNP P29373 ARG 112 'engineered mutation' 111 7 
1 9GVZ GLN A 136 ? UNP P29373 ARG 133 'engineered mutation' 132 8 
1 9GVZ PHE A 138 ? UNP P29373 TYR 135 'engineered mutation' 134 9 
# 
_pdbx_struct_assembly.id                   1 
_pdbx_struct_assembly.details              author_and_software_defined_assembly 
_pdbx_struct_assembly.method_details       PISA 
_pdbx_struct_assembly.oligomeric_details   monomeric 
_pdbx_struct_assembly.oligomeric_count     1 
# 
loop_
_pdbx_struct_assembly_prop.biol_id 
_pdbx_struct_assembly_prop.type 
_pdbx_struct_assembly_prop.value 
_pdbx_struct_assembly_prop.details 
1 'ABSA (A^2)' 0    ? 
1 MORE         0    ? 
1 'SSA (A^2)'  7260 ? 
# 
_pdbx_struct_assembly_gen.assembly_id       1 
_pdbx_struct_assembly_gen.oper_expression   1 
_pdbx_struct_assembly_gen.asym_id_list      A,B,C 
# 
_pdbx_struct_assembly_auth_evidence.id                     1 
_pdbx_struct_assembly_auth_evidence.assembly_id            1 
_pdbx_struct_assembly_auth_evidence.experimental_support   'gel filtration' 
_pdbx_struct_assembly_auth_evidence.details                ? 
# 
_pdbx_struct_oper_list.id                   1 
_pdbx_struct_oper_list.type                 'identity operation' 
_pdbx_struct_oper_list.name                 1_555 
_pdbx_struct_oper_list.symmetry_operation   x,y,z 
_pdbx_struct_oper_list.matrix[1][1]         1.0000000000 
_pdbx_struct_oper_list.matrix[1][2]         0.0000000000 
_pdbx_struct_oper_list.matrix[1][3]         0.0000000000 
_pdbx_struct_oper_list.vector[1]            0.0000000000 
_pdbx_struct_oper_list.matrix[2][1]         0.0000000000 
_pdbx_struct_oper_list.matrix[2][2]         1.0000000000 
_pdbx_struct_oper_list.matrix[2][3]         0.0000000000 
_pdbx_struct_oper_list.vector[2]            0.0000000000 
_pdbx_struct_oper_list.matrix[3][1]         0.0000000000 
_pdbx_struct_oper_list.matrix[3][2]         0.0000000000 
_pdbx_struct_oper_list.matrix[3][3]         1.0000000000 
_pdbx_struct_oper_list.vector[3]            0.0000000000 
# 
loop_
_struct_conf.conf_type_id 
_struct_conf.id 
_struct_conf.pdbx_PDB_helix_id 
_struct_conf.beg_label_comp_id 
_struct_conf.beg_label_asym_id 
_struct_conf.beg_label_seq_id 
_struct_conf.pdbx_beg_PDB_ins_code 
_struct_conf.end_label_comp_id 
_struct_conf.end_label_asym_id 
_struct_conf.end_label_seq_id 
_struct_conf.pdbx_end_PDB_ins_code 
_struct_conf.beg_auth_comp_id 
_struct_conf.beg_auth_asym_id 
_struct_conf.beg_auth_seq_id 
_struct_conf.end_auth_comp_id 
_struct_conf.end_auth_asym_id 
_struct_conf.end_auth_seq_id 
_struct_conf.pdbx_PDB_helix_class 
_struct_conf.details 
_struct_conf.pdbx_PDB_helix_length 
HELX_P HELX_P1 AA1 ASN A 18 ? LEU A 26 ? ASN A 14 LEU A 22 1 ? 9  
HELX_P HELX_P2 AA2 ASN A 29 ? ALA A 40 ? ASN A 25 ALA A 36 1 ? 12 
# 
_struct_conf_type.id          HELX_P 
_struct_conf_type.criteria    ? 
_struct_conf_type.reference   ? 
# 
_struct_conn.id                            covale1 
_struct_conn.conn_type_id                  covale 
_struct_conn.pdbx_leaving_atom_flag        none 
_struct_conn.pdbx_PDB_id                   ? 
_struct_conn.ptnr1_label_asym_id           A 
_struct_conn.ptnr1_label_comp_id           LYS 
_struct_conn.ptnr1_label_seq_id            115 
_struct_conn.ptnr1_label_atom_id           NZ 
_struct_conn.pdbx_ptnr1_label_alt_id       ? 
_struct_conn.pdbx_ptnr1_PDB_ins_code       ? 
_struct_conn.pdbx_ptnr1_standard_comp_id   ? 
_struct_conn.ptnr1_symmetry                1_555 
_struct_conn.ptnr2_label_asym_id           B 
_struct_conn.ptnr2_label_comp_id           A1IQ0 
_struct_conn.ptnr2_label_seq_id            . 
_struct_conn.ptnr2_label_atom_id           CAQ 
_struct_conn.pdbx_ptnr2_label_alt_id       ? 
_struct_conn.pdbx_ptnr2_PDB_ins_code       ? 
_struct_conn.ptnr1_auth_asym_id            A 
_struct_conn.ptnr1_auth_comp_id            LYS 
_struct_conn.ptnr1_auth_seq_id             111 
_struct_conn.ptnr2_auth_asym_id            A 
_struct_conn.ptnr2_auth_comp_id            A1IQ0 
_struct_conn.ptnr2_auth_seq_id             201 
_struct_conn.ptnr2_symmetry                1_555 
_struct_conn.pdbx_ptnr3_label_atom_id      ? 
_struct_conn.pdbx_ptnr3_label_seq_id       ? 
_struct_conn.pdbx_ptnr3_label_comp_id      ? 
_struct_conn.pdbx_ptnr3_label_asym_id      ? 
_struct_conn.pdbx_ptnr3_label_alt_id       ? 
_struct_conn.pdbx_ptnr3_PDB_ins_code       ? 
_struct_conn.details                       ? 
_struct_conn.pdbx_dist_value               1.421 
_struct_conn.pdbx_value_order              ? 
_struct_conn.pdbx_role                     ? 
# 
_struct_conn_type.id          covale 
_struct_conn_type.criteria    ? 
_struct_conn_type.reference   ? 
# 
_pdbx_modification_feature.ordinal                            1 
_pdbx_modification_feature.label_comp_id                      A1IQ0 
_pdbx_modification_feature.label_asym_id                      B 
_pdbx_modification_feature.label_seq_id                       . 
_pdbx_modification_feature.label_alt_id                       ? 
_pdbx_modification_feature.modified_residue_label_comp_id     LYS 
_pdbx_modification_feature.modified_residue_label_asym_id     A 
_pdbx_modification_feature.modified_residue_label_seq_id      115 
_pdbx_modification_feature.modified_residue_label_alt_id      ? 
_pdbx_modification_feature.auth_comp_id                       A1IQ0 
_pdbx_modification_feature.auth_asym_id                       A 
_pdbx_modification_feature.auth_seq_id                        201 
_pdbx_modification_feature.PDB_ins_code                       ? 
_pdbx_modification_feature.symmetry                           1_555 
_pdbx_modification_feature.modified_residue_auth_comp_id      LYS 
_pdbx_modification_feature.modified_residue_auth_asym_id      A 
_pdbx_modification_feature.modified_residue_auth_seq_id       111 
_pdbx_modification_feature.modified_residue_PDB_ins_code      ? 
_pdbx_modification_feature.modified_residue_symmetry          1_555 
_pdbx_modification_feature.comp_id_linking_atom               CAQ 
_pdbx_modification_feature.modified_residue_id_linking_atom   NZ 
_pdbx_modification_feature.modified_residue_id                LYS 
_pdbx_modification_feature.ref_pcm_id                         1 
_pdbx_modification_feature.ref_comp_id                        A1IQ0 
_pdbx_modification_feature.type                               None 
_pdbx_modification_feature.category                           'Covalent chemical modification' 
# 
_struct_sheet.id               AA1 
_struct_sheet.type             ? 
_struct_sheet.number_strands   10 
_struct_sheet.details          ? 
# 
loop_
_struct_sheet_order.sheet_id 
_struct_sheet_order.range_id_1 
_struct_sheet_order.range_id_2 
_struct_sheet_order.offset 
_struct_sheet_order.sense 
AA1 1 2  ? anti-parallel 
AA1 2 3  ? anti-parallel 
AA1 3 4  ? anti-parallel 
AA1 4 5  ? anti-parallel 
AA1 5 6  ? anti-parallel 
AA1 6 7  ? anti-parallel 
AA1 7 8  ? anti-parallel 
AA1 8 9  ? anti-parallel 
AA1 9 10 ? anti-parallel 
# 
loop_
_struct_sheet_range.sheet_id 
_struct_sheet_range.id 
_struct_sheet_range.beg_label_comp_id 
_struct_sheet_range.beg_label_asym_id 
_struct_sheet_range.beg_label_seq_id 
_struct_sheet_range.pdbx_beg_PDB_ins_code 
_struct_sheet_range.end_label_comp_id 
_struct_sheet_range.end_label_asym_id 
_struct_sheet_range.end_label_seq_id 
_struct_sheet_range.pdbx_end_PDB_ins_code 
_struct_sheet_range.beg_auth_comp_id 
_struct_sheet_range.beg_auth_asym_id 
_struct_sheet_range.beg_auth_seq_id 
_struct_sheet_range.end_auth_comp_id 
_struct_sheet_range.end_auth_asym_id 
_struct_sheet_range.end_auth_seq_id 
AA1 1  THR A 64  ? LYS A 70  ? THR A 60  LYS A 66  
AA1 2  THR A 53  ? SER A 59  ? THR A 49  SER A 55  
AA1 3  ALA A 44  ? GLU A 50  ? ALA A 40  GLU A 46  
AA1 4  GLY A 9   ? GLU A 17  ? GLY A 5   GLU A 13  
AA1 5  VAL A 132 ? ARG A 140 ? VAL A 128 ARG A 136 
AA1 6  GLU A 122 ? ALA A 129 ? GLU A 118 ALA A 125 
AA1 7  THR A 111 ? LEU A 117 ? THR A 107 LEU A 113 
AA1 8  LYS A 96  ? LEU A 103 ? LYS A 92  LEU A 99  
AA1 9  PRO A 84  ? SER A 93  ? PRO A 80  SER A 89  
AA1 10 PHE A 75  ? GLN A 78  ? PHE A 71  GLN A 74  
# 
loop_
_pdbx_struct_sheet_hbond.sheet_id 
_pdbx_struct_sheet_hbond.range_id_1 
_pdbx_struct_sheet_hbond.range_id_2 
_pdbx_struct_sheet_hbond.range_1_label_atom_id 
_pdbx_struct_sheet_hbond.range_1_label_comp_id 
_pdbx_struct_sheet_hbond.range_1_label_asym_id 
_pdbx_struct_sheet_hbond.range_1_label_seq_id 
_pdbx_struct_sheet_hbond.range_1_PDB_ins_code 
_pdbx_struct_sheet_hbond.range_1_auth_atom_id 
_pdbx_struct_sheet_hbond.range_1_auth_comp_id 
_pdbx_struct_sheet_hbond.range_1_auth_asym_id 
_pdbx_struct_sheet_hbond.range_1_auth_seq_id 
_pdbx_struct_sheet_hbond.range_2_label_atom_id 
_pdbx_struct_sheet_hbond.range_2_label_comp_id 
_pdbx_struct_sheet_hbond.range_2_label_asym_id 
_pdbx_struct_sheet_hbond.range_2_label_seq_id 
_pdbx_struct_sheet_hbond.range_2_PDB_ins_code 
_pdbx_struct_sheet_hbond.range_2_auth_atom_id 
_pdbx_struct_sheet_hbond.range_2_auth_comp_id 
_pdbx_struct_sheet_hbond.range_2_auth_asym_id 
_pdbx_struct_sheet_hbond.range_2_auth_seq_id 
AA1 1 2  O PHE A 69  ? O PHE A 65  N PHE A 54  ? N PHE A 50  
AA1 2 3  O TYR A 55  ? O TYR A 51  N LYS A 48  ? N LYS A 44  
AA1 3 4  O ILE A 47  ? O ILE A 43  N GLY A 9   ? N GLY A 5   
AA1 4 5  N ILE A 14  ? N ILE A 10  O VAL A 137 ? O VAL A 133 
AA1 5 6  O GLN A 136 ? O GLN A 132 N LEU A 125 ? N LEU A 121 
AA1 6 7  O ILE A 124 ? O ILE A 120 N GLU A 116 ? N GLU A 112 
AA1 7 8  O LYS A 115 ? O LYS A 111 N MET A 97  ? N MET A 93  
AA1 8 9  O LYS A 102 ? O LYS A 98  N LYS A 86  ? N LYS A 82  
AA1 9 10 O SER A 87  ? O SER A 83  N PHE A 75  ? N PHE A 71  
# 
_pdbx_entry_details.entry_id                   9GVZ 
_pdbx_entry_details.has_ligand_of_interest     Y 
_pdbx_entry_details.compound_details           ? 
_pdbx_entry_details.source_details             ? 
_pdbx_entry_details.nonpolymer_details         ? 
_pdbx_entry_details.sequence_details           ? 
_pdbx_entry_details.has_protein_modification   Y 
# 
loop_
_pdbx_validate_torsion.id 
_pdbx_validate_torsion.PDB_model_num 
_pdbx_validate_torsion.auth_comp_id 
_pdbx_validate_torsion.auth_asym_id 
_pdbx_validate_torsion.auth_seq_id 
_pdbx_validate_torsion.PDB_ins_code 
_pdbx_validate_torsion.label_alt_id 
_pdbx_validate_torsion.phi 
_pdbx_validate_torsion.psi 
1 1 ASN A 14  ? ? 84.26   14.39   
2 1 THR A 56  ? ? -118.99 -155.70 
3 1 THR A 75  ? ? -69.62  -163.60 
4 1 SER A 89  ? ? -168.58 -167.55 
5 1 ASN A 91  ? ? -140.09 40.61   
6 1 ASP A 126 ? ? 60.10   -123.65 
# 
loop_
_pdbx_unobs_or_zero_occ_residues.id 
_pdbx_unobs_or_zero_occ_residues.PDB_model_num 
_pdbx_unobs_or_zero_occ_residues.polymer_flag 
_pdbx_unobs_or_zero_occ_residues.occupancy_flag 
_pdbx_unobs_or_zero_occ_residues.auth_asym_id 
_pdbx_unobs_or_zero_occ_residues.auth_comp_id 
_pdbx_unobs_or_zero_occ_residues.auth_seq_id 
_pdbx_unobs_or_zero_occ_residues.PDB_ins_code 
_pdbx_unobs_or_zero_occ_residues.label_asym_id 
_pdbx_unobs_or_zero_occ_residues.label_comp_id 
_pdbx_unobs_or_zero_occ_residues.label_seq_id 
1 1 Y 1 A GLY -3 ? A GLY 1 
2 1 Y 1 A SER -2 ? A SER 2 
3 1 Y 1 A HIS -1 ? A HIS 3 
# 
loop_
_chem_comp_atom.comp_id 
_chem_comp_atom.atom_id 
_chem_comp_atom.type_symbol 
_chem_comp_atom.pdbx_aromatic_flag 
_chem_comp_atom.pdbx_stereo_config 
_chem_comp_atom.pdbx_ordinal 
A1IQ0 CAU  C N N 1   
A1IQ0 OAT  O N N 2   
A1IQ0 CAR  C N N 3   
A1IQ0 OAS  O N N 4   
A1IQ0 CAP  C N N 5   
A1IQ0 CAQ  C N N 6   
A1IQ0 CAO  C N N 7   
A1IQ0 CAD  C Y N 8   
A1IQ0 CAE  C Y N 9   
A1IQ0 CAF  C Y N 10  
A1IQ0 OAM  O N N 11  
A1IQ0 CAN  C N N 12  
A1IQ0 CAC  C Y N 13  
A1IQ0 CAA  C Y N 14  
A1IQ0 OAK  O N N 15  
A1IQ0 CAL  C N N 16  
A1IQ0 CAB  C Y N 17  
A1IQ0 OAG  O N N 18  
A1IQ0 H1   H N N 19  
A1IQ0 H2   H N N 20  
A1IQ0 H3   H N N 21  
A1IQ0 H4   H N N 22  
A1IQ0 H5   H N N 23  
A1IQ0 H6   H N N 24  
A1IQ0 H7   H N N 25  
A1IQ0 H8   H N N 26  
A1IQ0 H9   H N N 27  
A1IQ0 H10  H N N 28  
A1IQ0 H11  H N N 29  
A1IQ0 H12  H N N 30  
A1IQ0 H13  H N N 31  
A1IQ0 H14  H N N 32  
A1IQ0 H15  H N N 33  
A1IQ0 C1   C N N 34  
A1IQ0 C2   C N N 35  
A1IQ0 C3   C N N 36  
A1IQ0 H17  H N N 37  
A1IQ0 H18  H N N 38  
A1IQ0 H16  H N N 39  
ALA   N    N N N 40  
ALA   CA   C N S 41  
ALA   C    C N N 42  
ALA   O    O N N 43  
ALA   CB   C N N 44  
ALA   OXT  O N N 45  
ALA   H    H N N 46  
ALA   H2   H N N 47  
ALA   HA   H N N 48  
ALA   HB1  H N N 49  
ALA   HB2  H N N 50  
ALA   HB3  H N N 51  
ALA   HXT  H N N 52  
ARG   N    N N N 53  
ARG   CA   C N S 54  
ARG   C    C N N 55  
ARG   O    O N N 56  
ARG   CB   C N N 57  
ARG   CG   C N N 58  
ARG   CD   C N N 59  
ARG   NE   N N N 60  
ARG   CZ   C N N 61  
ARG   NH1  N N N 62  
ARG   NH2  N N N 63  
ARG   OXT  O N N 64  
ARG   H    H N N 65  
ARG   H2   H N N 66  
ARG   HA   H N N 67  
ARG   HB2  H N N 68  
ARG   HB3  H N N 69  
ARG   HG2  H N N 70  
ARG   HG3  H N N 71  
ARG   HD2  H N N 72  
ARG   HD3  H N N 73  
ARG   HE   H N N 74  
ARG   HH11 H N N 75  
ARG   HH12 H N N 76  
ARG   HH21 H N N 77  
ARG   HH22 H N N 78  
ARG   HXT  H N N 79  
ASN   N    N N N 80  
ASN   CA   C N S 81  
ASN   C    C N N 82  
ASN   O    O N N 83  
ASN   CB   C N N 84  
ASN   CG   C N N 85  
ASN   OD1  O N N 86  
ASN   ND2  N N N 87  
ASN   OXT  O N N 88  
ASN   H    H N N 89  
ASN   H2   H N N 90  
ASN   HA   H N N 91  
ASN   HB2  H N N 92  
ASN   HB3  H N N 93  
ASN   HD21 H N N 94  
ASN   HD22 H N N 95  
ASN   HXT  H N N 96  
ASP   N    N N N 97  
ASP   CA   C N S 98  
ASP   C    C N N 99  
ASP   O    O N N 100 
ASP   CB   C N N 101 
ASP   CG   C N N 102 
ASP   OD1  O N N 103 
ASP   OD2  O N N 104 
ASP   OXT  O N N 105 
ASP   H    H N N 106 
ASP   H2   H N N 107 
ASP   HA   H N N 108 
ASP   HB2  H N N 109 
ASP   HB3  H N N 110 
ASP   HD2  H N N 111 
ASP   HXT  H N N 112 
CYS   N    N N N 113 
CYS   CA   C N R 114 
CYS   C    C N N 115 
CYS   O    O N N 116 
CYS   CB   C N N 117 
CYS   SG   S N N 118 
CYS   OXT  O N N 119 
CYS   H    H N N 120 
CYS   H2   H N N 121 
CYS   HA   H N N 122 
CYS   HB2  H N N 123 
CYS   HB3  H N N 124 
CYS   HG   H N N 125 
CYS   HXT  H N N 126 
GLN   N    N N N 127 
GLN   CA   C N S 128 
GLN   C    C N N 129 
GLN   O    O N N 130 
GLN   CB   C N N 131 
GLN   CG   C N N 132 
GLN   CD   C N N 133 
GLN   OE1  O N N 134 
GLN   NE2  N N N 135 
GLN   OXT  O N N 136 
GLN   H    H N N 137 
GLN   H2   H N N 138 
GLN   HA   H N N 139 
GLN   HB2  H N N 140 
GLN   HB3  H N N 141 
GLN   HG2  H N N 142 
GLN   HG3  H N N 143 
GLN   HE21 H N N 144 
GLN   HE22 H N N 145 
GLN   HXT  H N N 146 
GLU   N    N N N 147 
GLU   CA   C N S 148 
GLU   C    C N N 149 
GLU   O    O N N 150 
GLU   CB   C N N 151 
GLU   CG   C N N 152 
GLU   CD   C N N 153 
GLU   OE1  O N N 154 
GLU   OE2  O N N 155 
GLU   OXT  O N N 156 
GLU   H    H N N 157 
GLU   H2   H N N 158 
GLU   HA   H N N 159 
GLU   HB2  H N N 160 
GLU   HB3  H N N 161 
GLU   HG2  H N N 162 
GLU   HG3  H N N 163 
GLU   HE2  H N N 164 
GLU   HXT  H N N 165 
GLY   N    N N N 166 
GLY   CA   C N N 167 
GLY   C    C N N 168 
GLY   O    O N N 169 
GLY   OXT  O N N 170 
GLY   H    H N N 171 
GLY   H2   H N N 172 
GLY   HA2  H N N 173 
GLY   HA3  H N N 174 
GLY   HXT  H N N 175 
HIS   N    N N N 176 
HIS   CA   C N S 177 
HIS   C    C N N 178 
HIS   O    O N N 179 
HIS   CB   C N N 180 
HIS   CG   C Y N 181 
HIS   ND1  N Y N 182 
HIS   CD2  C Y N 183 
HIS   CE1  C Y N 184 
HIS   NE2  N Y N 185 
HIS   OXT  O N N 186 
HIS   H    H N N 187 
HIS   H2   H N N 188 
HIS   HA   H N N 189 
HIS   HB2  H N N 190 
HIS   HB3  H N N 191 
HIS   HD1  H N N 192 
HIS   HD2  H N N 193 
HIS   HE1  H N N 194 
HIS   HE2  H N N 195 
HIS   HXT  H N N 196 
HOH   O    O N N 197 
HOH   H1   H N N 198 
HOH   H2   H N N 199 
ILE   N    N N N 200 
ILE   CA   C N S 201 
ILE   C    C N N 202 
ILE   O    O N N 203 
ILE   CB   C N S 204 
ILE   CG1  C N N 205 
ILE   CG2  C N N 206 
ILE   CD1  C N N 207 
ILE   OXT  O N N 208 
ILE   H    H N N 209 
ILE   H2   H N N 210 
ILE   HA   H N N 211 
ILE   HB   H N N 212 
ILE   HG12 H N N 213 
ILE   HG13 H N N 214 
ILE   HG21 H N N 215 
ILE   HG22 H N N 216 
ILE   HG23 H N N 217 
ILE   HD11 H N N 218 
ILE   HD12 H N N 219 
ILE   HD13 H N N 220 
ILE   HXT  H N N 221 
LEU   N    N N N 222 
LEU   CA   C N S 223 
LEU   C    C N N 224 
LEU   O    O N N 225 
LEU   CB   C N N 226 
LEU   CG   C N N 227 
LEU   CD1  C N N 228 
LEU   CD2  C N N 229 
LEU   OXT  O N N 230 
LEU   H    H N N 231 
LEU   H2   H N N 232 
LEU   HA   H N N 233 
LEU   HB2  H N N 234 
LEU   HB3  H N N 235 
LEU   HG   H N N 236 
LEU   HD11 H N N 237 
LEU   HD12 H N N 238 
LEU   HD13 H N N 239 
LEU   HD21 H N N 240 
LEU   HD22 H N N 241 
LEU   HD23 H N N 242 
LEU   HXT  H N N 243 
LYS   N    N N N 244 
LYS   CA   C N S 245 
LYS   C    C N N 246 
LYS   O    O N N 247 
LYS   CB   C N N 248 
LYS   CG   C N N 249 
LYS   CD   C N N 250 
LYS   CE   C N N 251 
LYS   NZ   N N N 252 
LYS   OXT  O N N 253 
LYS   H    H N N 254 
LYS   H2   H N N 255 
LYS   HA   H N N 256 
LYS   HB2  H N N 257 
LYS   HB3  H N N 258 
LYS   HG2  H N N 259 
LYS   HG3  H N N 260 
LYS   HD2  H N N 261 
LYS   HD3  H N N 262 
LYS   HE2  H N N 263 
LYS   HE3  H N N 264 
LYS   HZ1  H N N 265 
LYS   HZ2  H N N 266 
LYS   HZ3  H N N 267 
LYS   HXT  H N N 268 
MET   N    N N N 269 
MET   CA   C N S 270 
MET   C    C N N 271 
MET   O    O N N 272 
MET   CB   C N N 273 
MET   CG   C N N 274 
MET   SD   S N N 275 
MET   CE   C N N 276 
MET   OXT  O N N 277 
MET   H    H N N 278 
MET   H2   H N N 279 
MET   HA   H N N 280 
MET   HB2  H N N 281 
MET   HB3  H N N 282 
MET   HG2  H N N 283 
MET   HG3  H N N 284 
MET   HE1  H N N 285 
MET   HE2  H N N 286 
MET   HE3  H N N 287 
MET   HXT  H N N 288 
PHE   N    N N N 289 
PHE   CA   C N S 290 
PHE   C    C N N 291 
PHE   O    O N N 292 
PHE   CB   C N N 293 
PHE   CG   C Y N 294 
PHE   CD1  C Y N 295 
PHE   CD2  C Y N 296 
PHE   CE1  C Y N 297 
PHE   CE2  C Y N 298 
PHE   CZ   C Y N 299 
PHE   OXT  O N N 300 
PHE   H    H N N 301 
PHE   H2   H N N 302 
PHE   HA   H N N 303 
PHE   HB2  H N N 304 
PHE   HB3  H N N 305 
PHE   HD1  H N N 306 
PHE   HD2  H N N 307 
PHE   HE1  H N N 308 
PHE   HE2  H N N 309 
PHE   HZ   H N N 310 
PHE   HXT  H N N 311 
PRO   N    N N N 312 
PRO   CA   C N S 313 
PRO   C    C N N 314 
PRO   O    O N N 315 
PRO   CB   C N N 316 
PRO   CG   C N N 317 
PRO   CD   C N N 318 
PRO   OXT  O N N 319 
PRO   H    H N N 320 
PRO   HA   H N N 321 
PRO   HB2  H N N 322 
PRO   HB3  H N N 323 
PRO   HG2  H N N 324 
PRO   HG3  H N N 325 
PRO   HD2  H N N 326 
PRO   HD3  H N N 327 
PRO   HXT  H N N 328 
SER   N    N N N 329 
SER   CA   C N S 330 
SER   C    C N N 331 
SER   O    O N N 332 
SER   CB   C N N 333 
SER   OG   O N N 334 
SER   OXT  O N N 335 
SER   H    H N N 336 
SER   H2   H N N 337 
SER   HA   H N N 338 
SER   HB2  H N N 339 
SER   HB3  H N N 340 
SER   HG   H N N 341 
SER   HXT  H N N 342 
THR   N    N N N 343 
THR   CA   C N S 344 
THR   C    C N N 345 
THR   O    O N N 346 
THR   CB   C N R 347 
THR   OG1  O N N 348 
THR   CG2  C N N 349 
THR   OXT  O N N 350 
THR   H    H N N 351 
THR   H2   H N N 352 
THR   HA   H N N 353 
THR   HB   H N N 354 
THR   HG1  H N N 355 
THR   HG21 H N N 356 
THR   HG22 H N N 357 
THR   HG23 H N N 358 
THR   HXT  H N N 359 
TRP   N    N N N 360 
TRP   CA   C N S 361 
TRP   C    C N N 362 
TRP   O    O N N 363 
TRP   CB   C N N 364 
TRP   CG   C Y N 365 
TRP   CD1  C Y N 366 
TRP   CD2  C Y N 367 
TRP   NE1  N Y N 368 
TRP   CE2  C Y N 369 
TRP   CE3  C Y N 370 
TRP   CZ2  C Y N 371 
TRP   CZ3  C Y N 372 
TRP   CH2  C Y N 373 
TRP   OXT  O N N 374 
TRP   H    H N N 375 
TRP   H2   H N N 376 
TRP   HA   H N N 377 
TRP   HB2  H N N 378 
TRP   HB3  H N N 379 
TRP   HD1  H N N 380 
TRP   HE1  H N N 381 
TRP   HE3  H N N 382 
TRP   HZ2  H N N 383 
TRP   HZ3  H N N 384 
TRP   HH2  H N N 385 
TRP   HXT  H N N 386 
TYR   N    N N N 387 
TYR   CA   C N S 388 
TYR   C    C N N 389 
TYR   O    O N N 390 
TYR   CB   C N N 391 
TYR   CG   C Y N 392 
TYR   CD1  C Y N 393 
TYR   CD2  C Y N 394 
TYR   CE1  C Y N 395 
TYR   CE2  C Y N 396 
TYR   CZ   C Y N 397 
TYR   OH   O N N 398 
TYR   OXT  O N N 399 
TYR   H    H N N 400 
TYR   H2   H N N 401 
TYR   HA   H N N 402 
TYR   HB2  H N N 403 
TYR   HB3  H N N 404 
TYR   HD1  H N N 405 
TYR   HD2  H N N 406 
TYR   HE1  H N N 407 
TYR   HE2  H N N 408 
TYR   HH   H N N 409 
TYR   HXT  H N N 410 
VAL   N    N N N 411 
VAL   CA   C N S 412 
VAL   C    C N N 413 
VAL   O    O N N 414 
VAL   CB   C N N 415 
VAL   CG1  C N N 416 
VAL   CG2  C N N 417 
VAL   OXT  O N N 418 
VAL   H    H N N 419 
VAL   H2   H N N 420 
VAL   HA   H N N 421 
VAL   HB   H N N 422 
VAL   HG11 H N N 423 
VAL   HG12 H N N 424 
VAL   HG13 H N N 425 
VAL   HG21 H N N 426 
VAL   HG22 H N N 427 
VAL   HG23 H N N 428 
VAL   HXT  H N N 429 
# 
loop_
_chem_comp_bond.comp_id 
_chem_comp_bond.atom_id_1 
_chem_comp_bond.atom_id_2 
_chem_comp_bond.value_order 
_chem_comp_bond.pdbx_aromatic_flag 
_chem_comp_bond.pdbx_stereo_config 
_chem_comp_bond.pdbx_ordinal 
A1IQ0 CAL OAK  sing N N 1   
A1IQ0 OAK CAA  sing N N 2   
A1IQ0 OAG CAB  sing N N 3   
A1IQ0 CAA CAB  doub Y N 4   
A1IQ0 CAA CAC  sing Y N 5   
A1IQ0 CAB CAF  sing Y N 6   
A1IQ0 CAC CAD  doub Y N 7   
A1IQ0 CAN OAM  sing N N 8   
A1IQ0 CAF OAM  sing N N 9   
A1IQ0 CAF CAE  doub Y N 10  
A1IQ0 CAD CAE  sing Y N 11  
A1IQ0 CAD CAO  sing N N 12  
A1IQ0 CAO CAP  doub N Z 13  
A1IQ0 CAU OAT  sing N N 14  
A1IQ0 OAT CAR  sing N N 15  
A1IQ0 CAP CAR  sing N N 16  
A1IQ0 CAP CAQ  sing N N 17  
A1IQ0 CAR OAS  doub N N 18  
A1IQ0 CAU H1   sing N N 19  
A1IQ0 CAU H2   sing N N 20  
A1IQ0 CAU H3   sing N N 21  
A1IQ0 CAQ H4   sing N N 22  
A1IQ0 CAQ H5   sing N N 23  
A1IQ0 CAQ H6   sing N N 24  
A1IQ0 CAO H7   sing N N 25  
A1IQ0 CAE H8   sing N N 26  
A1IQ0 CAN H9   sing N N 27  
A1IQ0 CAN H10  sing N N 28  
A1IQ0 CAN H11  sing N N 29  
A1IQ0 CAC H12  sing N N 30  
A1IQ0 CAL H13  sing N N 31  
A1IQ0 CAL H14  sing N N 32  
A1IQ0 CAL H15  sing N N 33  
A1IQ0 OAG C1   sing N N 34  
A1IQ0 C1  C2   sing N N 35  
A1IQ0 C2  C3   trip N N 36  
A1IQ0 C1  H17  sing N N 37  
A1IQ0 C1  H18  sing N N 38  
A1IQ0 C3  H16  sing N N 39  
ALA   N   CA   sing N N 40  
ALA   N   H    sing N N 41  
ALA   N   H2   sing N N 42  
ALA   CA  C    sing N N 43  
ALA   CA  CB   sing N N 44  
ALA   CA  HA   sing N N 45  
ALA   C   O    doub N N 46  
ALA   C   OXT  sing N N 47  
ALA   CB  HB1  sing N N 48  
ALA   CB  HB2  sing N N 49  
ALA   CB  HB3  sing N N 50  
ALA   OXT HXT  sing N N 51  
ARG   N   CA   sing N N 52  
ARG   N   H    sing N N 53  
ARG   N   H2   sing N N 54  
ARG   CA  C    sing N N 55  
ARG   CA  CB   sing N N 56  
ARG   CA  HA   sing N N 57  
ARG   C   O    doub N N 58  
ARG   C   OXT  sing N N 59  
ARG   CB  CG   sing N N 60  
ARG   CB  HB2  sing N N 61  
ARG   CB  HB3  sing N N 62  
ARG   CG  CD   sing N N 63  
ARG   CG  HG2  sing N N 64  
ARG   CG  HG3  sing N N 65  
ARG   CD  NE   sing N N 66  
ARG   CD  HD2  sing N N 67  
ARG   CD  HD3  sing N N 68  
ARG   NE  CZ   sing N N 69  
ARG   NE  HE   sing N N 70  
ARG   CZ  NH1  sing N N 71  
ARG   CZ  NH2  doub N N 72  
ARG   NH1 HH11 sing N N 73  
ARG   NH1 HH12 sing N N 74  
ARG   NH2 HH21 sing N N 75  
ARG   NH2 HH22 sing N N 76  
ARG   OXT HXT  sing N N 77  
ASN   N   CA   sing N N 78  
ASN   N   H    sing N N 79  
ASN   N   H2   sing N N 80  
ASN   CA  C    sing N N 81  
ASN   CA  CB   sing N N 82  
ASN   CA  HA   sing N N 83  
ASN   C   O    doub N N 84  
ASN   C   OXT  sing N N 85  
ASN   CB  CG   sing N N 86  
ASN   CB  HB2  sing N N 87  
ASN   CB  HB3  sing N N 88  
ASN   CG  OD1  doub N N 89  
ASN   CG  ND2  sing N N 90  
ASN   ND2 HD21 sing N N 91  
ASN   ND2 HD22 sing N N 92  
ASN   OXT HXT  sing N N 93  
ASP   N   CA   sing N N 94  
ASP   N   H    sing N N 95  
ASP   N   H2   sing N N 96  
ASP   CA  C    sing N N 97  
ASP   CA  CB   sing N N 98  
ASP   CA  HA   sing N N 99  
ASP   C   O    doub N N 100 
ASP   C   OXT  sing N N 101 
ASP   CB  CG   sing N N 102 
ASP   CB  HB2  sing N N 103 
ASP   CB  HB3  sing N N 104 
ASP   CG  OD1  doub N N 105 
ASP   CG  OD2  sing N N 106 
ASP   OD2 HD2  sing N N 107 
ASP   OXT HXT  sing N N 108 
CYS   N   CA   sing N N 109 
CYS   N   H    sing N N 110 
CYS   N   H2   sing N N 111 
CYS   CA  C    sing N N 112 
CYS   CA  CB   sing N N 113 
CYS   CA  HA   sing N N 114 
CYS   C   O    doub N N 115 
CYS   C   OXT  sing N N 116 
CYS   CB  SG   sing N N 117 
CYS   CB  HB2  sing N N 118 
CYS   CB  HB3  sing N N 119 
CYS   SG  HG   sing N N 120 
CYS   OXT HXT  sing N N 121 
GLN   N   CA   sing N N 122 
GLN   N   H    sing N N 123 
GLN   N   H2   sing N N 124 
GLN   CA  C    sing N N 125 
GLN   CA  CB   sing N N 126 
GLN   CA  HA   sing N N 127 
GLN   C   O    doub N N 128 
GLN   C   OXT  sing N N 129 
GLN   CB  CG   sing N N 130 
GLN   CB  HB2  sing N N 131 
GLN   CB  HB3  sing N N 132 
GLN   CG  CD   sing N N 133 
GLN   CG  HG2  sing N N 134 
GLN   CG  HG3  sing N N 135 
GLN   CD  OE1  doub N N 136 
GLN   CD  NE2  sing N N 137 
GLN   NE2 HE21 sing N N 138 
GLN   NE2 HE22 sing N N 139 
GLN   OXT HXT  sing N N 140 
GLU   N   CA   sing N N 141 
GLU   N   H    sing N N 142 
GLU   N   H2   sing N N 143 
GLU   CA  C    sing N N 144 
GLU   CA  CB   sing N N 145 
GLU   CA  HA   sing N N 146 
GLU   C   O    doub N N 147 
GLU   C   OXT  sing N N 148 
GLU   CB  CG   sing N N 149 
GLU   CB  HB2  sing N N 150 
GLU   CB  HB3  sing N N 151 
GLU   CG  CD   sing N N 152 
GLU   CG  HG2  sing N N 153 
GLU   CG  HG3  sing N N 154 
GLU   CD  OE1  doub N N 155 
GLU   CD  OE2  sing N N 156 
GLU   OE2 HE2  sing N N 157 
GLU   OXT HXT  sing N N 158 
GLY   N   CA   sing N N 159 
GLY   N   H    sing N N 160 
GLY   N   H2   sing N N 161 
GLY   CA  C    sing N N 162 
GLY   CA  HA2  sing N N 163 
GLY   CA  HA3  sing N N 164 
GLY   C   O    doub N N 165 
GLY   C   OXT  sing N N 166 
GLY   OXT HXT  sing N N 167 
HIS   N   CA   sing N N 168 
HIS   N   H    sing N N 169 
HIS   N   H2   sing N N 170 
HIS   CA  C    sing N N 171 
HIS   CA  CB   sing N N 172 
HIS   CA  HA   sing N N 173 
HIS   C   O    doub N N 174 
HIS   C   OXT  sing N N 175 
HIS   CB  CG   sing N N 176 
HIS   CB  HB2  sing N N 177 
HIS   CB  HB3  sing N N 178 
HIS   CG  ND1  sing Y N 179 
HIS   CG  CD2  doub Y N 180 
HIS   ND1 CE1  doub Y N 181 
HIS   ND1 HD1  sing N N 182 
HIS   CD2 NE2  sing Y N 183 
HIS   CD2 HD2  sing N N 184 
HIS   CE1 NE2  sing Y N 185 
HIS   CE1 HE1  sing N N 186 
HIS   NE2 HE2  sing N N 187 
HIS   OXT HXT  sing N N 188 
HOH   O   H1   sing N N 189 
HOH   O   H2   sing N N 190 
ILE   N   CA   sing N N 191 
ILE   N   H    sing N N 192 
ILE   N   H2   sing N N 193 
ILE   CA  C    sing N N 194 
ILE   CA  CB   sing N N 195 
ILE   CA  HA   sing N N 196 
ILE   C   O    doub N N 197 
ILE   C   OXT  sing N N 198 
ILE   CB  CG1  sing N N 199 
ILE   CB  CG2  sing N N 200 
ILE   CB  HB   sing N N 201 
ILE   CG1 CD1  sing N N 202 
ILE   CG1 HG12 sing N N 203 
ILE   CG1 HG13 sing N N 204 
ILE   CG2 HG21 sing N N 205 
ILE   CG2 HG22 sing N N 206 
ILE   CG2 HG23 sing N N 207 
ILE   CD1 HD11 sing N N 208 
ILE   CD1 HD12 sing N N 209 
ILE   CD1 HD13 sing N N 210 
ILE   OXT HXT  sing N N 211 
LEU   N   CA   sing N N 212 
LEU   N   H    sing N N 213 
LEU   N   H2   sing N N 214 
LEU   CA  C    sing N N 215 
LEU   CA  CB   sing N N 216 
LEU   CA  HA   sing N N 217 
LEU   C   O    doub N N 218 
LEU   C   OXT  sing N N 219 
LEU   CB  CG   sing N N 220 
LEU   CB  HB2  sing N N 221 
LEU   CB  HB3  sing N N 222 
LEU   CG  CD1  sing N N 223 
LEU   CG  CD2  sing N N 224 
LEU   CG  HG   sing N N 225 
LEU   CD1 HD11 sing N N 226 
LEU   CD1 HD12 sing N N 227 
LEU   CD1 HD13 sing N N 228 
LEU   CD2 HD21 sing N N 229 
LEU   CD2 HD22 sing N N 230 
LEU   CD2 HD23 sing N N 231 
LEU   OXT HXT  sing N N 232 
LYS   N   CA   sing N N 233 
LYS   N   H    sing N N 234 
LYS   N   H2   sing N N 235 
LYS   CA  C    sing N N 236 
LYS   CA  CB   sing N N 237 
LYS   CA  HA   sing N N 238 
LYS   C   O    doub N N 239 
LYS   C   OXT  sing N N 240 
LYS   CB  CG   sing N N 241 
LYS   CB  HB2  sing N N 242 
LYS   CB  HB3  sing N N 243 
LYS   CG  CD   sing N N 244 
LYS   CG  HG2  sing N N 245 
LYS   CG  HG3  sing N N 246 
LYS   CD  CE   sing N N 247 
LYS   CD  HD2  sing N N 248 
LYS   CD  HD3  sing N N 249 
LYS   CE  NZ   sing N N 250 
LYS   CE  HE2  sing N N 251 
LYS   CE  HE3  sing N N 252 
LYS   NZ  HZ1  sing N N 253 
LYS   NZ  HZ2  sing N N 254 
LYS   NZ  HZ3  sing N N 255 
LYS   OXT HXT  sing N N 256 
MET   N   CA   sing N N 257 
MET   N   H    sing N N 258 
MET   N   H2   sing N N 259 
MET   CA  C    sing N N 260 
MET   CA  CB   sing N N 261 
MET   CA  HA   sing N N 262 
MET   C   O    doub N N 263 
MET   C   OXT  sing N N 264 
MET   CB  CG   sing N N 265 
MET   CB  HB2  sing N N 266 
MET   CB  HB3  sing N N 267 
MET   CG  SD   sing N N 268 
MET   CG  HG2  sing N N 269 
MET   CG  HG3  sing N N 270 
MET   SD  CE   sing N N 271 
MET   CE  HE1  sing N N 272 
MET   CE  HE2  sing N N 273 
MET   CE  HE3  sing N N 274 
MET   OXT HXT  sing N N 275 
PHE   N   CA   sing N N 276 
PHE   N   H    sing N N 277 
PHE   N   H2   sing N N 278 
PHE   CA  C    sing N N 279 
PHE   CA  CB   sing N N 280 
PHE   CA  HA   sing N N 281 
PHE   C   O    doub N N 282 
PHE   C   OXT  sing N N 283 
PHE   CB  CG   sing N N 284 
PHE   CB  HB2  sing N N 285 
PHE   CB  HB3  sing N N 286 
PHE   CG  CD1  doub Y N 287 
PHE   CG  CD2  sing Y N 288 
PHE   CD1 CE1  sing Y N 289 
PHE   CD1 HD1  sing N N 290 
PHE   CD2 CE2  doub Y N 291 
PHE   CD2 HD2  sing N N 292 
PHE   CE1 CZ   doub Y N 293 
PHE   CE1 HE1  sing N N 294 
PHE   CE2 CZ   sing Y N 295 
PHE   CE2 HE2  sing N N 296 
PHE   CZ  HZ   sing N N 297 
PHE   OXT HXT  sing N N 298 
PRO   N   CA   sing N N 299 
PRO   N   CD   sing N N 300 
PRO   N   H    sing N N 301 
PRO   CA  C    sing N N 302 
PRO   CA  CB   sing N N 303 
PRO   CA  HA   sing N N 304 
PRO   C   O    doub N N 305 
PRO   C   OXT  sing N N 306 
PRO   CB  CG   sing N N 307 
PRO   CB  HB2  sing N N 308 
PRO   CB  HB3  sing N N 309 
PRO   CG  CD   sing N N 310 
PRO   CG  HG2  sing N N 311 
PRO   CG  HG3  sing N N 312 
PRO   CD  HD2  sing N N 313 
PRO   CD  HD3  sing N N 314 
PRO   OXT HXT  sing N N 315 
SER   N   CA   sing N N 316 
SER   N   H    sing N N 317 
SER   N   H2   sing N N 318 
SER   CA  C    sing N N 319 
SER   CA  CB   sing N N 320 
SER   CA  HA   sing N N 321 
SER   C   O    doub N N 322 
SER   C   OXT  sing N N 323 
SER   CB  OG   sing N N 324 
SER   CB  HB2  sing N N 325 
SER   CB  HB3  sing N N 326 
SER   OG  HG   sing N N 327 
SER   OXT HXT  sing N N 328 
THR   N   CA   sing N N 329 
THR   N   H    sing N N 330 
THR   N   H2   sing N N 331 
THR   CA  C    sing N N 332 
THR   CA  CB   sing N N 333 
THR   CA  HA   sing N N 334 
THR   C   O    doub N N 335 
THR   C   OXT  sing N N 336 
THR   CB  OG1  sing N N 337 
THR   CB  CG2  sing N N 338 
THR   CB  HB   sing N N 339 
THR   OG1 HG1  sing N N 340 
THR   CG2 HG21 sing N N 341 
THR   CG2 HG22 sing N N 342 
THR   CG2 HG23 sing N N 343 
THR   OXT HXT  sing N N 344 
TRP   N   CA   sing N N 345 
TRP   N   H    sing N N 346 
TRP   N   H2   sing N N 347 
TRP   CA  C    sing N N 348 
TRP   CA  CB   sing N N 349 
TRP   CA  HA   sing N N 350 
TRP   C   O    doub N N 351 
TRP   C   OXT  sing N N 352 
TRP   CB  CG   sing N N 353 
TRP   CB  HB2  sing N N 354 
TRP   CB  HB3  sing N N 355 
TRP   CG  CD1  doub Y N 356 
TRP   CG  CD2  sing Y N 357 
TRP   CD1 NE1  sing Y N 358 
TRP   CD1 HD1  sing N N 359 
TRP   CD2 CE2  doub Y N 360 
TRP   CD2 CE3  sing Y N 361 
TRP   NE1 CE2  sing Y N 362 
TRP   NE1 HE1  sing N N 363 
TRP   CE2 CZ2  sing Y N 364 
TRP   CE3 CZ3  doub Y N 365 
TRP   CE3 HE3  sing N N 366 
TRP   CZ2 CH2  doub Y N 367 
TRP   CZ2 HZ2  sing N N 368 
TRP   CZ3 CH2  sing Y N 369 
TRP   CZ3 HZ3  sing N N 370 
TRP   CH2 HH2  sing N N 371 
TRP   OXT HXT  sing N N 372 
TYR   N   CA   sing N N 373 
TYR   N   H    sing N N 374 
TYR   N   H2   sing N N 375 
TYR   CA  C    sing N N 376 
TYR   CA  CB   sing N N 377 
TYR   CA  HA   sing N N 378 
TYR   C   O    doub N N 379 
TYR   C   OXT  sing N N 380 
TYR   CB  CG   sing N N 381 
TYR   CB  HB2  sing N N 382 
TYR   CB  HB3  sing N N 383 
TYR   CG  CD1  doub Y N 384 
TYR   CG  CD2  sing Y N 385 
TYR   CD1 CE1  sing Y N 386 
TYR   CD1 HD1  sing N N 387 
TYR   CD2 CE2  doub Y N 388 
TYR   CD2 HD2  sing N N 389 
TYR   CE1 CZ   doub Y N 390 
TYR   CE1 HE1  sing N N 391 
TYR   CE2 CZ   sing Y N 392 
TYR   CE2 HE2  sing N N 393 
TYR   CZ  OH   sing N N 394 
TYR   OH  HH   sing N N 395 
TYR   OXT HXT  sing N N 396 
VAL   N   CA   sing N N 397 
VAL   N   H    sing N N 398 
VAL   N   H2   sing N N 399 
VAL   CA  C    sing N N 400 
VAL   CA  CB   sing N N 401 
VAL   CA  HA   sing N N 402 
VAL   C   O    doub N N 403 
VAL   C   OXT  sing N N 404 
VAL   CB  CG1  sing N N 405 
VAL   CB  CG2  sing N N 406 
VAL   CB  HB   sing N N 407 
VAL   CG1 HG11 sing N N 408 
VAL   CG1 HG12 sing N N 409 
VAL   CG1 HG13 sing N N 410 
VAL   CG2 HG21 sing N N 411 
VAL   CG2 HG22 sing N N 412 
VAL   CG2 HG23 sing N N 413 
VAL   OXT HXT  sing N N 414 
# 
_pdbx_audit_support.funding_organization   'Not funded' 
_pdbx_audit_support.country                Italy 
_pdbx_audit_support.grant_number           ? 
_pdbx_audit_support.ordinal                1 
# 
_pdbx_initial_refinement_model.id               1 
_pdbx_initial_refinement_model.entity_id_list   ? 
_pdbx_initial_refinement_model.type             'experimental model' 
_pdbx_initial_refinement_model.source_name      PDB 
_pdbx_initial_refinement_model.accession_code   6Z2U 
_pdbx_initial_refinement_model.details          ? 
# 
_atom_sites.entry_id                    9GVZ 
_atom_sites.Cartn_transf_matrix[1][1]   ? 
_atom_sites.Cartn_transf_matrix[1][2]   ? 
_atom_sites.Cartn_transf_matrix[1][3]   ? 
_atom_sites.Cartn_transf_matrix[2][1]   ? 
_atom_sites.Cartn_transf_matrix[2][2]   ? 
_atom_sites.Cartn_transf_matrix[2][3]   ? 
_atom_sites.Cartn_transf_matrix[3][1]   ? 
_atom_sites.Cartn_transf_matrix[3][2]   ? 
_atom_sites.Cartn_transf_matrix[3][3]   ? 
_atom_sites.Cartn_transf_vector[1]      ? 
_atom_sites.Cartn_transf_vector[2]      ? 
_atom_sites.Cartn_transf_vector[3]      ? 
_atom_sites.Cartn_transform_axes        ? 
_atom_sites.fract_transf_matrix[1][1]   0.00642912 
_atom_sites.fract_transf_matrix[1][2]   0.01434790 
_atom_sites.fract_transf_matrix[1][3]   -0.01246257 
_atom_sites.fract_transf_matrix[2][1]   -0.01044346 
_atom_sites.fract_transf_matrix[2][2]   0.01702031 
_atom_sites.fract_transf_matrix[2][3]   -0.00194089 
_atom_sites.fract_transf_matrix[3][1]   0.00519567 
_atom_sites.fract_transf_matrix[3][2]   0.00402162 
_atom_sites.fract_transf_matrix[3][3]   0.00731032 
_atom_sites.fract_transf_vector[1]      -0.477317 
_atom_sites.fract_transf_vector[2]      0.276613 
_atom_sites.fract_transf_vector[3]      0.116059 
_atom_sites.solution_primary            ? 
_atom_sites.solution_secondary          ? 
_atom_sites.solution_hydrogens          ? 
_atom_sites.special_details             ? 
# 
loop_
_atom_type.symbol 
C 
N 
O 
S 
# 
loop_
_atom_site.group_PDB 
_atom_site.id 
_atom_site.type_symbol 
_atom_site.label_atom_id 
_atom_site.label_alt_id 
_atom_site.label_comp_id 
_atom_site.label_asym_id 
_atom_site.label_entity_id 
_atom_site.label_seq_id 
_atom_site.pdbx_PDB_ins_code 
_atom_site.Cartn_x 
_atom_site.Cartn_y 
_atom_site.Cartn_z 
_atom_site.occupancy 
_atom_site.B_iso_or_equiv 
_atom_site.pdbx_formal_charge 
_atom_site.auth_seq_id 
_atom_site.auth_comp_id 
_atom_site.auth_asym_id 
_atom_site.auth_atom_id 
_atom_site.pdbx_PDB_model_num 
ATOM   1    N N   . MET   A 1 4   ? 15.150  18.088  -0.868  1.00 139.51 ? 0   MET   A N   1 
ATOM   2    C CA  . MET   A 1 4   ? 15.405  16.791  -0.178  1.00 145.43 ? 0   MET   A CA  1 
ATOM   3    C C   . MET   A 1 4   ? 14.419  15.738  -0.684  1.00 146.08 ? 0   MET   A C   1 
ATOM   4    O O   . MET   A 1 4   ? 13.303  15.630  -0.179  1.00 131.35 ? 0   MET   A O   1 
ATOM   5    C CB  . MET   A 1 4   ? 15.313  16.939  1.346   1.00 133.97 ? 0   MET   A CB  1 
ATOM   6    C CG  . MET   A 1 4   ? 16.536  17.617  1.964   1.00 135.18 ? 0   MET   A CG  1 
ATOM   7    S SD  . MET   A 1 4   ? 18.106  16.707  1.715   1.00 142.13 ? 0   MET   A SD  1 
ATOM   8    C CE  . MET   A 1 4   ? 19.304  17.876  2.356   1.00 102.19 ? 0   MET   A CE  1 
ATOM   9    N N   . PRO   A 1 5   ? 14.812  14.918  -1.691  1.00 158.73 ? 1   PRO   A N   1 
ATOM   10   C CA  . PRO   A 1 5   ? 13.898  13.954  -2.311  1.00 140.28 ? 1   PRO   A CA  1 
ATOM   11   C C   . PRO   A 1 5   ? 13.672  12.700  -1.463  1.00 126.57 ? 1   PRO   A C   1 
ATOM   12   O O   . PRO   A 1 5   ? 14.251  11.646  -1.730  1.00 126.51 ? 1   PRO   A O   1 
ATOM   13   C CB  . PRO   A 1 5   ? 14.613  13.603  -3.628  1.00 146.74 ? 1   PRO   A CB  1 
ATOM   14   C CG  . PRO   A 1 5   ? 16.103  13.751  -3.305  1.00 156.37 ? 1   PRO   A CG  1 
ATOM   15   C CD  . PRO   A 1 5   ? 16.169  14.874  -2.273  1.00 154.58 ? 1   PRO   A CD  1 
ATOM   16   N N   . ASN   A 1 6   ? 12.825  12.833  -0.434  1.00 99.09  ? 2   ASN   A N   1 
ATOM   17   C CA  . ASN   A 1 6   ? 12.409  11.694  0.370   1.00 86.78  ? 2   ASN   A CA  1 
ATOM   18   C C   . ASN   A 1 6   ? 10.912  11.445  0.153   1.00 80.98  ? 2   ASN   A C   1 
ATOM   19   O O   . ASN   A 1 6   ? 10.253  12.200  -0.564  1.00 83.76  ? 2   ASN   A O   1 
ATOM   20   C CB  . ASN   A 1 6   ? 12.833  11.851  1.835   1.00 80.58  ? 2   ASN   A CB  1 
ATOM   21   C CG  . ASN   A 1 6   ? 11.840  12.618  2.685   1.00 76.68  ? 2   ASN   A CG  1 
ATOM   22   O OD1 . ASN   A 1 6   ? 11.183  13.542  2.209   1.00 89.87  ? 2   ASN   A OD1 1 
ATOM   23   N ND2 . ASN   A 1 6   ? 11.725  12.246  3.946   1.00 65.52  ? 2   ASN   A ND2 1 
ATOM   24   N N   . PHE   A 1 7   ? 10.383  10.388  0.784   1.00 67.28  ? 3   PHE   A N   1 
ATOM   25   C CA  . PHE   A 1 7   ? 9.011   9.955   0.568   1.00 61.64  ? 3   PHE   A CA  1 
ATOM   26   C C   . PHE   A 1 7   ? 8.014   11.026  0.988   1.00 61.22  ? 3   PHE   A C   1 
ATOM   27   O O   . PHE   A 1 7   ? 6.866   10.993  0.563   1.00 69.88  ? 3   PHE   A O   1 
ATOM   28   C CB  . PHE   A 1 7   ? 8.695   8.682   1.354   1.00 61.99  ? 3   PHE   A CB  1 
ATOM   29   C CG  . PHE   A 1 7   ? 9.249   7.411   0.769   1.00 61.52  ? 3   PHE   A CG  1 
ATOM   30   C CD1 . PHE   A 1 7   ? 10.566  7.044   0.985   1.00 63.40  ? 3   PHE   A CD1 1 
ATOM   31   C CD2 . PHE   A 1 7   ? 8.446   6.569   0.025   1.00 63.75  ? 3   PHE   A CD2 1 
ATOM   32   C CE1 . PHE   A 1 7   ? 11.070  5.863   0.464   1.00 61.72  ? 3   PHE   A CE1 1 
ATOM   33   C CE2 . PHE   A 1 7   ? 8.958   5.393   -0.504  1.00 70.20  ? 3   PHE   A CE2 1 
ATOM   34   C CZ  . PHE   A 1 7   ? 10.267  5.039   -0.281  1.00 63.14  ? 3   PHE   A CZ  1 
ATOM   35   N N   . SER   A 1 8   ? 8.451   11.947  1.853   1.00 67.96  ? 4   SER   A N   1 
ATOM   36   C CA  . SER   A 1 8   ? 7.596   13.015  2.346   1.00 65.03  ? 4   SER   A CA  1 
ATOM   37   C C   . SER   A 1 8   ? 6.888   13.676  1.172   1.00 70.43  ? 4   SER   A C   1 
ATOM   38   O O   . SER   A 1 8   ? 7.539   14.074  0.205   1.00 76.55  ? 4   SER   A O   1 
ATOM   39   C CB  . SER   A 1 8   ? 8.393   14.032  3.104   1.00 63.45  ? 4   SER   A CB  1 
ATOM   40   O OG  . SER   A 1 8   ? 8.562   13.629  4.450   1.00 67.10  ? 4   SER   A OG  1 
ATOM   41   N N   . GLY   A 1 9   ? 5.556   13.763  1.264   1.00 67.23  ? 5   GLY   A N   1 
ATOM   42   C CA  . GLY   A 1 9   ? 4.801   14.516  0.277   1.00 70.25  ? 5   GLY   A CA  1 
ATOM   43   C C   . GLY   A 1 9   ? 3.345   14.080  0.166   1.00 73.57  ? 5   GLY   A C   1 
ATOM   44   O O   . GLY   A 1 9   ? 2.830   13.329  0.997   1.00 72.47  ? 5   GLY   A O   1 
ATOM   45   N N   . ASN   A 1 10  ? 2.701   14.599  -0.883  1.00 73.54  ? 6   ASN   A N   1 
ATOM   46   C CA  . ASN   A 1 10  ? 1.303   14.363  -1.183  1.00 67.63  ? 6   ASN   A CA  1 
ATOM   47   C C   . ASN   A 1 10  ? 1.258   13.778  -2.582  1.00 73.80  ? 6   ASN   A C   1 
ATOM   48   O O   . ASN   A 1 10  ? 1.727   14.402  -3.526  1.00 79.39  ? 6   ASN   A O   1 
ATOM   49   C CB  . ASN   A 1 10  ? 0.516   15.673  -1.190  1.00 64.67  ? 6   ASN   A CB  1 
ATOM   50   C CG  . ASN   A 1 10  ? 0.258   16.211  0.199   1.00 73.89  ? 6   ASN   A CG  1 
ATOM   51   O OD1 . ASN   A 1 10  ? -0.536  15.645  0.950   1.00 97.69  ? 6   ASN   A OD1 1 
ATOM   52   N ND2 . ASN   A 1 10  ? 0.915   17.301  0.552   1.00 70.80  ? 6   ASN   A ND2 1 
ATOM   53   N N   . TRP   A 1 11  ? 0.712   12.574  -2.702  1.00 76.97  ? 7   TRP   A N   1 
ATOM   54   C CA  . TRP   A 1 11  ? 0.746   11.887  -3.977  1.00 71.48  ? 7   TRP   A CA  1 
ATOM   55   C C   . TRP   A 1 11  ? -0.674  11.578  -4.435  1.00 78.00  ? 7   TRP   A C   1 
ATOM   56   O O   . TRP   A 1 11  ? -1.555  11.298  -3.615  1.00 83.68  ? 7   TRP   A O   1 
ATOM   57   C CB  . TRP   A 1 11  ? 1.553   10.605  -3.833  1.00 67.07  ? 7   TRP   A CB  1 
ATOM   58   C CG  . TRP   A 1 11  ? 2.896   10.776  -3.193  1.00 68.09  ? 7   TRP   A CG  1 
ATOM   59   C CD1 . TRP   A 1 11  ? 3.195   10.740  -1.861  1.00 67.78  ? 7   TRP   A CD1 1 
ATOM   60   C CD2 . TRP   A 1 11  ? 4.147   10.927  -3.880  1.00 66.20  ? 7   TRP   A CD2 1 
ATOM   61   N NE1 . TRP   A 1 11  ? 4.545   10.876  -1.674  1.00 63.51  ? 7   TRP   A NE1 1 
ATOM   62   C CE2 . TRP   A 1 11  ? 5.153   10.991  -2.895  1.00 62.09  ? 7   TRP   A CE2 1 
ATOM   63   C CE3 . TRP   A 1 11  ? 4.508   11.016  -5.230  1.00 64.56  ? 7   TRP   A CE3 1 
ATOM   64   C CZ2 . TRP   A 1 11  ? 6.495   11.159  -3.221  1.00 65.62  ? 7   TRP   A CZ2 1 
ATOM   65   C CZ3 . TRP   A 1 11  ? 5.835   11.159  -5.555  1.00 64.97  ? 7   TRP   A CZ3 1 
ATOM   66   C CH2 . TRP   A 1 11  ? 6.811   11.238  -4.560  1.00 67.53  ? 7   TRP   A CH2 1 
ATOM   67   N N   . LYS   A 1 12  ? -0.868  11.625  -5.755  1.00 71.41  ? 8   LYS   A N   1 
ATOM   68   C CA  . LYS   A 1 12  ? -2.129  11.259  -6.376  1.00 69.03  ? 8   LYS   A CA  1 
ATOM   69   C C   . LYS   A 1 12  ? -1.854  10.150  -7.395  1.00 75.40  ? 8   LYS   A C   1 
ATOM   70   O O   . LYS   A 1 12  ? -0.847  10.197  -8.109  1.00 76.43  ? 8   LYS   A O   1 
ATOM   71   C CB  . LYS   A 1 12  ? -2.788  12.517  -6.956  1.00 64.09  ? 8   LYS   A CB  1 
ATOM   72   N N   . ILE   A 1 13  ? -2.735  9.138   -7.434  1.00 75.67  ? 9   ILE   A N   1 
ATOM   73   C CA  . ILE   A 1 13  ? -2.504  7.941   -8.233  1.00 71.14  ? 9   ILE   A CA  1 
ATOM   74   C C   . ILE   A 1 13  ? -2.590  8.324   -9.705  1.00 74.90  ? 9   ILE   A C   1 
ATOM   75   O O   . ILE   A 1 13  ? -3.311  9.247   -10.068 1.00 81.43  ? 9   ILE   A O   1 
ATOM   76   C CB  . ILE   A 1 13  ? -3.481  6.794   -7.873  1.00 65.93  ? 9   ILE   A CB  1 
ATOM   77   C CG1 . ILE   A 1 13  ? -3.126  5.496   -8.607  1.00 62.46  ? 9   ILE   A CG1 1 
ATOM   78   C CG2 . ILE   A 1 13  ? -4.933  7.184   -8.113  1.00 54.54  ? 9   ILE   A CG2 1 
ATOM   79   C CD1 . ILE   A 1 13  ? -3.808  4.267   -8.049  1.00 62.92  ? 9   ILE   A CD1 1 
ATOM   80   N N   . ILE   A 1 14  ? -1.857  7.611   -10.558 1.00 72.47  ? 10  ILE   A N   1 
ATOM   81   C CA  . ILE   A 1 14  ? -1.989  7.888   -11.975 1.00 71.63  ? 10  ILE   A CA  1 
ATOM   82   C C   . ILE   A 1 14  ? -2.089  6.572   -12.739 1.00 70.97  ? 10  ILE   A C   1 
ATOM   83   O O   . ILE   A 1 14  ? -2.374  6.554   -13.929 1.00 75.21  ? 10  ILE   A O   1 
ATOM   84   C CB  . ILE   A 1 14  ? -0.839  8.785   -12.485 1.00 76.26  ? 10  ILE   A CB  1 
ATOM   85   C CG1 . ILE   A 1 14  ? 0.526   8.091   -12.428 1.00 75.92  ? 10  ILE   A CG1 1 
ATOM   86   C CG2 . ILE   A 1 14  ? -0.830  10.128  -11.768 1.00 75.20  ? 10  ILE   A CG2 1 
ATOM   87   C CD1 . ILE   A 1 14  ? 1.451   8.485   -13.553 1.00 74.71  ? 10  ILE   A CD1 1 
ATOM   88   N N   . ARG   A 1 15  ? -1.849  5.460   -12.052 1.00 70.72  ? 11  ARG   A N   1 
ATOM   89   C CA  . ARG   A 1 15  ? -1.862  4.186   -12.747 1.00 77.21  ? 11  ARG   A CA  1 
ATOM   90   C C   . ARG   A 1 15  ? -2.078  3.091   -11.709 1.00 79.00  ? 11  ARG   A C   1 
ATOM   91   O O   . ARG   A 1 15  ? -1.581  3.200   -10.588 1.00 84.15  ? 11  ARG   A O   1 
ATOM   92   C CB  . ARG   A 1 15  ? -0.587  4.018   -13.586 1.00 77.76  ? 11  ARG   A CB  1 
ATOM   93   C CG  . ARG   A 1 15  ? -0.689  2.990   -14.705 1.00 69.87  ? 11  ARG   A CG  1 
ATOM   94   N N   . SER   A 1 16  ? -2.844  2.064   -12.095 1.00 68.45  ? 12  SER   A N   1 
ATOM   95   C CA  . SER   A 1 16  ? -3.279  1.034   -11.172 1.00 67.20  ? 12  SER   A CA  1 
ATOM   96   C C   . SER   A 1 16  ? -3.443  -0.288  -11.916 1.00 67.40  ? 12  SER   A C   1 
ATOM   97   O O   . SER   A 1 16  ? -4.557  -0.761  -12.166 1.00 68.73  ? 12  SER   A O   1 
ATOM   98   C CB  . SER   A 1 16  ? -4.540  1.445   -10.456 1.00 68.91  ? 12  SER   A CB  1 
ATOM   99   O OG  . SER   A 1 16  ? -4.752  0.648   -9.300  1.00 72.25  ? 12  SER   A OG  1 
ATOM   100  N N   . GLU   A 1 17  ? -2.295  -0.874  -12.257 1.00 58.13  ? 13  GLU   A N   1 
ATOM   101  C CA  . GLU   A 1 17  ? -2.277  -2.151  -12.941 1.00 63.61  ? 13  GLU   A CA  1 
ATOM   102  C C   . GLU   A 1 17  ? -2.561  -3.256  -11.926 1.00 65.48  ? 13  GLU   A C   1 
ATOM   103  O O   . GLU   A 1 17  ? -1.902  -3.323  -10.893 1.00 72.86  ? 13  GLU   A O   1 
ATOM   104  C CB  . GLU   A 1 17  ? -0.937  -2.328  -13.671 1.00 64.24  ? 13  GLU   A CB  1 
ATOM   105  N N   . ASN   A 1 18  ? -3.588  -4.074  -12.198 1.00 71.63  ? 14  ASN   A N   1 
ATOM   106  C CA  . ASN   A 1 18  ? -3.758  -5.383  -11.578 1.00 72.40  ? 14  ASN   A CA  1 
ATOM   107  C C   . ASN   A 1 18  ? -4.449  -5.327  -10.216 1.00 75.35  ? 14  ASN   A C   1 
ATOM   108  O O   . ASN   A 1 18  ? -4.433  -6.307  -9.469  1.00 77.93  ? 14  ASN   A O   1 
ATOM   109  C CB  . ASN   A 1 18  ? -2.426  -6.102  -11.430 1.00 75.13  ? 14  ASN   A CB  1 
ATOM   110  C CG  . ASN   A 1 18  ? -2.228  -7.070  -12.560 1.00 84.25  ? 14  ASN   A CG  1 
ATOM   111  O OD1 . ASN   A 1 18  ? -2.789  -8.160  -12.524 1.00 96.55  ? 14  ASN   A OD1 1 
ATOM   112  N ND2 . ASN   A 1 18  ? -1.466  -6.664  -13.560 1.00 88.35  ? 14  ASN   A ND2 1 
ATOM   113  N N   . PHE   A 1 19  ? -5.063  -4.189  -9.902  1.00 73.17  ? 15  PHE   A N   1 
ATOM   114  C CA  . PHE   A 1 19  ? -5.699  -4.032  -8.609  1.00 73.75  ? 15  PHE   A CA  1 
ATOM   115  C C   . PHE   A 1 19  ? -6.784  -5.100  -8.444  1.00 78.29  ? 15  PHE   A C   1 
ATOM   116  O O   . PHE   A 1 19  ? -6.930  -5.681  -7.370  1.00 84.57  ? 15  PHE   A O   1 
ATOM   117  C CB  . PHE   A 1 19  ? -6.129  -2.573  -8.413  1.00 73.99  ? 15  PHE   A CB  1 
ATOM   118  C CG  . PHE   A 1 19  ? -6.726  -2.245  -7.071  1.00 67.32  ? 15  PHE   A CG  1 
ATOM   119  C CD1 . PHE   A 1 19  ? -6.130  -2.672  -5.898  1.00 74.66  ? 15  PHE   A CD1 1 
ATOM   120  C CD2 . PHE   A 1 19  ? -7.889  -1.505  -6.977  1.00 76.75  ? 15  PHE   A CD2 1 
ATOM   121  C CE1 . PHE   A 1 19  ? -6.688  -2.381  -4.661  1.00 81.60  ? 15  PHE   A CE1 1 
ATOM   122  C CE2 . PHE   A 1 19  ? -8.450  -1.216  -5.739  1.00 85.73  ? 15  PHE   A CE2 1 
ATOM   123  C CZ  . PHE   A 1 19  ? -7.846  -1.647  -4.581  1.00 79.81  ? 15  PHE   A CZ  1 
ATOM   124  N N   . GLU   A 1 20  ? -7.509  -5.400  -9.528  1.00 80.00  ? 16  GLU   A N   1 
ATOM   125  C CA  . GLU   A 1 20  ? -8.679  -6.257  -9.416  1.00 72.94  ? 16  GLU   A CA  1 
ATOM   126  C C   . GLU   A 1 20  ? -8.262  -7.667  -9.017  1.00 69.16  ? 16  GLU   A C   1 
ATOM   127  O O   . GLU   A 1 20  ? -8.939  -8.324  -8.231  1.00 63.41  ? 16  GLU   A O   1 
ATOM   128  C CB  . GLU   A 1 20  ? -9.483  -6.278  -10.715 1.00 73.58  ? 16  GLU   A CB  1 
ATOM   129  C CG  . GLU   A 1 20  ? -10.928 -6.686  -10.471 1.00 83.09  ? 16  GLU   A CG  1 
ATOM   130  C CD  . GLU   A 1 20  ? -11.759 -7.192  -11.638 1.00 84.35  ? 16  GLU   A CD  1 
ATOM   131  O OE1 . GLU   A 1 20  ? -11.723 -6.560  -12.729 1.00 80.65  ? 16  GLU   A OE1 1 
ATOM   132  O OE2 . GLU   A 1 20  ? -12.451 -8.213  -11.444 1.00 83.76  ? 16  GLU   A OE2 1 
ATOM   133  N N   . GLU   A 1 21  ? -7.127  -8.100  -9.569  1.00 74.68  ? 17  GLU   A N   1 
ATOM   134  C CA  . GLU   A 1 21  ? -6.652  -9.467  -9.471  1.00 79.25  ? 17  GLU   A CA  1 
ATOM   135  C C   . GLU   A 1 21  ? -6.275  -9.768  -8.023  1.00 84.13  ? 17  GLU   A C   1 
ATOM   136  O O   . GLU   A 1 21  ? -6.610  -10.834 -7.504  1.00 86.91  ? 17  GLU   A O   1 
ATOM   137  C CB  . GLU   A 1 21  ? -5.515  -9.674  -10.473 1.00 87.47  ? 17  GLU   A CB  1 
ATOM   138  C CG  . GLU   A 1 21  ? -5.976  -9.669  -11.927 1.00 99.97  ? 17  GLU   A CG  1 
ATOM   139  C CD  . GLU   A 1 21  ? -6.184  -8.324  -12.618 1.00 104.01 ? 17  GLU   A CD  1 
ATOM   140  O OE1 . GLU   A 1 21  ? -6.574  -7.340  -11.942 1.00 101.55 ? 17  GLU   A OE1 1 
ATOM   141  O OE2 . GLU   A 1 21  ? -5.966  -8.262  -13.847 1.00 102.08 ? 17  GLU   A OE2 1 
ATOM   142  N N   . LEU   A 1 22  ? -5.613  -8.793  -7.383  1.00 82.35  ? 18  LEU   A N   1 
ATOM   143  C CA  . LEU   A 1 22  ? -5.308  -8.800  -5.957  1.00 75.42  ? 18  LEU   A CA  1 
ATOM   144  C C   . LEU   A 1 22  ? -6.577  -9.074  -5.147  1.00 69.23  ? 18  LEU   A C   1 
ATOM   145  O O   . LEU   A 1 22  ? -6.631  -10.013 -4.369  1.00 68.14  ? 18  LEU   A O   1 
ATOM   146  C CB  . LEU   A 1 22  ? -4.700  -7.437  -5.606  1.00 70.13  ? 18  LEU   A CB  1 
ATOM   147  C CG  . LEU   A 1 22  ? -3.961  -7.340  -4.274  1.00 68.75  ? 18  LEU   A CG  1 
ATOM   148  C CD1 . LEU   A 1 22  ? -2.704  -8.183  -4.283  1.00 64.93  ? 18  LEU   A CD1 1 
ATOM   149  C CD2 . LEU   A 1 22  ? -3.615  -5.893  -3.948  1.00 70.61  ? 18  LEU   A CD2 1 
ATOM   150  N N   . LEU   A 1 23  ? -7.612  -8.268  -5.377  1.00 68.26  ? 19  LEU   A N   1 
ATOM   151  C CA  . LEU   A 1 23  ? -8.890  -8.403  -4.705  1.00 69.71  ? 19  LEU   A CA  1 
ATOM   152  C C   . LEU   A 1 23  ? -9.600  -9.701  -5.098  1.00 71.22  ? 19  LEU   A C   1 
ATOM   153  O O   . LEU   A 1 23  ? -10.231 -10.329 -4.246  1.00 65.28  ? 19  LEU   A O   1 
ATOM   154  C CB  . LEU   A 1 23  ? -9.704  -7.141  -5.007  1.00 69.75  ? 19  LEU   A CB  1 
ATOM   155  C CG  . LEU   A 1 23  ? -9.083  -5.893  -4.377  1.00 77.52  ? 19  LEU   A CG  1 
ATOM   156  C CD1 . LEU   A 1 23  ? -9.651  -4.596  -4.931  1.00 69.98  ? 19  LEU   A CD1 1 
ATOM   157  C CD2 . LEU   A 1 23  ? -9.211  -5.937  -2.861  1.00 77.56  ? 19  LEU   A CD2 1 
ATOM   158  N N   . LYS   A 1 24  ? -9.477  -10.122 -6.371  1.00 72.74  ? 20  LYS   A N   1 
ATOM   159  C CA  . LYS   A 1 24  ? -9.990  -11.431 -6.764  1.00 67.68  ? 20  LYS   A CA  1 
ATOM   160  C C   . LYS   A 1 24  ? -9.390  -12.481 -5.829  1.00 66.67  ? 20  LYS   A C   1 
ATOM   161  O O   . LYS   A 1 24  ? -10.123 -13.234 -5.184  1.00 60.31  ? 20  LYS   A O   1 
ATOM   162  C CB  . LYS   A 1 24  ? -9.776  -11.779 -8.247  1.00 56.97  ? 20  LYS   A CB  1 
ATOM   163  C CG  . LYS   A 1 24  ? -10.321 -13.157 -8.643  1.00 59.21  ? 20  LYS   A CG  1 
ATOM   164  C CD  . LYS   A 1 24  ? -10.600 -13.463 -10.126 1.00 50.24  ? 20  LYS   A CD  1 
ATOM   165  N N   . VAL   A 1 25  ? -8.054  -12.449 -5.730  1.00 67.17  ? 21  VAL   A N   1 
ATOM   166  C CA  . VAL   A 1 25  ? -7.248  -13.394 -4.974  1.00 67.95  ? 21  VAL   A CA  1 
ATOM   167  C C   . VAL   A 1 25  ? -7.597  -13.342 -3.485  1.00 72.80  ? 21  VAL   A C   1 
ATOM   168  O O   . VAL   A 1 25  ? -7.462  -14.343 -2.793  1.00 69.82  ? 21  VAL   A O   1 
ATOM   169  C CB  . VAL   A 1 25  ? -5.753  -13.127 -5.222  1.00 65.54  ? 21  VAL   A CB  1 
ATOM   170  C CG1 . VAL   A 1 25  ? -4.862  -13.700 -4.138  1.00 68.12  ? 21  VAL   A CG1 1 
ATOM   171  C CG2 . VAL   A 1 25  ? -5.325  -13.637 -6.582  1.00 70.91  ? 21  VAL   A CG2 1 
ATOM   172  N N   . LEU   A 1 26  ? -8.033  -12.172 -2.994  1.00 82.82  ? 22  LEU   A N   1 
ATOM   173  C CA  . LEU   A 1 26  ? -8.416  -12.021 -1.598  1.00 76.01  ? 22  LEU   A CA  1 
ATOM   174  C C   . LEU   A 1 26  ? -9.902  -12.339 -1.456  1.00 76.78  ? 22  LEU   A C   1 
ATOM   175  O O   . LEU   A 1 26  ? -10.510 -12.043 -0.431  1.00 83.47  ? 22  LEU   A O   1 
ATOM   176  C CB  . LEU   A 1 26  ? -8.086  -10.607 -1.089  1.00 70.24  ? 22  LEU   A CB  1 
ATOM   177  C CG  . LEU   A 1 26  ? -6.706  -10.039 -1.447  1.00 70.56  ? 22  LEU   A CG  1 
ATOM   178  C CD1 . LEU   A 1 26  ? -6.402  -8.752  -0.694  1.00 67.97  ? 22  LEU   A CD1 1 
ATOM   179  C CD2 . LEU   A 1 26  ? -5.587  -11.037 -1.215  1.00 67.38  ? 22  LEU   A CD2 1 
ATOM   180  N N   . GLY   A 1 27  ? -10.486 -12.911 -2.516  1.00 79.32  ? 23  GLY   A N   1 
ATOM   181  C CA  . GLY   A 1 27  ? -11.813 -13.505 -2.459  1.00 81.72  ? 23  GLY   A CA  1 
ATOM   182  C C   . GLY   A 1 27  ? -12.942 -12.478 -2.445  1.00 72.27  ? 23  GLY   A C   1 
ATOM   183  O O   . GLY   A 1 27  ? -14.067 -12.793 -2.063  1.00 75.46  ? 23  GLY   A O   1 
ATOM   184  N N   . VAL   A 1 28  ? -12.633 -11.255 -2.873  1.00 68.87  ? 24  VAL   A N   1 
ATOM   185  C CA  . VAL   A 1 28  ? -13.634 -10.208 -2.986  1.00 71.38  ? 24  VAL   A CA  1 
ATOM   186  C C   . VAL   A 1 28  ? -14.447 -10.471 -4.250  1.00 74.72  ? 24  VAL   A C   1 
ATOM   187  O O   . VAL   A 1 28  ? -13.865 -10.669 -5.319  1.00 79.11  ? 24  VAL   A O   1 
ATOM   188  C CB  . VAL   A 1 28  ? -12.951 -8.829  -3.013  1.00 64.35  ? 24  VAL   A CB  1 
ATOM   189  C CG1 . VAL   A 1 28  ? -13.898 -7.704  -3.373  1.00 63.43  ? 24  VAL   A CG1 1 
ATOM   190  C CG2 . VAL   A 1 28  ? -12.290 -8.547  -1.690  1.00 67.86  ? 24  VAL   A CG2 1 
ATOM   191  N N   . ASN   A 1 29  ? -15.783 -10.460 -4.109  1.00 73.56  ? 25  ASN   A N   1 
ATOM   192  C CA  A ASN   A 1 29  ? -16.714 -10.763 -5.190  0.50 75.38  ? 25  ASN   A CA  1 
ATOM   193  C CA  B ASN   A 1 29  ? -16.652 -10.807 -5.221  0.50 72.49  ? 25  ASN   A CA  1 
ATOM   194  C C   . ASN   A 1 29  ? -16.634 -9.686  -6.267  1.00 76.15  ? 25  ASN   A C   1 
ATOM   195  O O   . ASN   A 1 29  ? -16.348 -8.524  -5.958  1.00 78.39  ? 25  ASN   A O   1 
ATOM   196  C CB  A ASN   A 1 29  ? -18.156 -10.907 -4.691  0.50 74.49  ? 25  ASN   A CB  1 
ATOM   197  C CB  B ASN   A 1 29  ? -18.029 -11.299 -4.749  0.50 67.64  ? 25  ASN   A CB  1 
ATOM   198  C CG  A ASN   A 1 29  ? -18.999 -9.654  -4.840  0.50 69.94  ? 25  ASN   A CG  1 
ATOM   199  C CG  B ASN   A 1 29  ? -18.010 -12.683 -4.121  0.50 59.80  ? 25  ASN   A CG  1 
ATOM   200  O OD1 A ASN   A 1 29  ? -19.557 -9.388  -5.906  0.50 70.05  ? 25  ASN   A OD1 1 
ATOM   201  O OD1 B ASN   A 1 29  ? -16.975 -13.342 -4.072  0.50 55.12  ? 25  ASN   A OD1 1 
ATOM   202  N ND2 A ASN   A 1 29  ? -19.135 -8.902  -3.763  0.50 69.97  ? 25  ASN   A ND2 1 
ATOM   203  N ND2 B ASN   A 1 29  ? -19.153 -13.138 -3.635  0.50 51.14  ? 25  ASN   A ND2 1 
ATOM   204  N N   . VAL   A 1 30  ? -16.917 -10.081 -7.518  1.00 72.64  ? 26  VAL   A N   1 
ATOM   205  C CA  . VAL   A 1 30  ? -16.888 -9.237  -8.707  1.00 72.11  ? 26  VAL   A CA  1 
ATOM   206  C C   . VAL   A 1 30  ? -17.471 -7.848  -8.441  1.00 74.17  ? 26  VAL   A C   1 
ATOM   207  O O   . VAL   A 1 30  ? -16.768 -6.859  -8.653  1.00 70.65  ? 26  VAL   A O   1 
ATOM   208  C CB  . VAL   A 1 30  ? -17.571 -9.920  -9.911  1.00 74.15  ? 26  VAL   A CB  1 
ATOM   209  C CG1 . VAL   A 1 30  ? -17.697 -8.992  -11.103 1.00 71.87  ? 26  VAL   A CG1 1 
ATOM   210  C CG2 . VAL   A 1 30  ? -16.841 -11.189 -10.320 1.00 90.12  ? 26  VAL   A CG2 1 
ATOM   211  N N   . MET   A 1 31  ? -18.747 -7.769  -8.010  1.00 79.93  ? 27  MET   A N   1 
ATOM   212  C CA  . MET   A 1 31  ? -19.436 -6.481  -7.907  1.00 80.12  ? 27  MET   A CA  1 
ATOM   213  C C   . MET   A 1 31  ? -18.611 -5.474  -7.094  1.00 77.50  ? 27  MET   A C   1 
ATOM   214  O O   . MET   A 1 31  ? -18.431 -4.332  -7.524  1.00 69.09  ? 27  MET   A O   1 
ATOM   215  C CB  . MET   A 1 31  ? -20.865 -6.583  -7.353  1.00 83.90  ? 27  MET   A CB  1 
ATOM   216  C CG  . MET   A 1 31  ? -21.731 -5.376  -7.751  1.00 96.44  ? 27  MET   A CG  1 
ATOM   217  S SD  . MET   A 1 31  ? -22.546 -4.298  -6.488  1.00 118.52 ? 27  MET   A SD  1 
ATOM   218  C CE  . MET   A 1 31  ? -21.892 -4.899  -4.928  1.00 105.22 ? 27  MET   A CE  1 
ATOM   219  N N   . LEU   A 1 32  ? -18.078 -5.924  -5.945  1.00 71.89  ? 28  LEU   A N   1 
ATOM   220  C CA  . LEU   A 1 32  ? -17.235 -5.113  -5.080  1.00 67.58  ? 28  LEU   A CA  1 
ATOM   221  C C   . LEU   A 1 32  ? -15.897 -4.805  -5.746  1.00 67.40  ? 28  LEU   A C   1 
ATOM   222  O O   . LEU   A 1 32  ? -15.448 -3.660  -5.728  1.00 65.62  ? 28  LEU   A O   1 
ATOM   223  C CB  . LEU   A 1 32  ? -17.027 -5.827  -3.741  1.00 72.97  ? 28  LEU   A CB  1 
ATOM   224  C CG  . LEU   A 1 32  ? -18.233 -5.884  -2.799  1.00 80.54  ? 28  LEU   A CG  1 
ATOM   225  C CD1 . LEU   A 1 32  ? -17.854 -6.548  -1.489  1.00 73.19  ? 28  LEU   A CD1 1 
ATOM   226  C CD2 . LEU   A 1 32  ? -18.811 -4.508  -2.531  1.00 78.24  ? 28  LEU   A CD2 1 
ATOM   227  N N   . ARG   A 1 33  ? -15.247 -5.822  -6.323  1.00 68.86  ? 29  ARG   A N   1 
ATOM   228  C CA  . ARG   A 1 33  ? -13.976 -5.606  -7.003  1.00 68.46  ? 29  ARG   A CA  1 
ATOM   229  C C   . ARG   A 1 33  ? -14.062 -4.380  -7.915  1.00 69.73  ? 29  ARG   A C   1 
ATOM   230  O O   . ARG   A 1 33  ? -13.146 -3.557  -7.945  1.00 59.51  ? 29  ARG   A O   1 
ATOM   231  C CB  . ARG   A 1 33  ? -13.578 -6.815  -7.851  1.00 64.20  ? 29  ARG   A CB  1 
ATOM   232  C CG  . ARG   A 1 33  ? -13.194 -8.049  -7.051  1.00 69.99  ? 29  ARG   A CG  1 
ATOM   233  C CD  . ARG   A 1 33  ? -12.191 -8.881  -7.828  1.00 78.94  ? 29  ARG   A CD  1 
ATOM   234  N NE  . ARG   A 1 33  ? -12.740 -9.504  -9.024  1.00 80.63  ? 29  ARG   A NE  1 
ATOM   235  C CZ  . ARG   A 1 33  ? -13.453 -10.628 -9.017  1.00 87.68  ? 29  ARG   A CZ  1 
ATOM   236  N NH1 . ARG   A 1 33  ? -13.696 -11.256 -7.877  1.00 80.42  ? 29  ARG   A NH1 1 
ATOM   237  N NH2 . ARG   A 1 33  ? -13.920 -11.121 -10.152 1.00 85.93  ? 29  ARG   A NH2 1 
ATOM   238  N N   . LYS   A 1 34  ? -15.178 -4.271  -8.651  1.00 71.58  ? 30  LYS   A N   1 
ATOM   239  C CA  . LYS   A 1 34  ? -15.342 -3.258  -9.683  1.00 71.48  ? 30  LYS   A CA  1 
ATOM   240  C C   . LYS   A 1 34  ? -15.627 -1.905  -9.039  1.00 72.68  ? 30  LYS   A C   1 
ATOM   241  O O   . LYS   A 1 34  ? -15.159 -0.864  -9.500  1.00 68.94  ? 30  LYS   A O   1 
ATOM   242  C CB  . LYS   A 1 34  ? -16.490 -3.658  -10.610 1.00 69.02  ? 30  LYS   A CB  1 
ATOM   243  C CG  . LYS   A 1 34  ? -16.326 -5.015  -11.275 1.00 71.96  ? 30  LYS   A CG  1 
ATOM   244  C CD  . LYS   A 1 34  ? -15.208 -5.011  -12.292 1.00 66.03  ? 30  LYS   A CD  1 
ATOM   245  C CE  . LYS   A 1 34  ? -14.886 -6.375  -12.851 1.00 54.60  ? 30  LYS   A CE  1 
ATOM   246  N NZ  . LYS   A 1 34  ? -14.089 -6.223  -14.084 1.00 54.00  ? 30  LYS   A NZ  1 
ATOM   247  N N   . ILE   A 1 35  ? -16.406 -1.944  -7.959  1.00 69.85  ? 31  ILE   A N   1 
ATOM   248  C CA  . ILE   A 1 35  ? -16.729 -0.744  -7.220  1.00 65.31  ? 31  ILE   A CA  1 
ATOM   249  C C   . ILE   A 1 35  ? -15.437 -0.205  -6.598  1.00 66.59  ? 31  ILE   A C   1 
ATOM   250  O O   . ILE   A 1 35  ? -15.220 1.011   -6.601  1.00 69.17  ? 31  ILE   A O   1 
ATOM   251  C CB  . ILE   A 1 35  ? -17.911 -1.024  -6.257  1.00 65.80  ? 31  ILE   A CB  1 
ATOM   252  C CG1 . ILE   A 1 35  ? -19.010 0.032   -6.351  1.00 79.84  ? 31  ILE   A CG1 1 
ATOM   253  C CG2 . ILE   A 1 35  ? -17.513 -1.305  -4.822  1.00 66.38  ? 31  ILE   A CG2 1 
ATOM   254  C CD1 . ILE   A 1 35  ? -20.167 -0.346  -7.266  1.00 86.93  ? 31  ILE   A CD1 1 
ATOM   255  N N   . ALA   A 1 36  ? -14.554 -1.132  -6.171  1.00 60.49  ? 32  ALA   A N   1 
ATOM   256  C CA  . ALA   A 1 36  ? -13.233 -0.848  -5.617  1.00 56.99  ? 32  ALA   A CA  1 
ATOM   257  C C   . ALA   A 1 36  ? -12.294 -0.257  -6.673  1.00 56.84  ? 32  ALA   A C   1 
ATOM   258  O O   . ALA   A 1 36  ? -11.575 0.707   -6.417  1.00 52.19  ? 32  ALA   A O   1 
ATOM   259  C CB  . ALA   A 1 36  ? -12.634 -2.110  -5.048  1.00 50.45  ? 32  ALA   A CB  1 
ATOM   260  N N   . VAL   A 1 37  ? -12.279 -0.871  -7.858  1.00 55.38  ? 33  VAL   A N   1 
ATOM   261  C CA  . VAL   A 1 37  ? -11.392 -0.429  -8.917  1.00 54.75  ? 33  VAL   A CA  1 
ATOM   262  C C   . VAL   A 1 37  ? -11.794 0.984   -9.321  1.00 57.28  ? 33  VAL   A C   1 
ATOM   263  O O   . VAL   A 1 37  ? -10.953 1.786   -9.726  1.00 66.95  ? 33  VAL   A O   1 
ATOM   264  C CB  . VAL   A 1 37  ? -11.416 -1.385  -10.125 1.00 51.77  ? 33  VAL   A CB  1 
ATOM   265  C CG1 . VAL   A 1 37  ? -10.732 -0.788  -11.346 1.00 42.46  ? 33  VAL   A CG1 1 
ATOM   266  C CG2 . VAL   A 1 37  ? -10.820 -2.740  -9.780  1.00 51.96  ? 33  VAL   A CG2 1 
ATOM   267  N N   . ALA   A 1 38  ? -13.088 1.286   -9.231  1.00 56.94  ? 34  ALA   A N   1 
ATOM   268  C CA  . ALA   A 1 38  ? -13.480 2.622   -9.639  1.00 60.38  ? 34  ALA   A CA  1 
ATOM   269  C C   . ALA   A 1 38  ? -13.025 3.592   -8.553  1.00 63.09  ? 34  ALA   A C   1 
ATOM   270  O O   . ALA   A 1 38  ? -12.435 4.628   -8.856  1.00 57.53  ? 34  ALA   A O   1 
ATOM   271  C CB  . ALA   A 1 38  ? -14.955 2.691   -9.947  1.00 58.37  ? 34  ALA   A CB  1 
ATOM   272  N N   . ALA   A 1 39  ? -13.222 3.178   -7.292  1.00 64.28  ? 35  ALA   A N   1 
ATOM   273  C CA  . ALA   A 1 39  ? -12.819 3.940   -6.124  1.00 59.83  ? 35  ALA   A CA  1 
ATOM   274  C C   . ALA   A 1 39  ? -11.351 4.332   -6.213  1.00 66.15  ? 35  ALA   A C   1 
ATOM   275  O O   . ALA   A 1 39  ? -10.981 5.413   -5.756  1.00 82.71  ? 35  ALA   A O   1 
ATOM   276  C CB  . ALA   A 1 39  ? -13.032 3.114   -4.897  1.00 50.33  ? 35  ALA   A CB  1 
ATOM   277  N N   . ALA   A 1 40  ? -10.540 3.443   -6.799  1.00 65.09  ? 36  ALA   A N   1 
ATOM   278  C CA  . ALA   A 1 40  ? -9.093  3.461   -6.653  1.00 68.45  ? 36  ALA   A CA  1 
ATOM   279  C C   . ALA   A 1 40  ? -8.429  4.460   -7.598  1.00 75.91  ? 36  ALA   A C   1 
ATOM   280  O O   . ALA   A 1 40  ? -7.202  4.513   -7.678  1.00 79.33  ? 36  ALA   A O   1 
ATOM   281  C CB  . ALA   A 1 40  ? -8.553  2.079   -6.902  1.00 72.40  ? 36  ALA   A CB  1 
ATOM   282  N N   . SER   A 1 41  ? -9.236  5.234   -8.332  1.00 72.92  ? 37  SER   A N   1 
ATOM   283  C CA  . SER   A 1 41  ? -8.670  6.243   -9.210  1.00 67.31  ? 37  SER   A CA  1 
ATOM   284  C C   . SER   A 1 41  ? -8.460  7.546   -8.449  1.00 69.25  ? 37  SER   A C   1 
ATOM   285  O O   . SER   A 1 41  ? -7.836  8.474   -8.965  1.00 76.04  ? 37  SER   A O   1 
ATOM   286  C CB  . SER   A 1 41  ? -9.498  6.434   -10.448 1.00 63.21  ? 37  SER   A CB  1 
ATOM   287  O OG  . SER   A 1 41  ? -10.811 6.839   -10.111 1.00 74.60  ? 37  SER   A OG  1 
ATOM   288  N N   . LYS   A 1 42  ? -8.961  7.606   -7.211  1.00 71.28  ? 38  LYS   A N   1 
ATOM   289  C CA  . LYS   A 1 42  ? -8.806  8.815   -6.417  1.00 74.21  ? 38  LYS   A CA  1 
ATOM   290  C C   . LYS   A 1 42  ? -8.009  8.540   -5.134  1.00 71.48  ? 38  LYS   A C   1 
ATOM   291  O O   . LYS   A 1 42  ? -8.064  9.342   -4.202  1.00 75.73  ? 38  LYS   A O   1 
ATOM   292  C CB  . LYS   A 1 42  ? -10.145 9.555   -6.262  1.00 69.13  ? 38  LYS   A CB  1 
ATOM   293  N N   . TYR   A 1 43  ? -7.221  7.448   -5.116  1.00 70.97  ? 39  TYR   A N   1 
ATOM   294  C CA  . TYR   A 1 43  ? -6.242  7.205   -4.058  1.00 69.38  ? 39  TYR   A CA  1 
ATOM   295  C C   . TYR   A 1 43  ? -5.318  8.406   -3.900  1.00 70.35  ? 39  TYR   A C   1 
ATOM   296  O O   . TYR   A 1 43  ? -4.684  8.844   -4.862  1.00 68.81  ? 39  TYR   A O   1 
ATOM   297  C CB  . TYR   A 1 43  ? -5.365  5.968   -4.301  1.00 63.73  ? 39  TYR   A CB  1 
ATOM   298  C CG  . TYR   A 1 43  ? -5.980  4.687   -3.806  1.00 69.06  ? 39  TYR   A CG  1 
ATOM   299  C CD1 . TYR   A 1 43  ? -6.441  4.566   -2.504  1.00 76.75  ? 39  TYR   A CD1 1 
ATOM   300  C CD2 . TYR   A 1 43  ? -6.150  3.602   -4.647  1.00 73.79  ? 39  TYR   A CD2 1 
ATOM   301  C CE1 . TYR   A 1 43  ? -7.046  3.403   -2.050  1.00 73.72  ? 39  TYR   A CE1 1 
ATOM   302  C CE2 . TYR   A 1 43  ? -6.749  2.433   -4.209  1.00 71.06  ? 39  TYR   A CE2 1 
ATOM   303  C CZ  . TYR   A 1 43  ? -7.204  2.334   -2.910  1.00 70.13  ? 39  TYR   A CZ  1 
ATOM   304  O OH  . TYR   A 1 43  ? -7.790  1.183   -2.480  1.00 77.51  ? 39  TYR   A OH  1 
ATOM   305  N N   . ALA   A 1 44  ? -5.257  8.918   -2.663  1.00 66.36  ? 40  ALA   A N   1 
ATOM   306  C CA  . ALA   A 1 44  ? -4.241  9.887   -2.292  1.00 64.83  ? 40  ALA   A CA  1 
ATOM   307  C C   . ALA   A 1 44  ? -3.452  9.365   -1.095  1.00 71.79  ? 40  ALA   A C   1 
ATOM   308  O O   . ALA   A 1 44  ? -4.025  8.807   -0.156  1.00 75.67  ? 40  ALA   A O   1 
ATOM   309  C CB  . ALA   A 1 44  ? -4.873  11.223  -2.019  1.00 59.35  ? 40  ALA   A CB  1 
ATOM   310  N N   . VAL   A 1 45  ? -2.126  9.544   -1.164  1.00 65.00  ? 41  VAL   A N   1 
ATOM   311  C CA  . VAL   A 1 45  ? -1.218  9.149   -0.105  1.00 61.59  ? 41  VAL   A CA  1 
ATOM   312  C C   . VAL   A 1 45  ? -0.459  10.397  0.327   1.00 70.22  ? 41  VAL   A C   1 
ATOM   313  O O   . VAL   A 1 45  ? 0.249   11.004  -0.478  1.00 77.22  ? 41  VAL   A O   1 
ATOM   314  C CB  . VAL   A 1 45  ? -0.250  8.053   -0.587  1.00 65.01  ? 41  VAL   A CB  1 
ATOM   315  C CG1 . VAL   A 1 45  ? 0.786   7.691   0.463   1.00 64.30  ? 41  VAL   A CG1 1 
ATOM   316  C CG2 . VAL   A 1 45  ? -0.986  6.808   -1.055  1.00 69.19  ? 41  VAL   A CG2 1 
ATOM   317  N N   . GLU   A 1 46  ? -0.649  10.780  1.596   1.00 70.65  ? 42  GLU   A N   1 
ATOM   318  C CA  . GLU   A 1 46  ? 0.163   11.790  2.252   1.00 66.24  ? 42  GLU   A CA  1 
ATOM   319  C C   . GLU   A 1 46  ? 1.177   11.063  3.128   1.00 68.83  ? 42  GLU   A C   1 
ATOM   320  O O   . GLU   A 1 46  ? 0.811   10.177  3.895   1.00 67.92  ? 42  GLU   A O   1 
ATOM   321  C CB  . GLU   A 1 46  ? -0.730  12.718  3.069   1.00 72.33  ? 42  GLU   A CB  1 
ATOM   322  C CG  . GLU   A 1 46  ? 0.000   13.509  4.138   1.00 84.95  ? 42  GLU   A CG  1 
ATOM   323  C CD  . GLU   A 1 46  ? -0.883  14.438  4.961   1.00 91.89  ? 42  GLU   A CD  1 
ATOM   324  O OE1 . GLU   A 1 46  ? -1.842  13.953  5.613   1.00 94.44  ? 42  GLU   A OE1 1 
ATOM   325  O OE2 . GLU   A 1 46  ? -0.619  15.648  4.937   1.00 98.63  ? 42  GLU   A OE2 1 
ATOM   326  N N   . ILE   A 1 47  ? 2.455   11.414  2.958   1.00 69.45  ? 43  ILE   A N   1 
ATOM   327  C CA  . ILE   A 1 47  ? 3.540   10.762  3.669   1.00 71.36  ? 43  ILE   A CA  1 
ATOM   328  C C   . ILE   A 1 47  ? 4.334   11.841  4.382   1.00 71.79  ? 43  ILE   A C   1 
ATOM   329  O O   . ILE   A 1 47  ? 4.868   12.732  3.727   1.00 68.69  ? 43  ILE   A O   1 
ATOM   330  C CB  . ILE   A 1 47  ? 4.464   9.961   2.725   1.00 70.73  ? 43  ILE   A CB  1 
ATOM   331  C CG1 . ILE   A 1 47  ? 3.709   8.872   1.967   1.00 72.02  ? 43  ILE   A CG1 1 
ATOM   332  C CG2 . ILE   A 1 47  ? 5.641   9.382   3.499   1.00 65.60  ? 43  ILE   A CG2 1 
ATOM   333  C CD1 . ILE   A 1 47  ? 4.592   7.987   1.142   1.00 78.57  ? 43  ILE   A CD1 1 
ATOM   334  N N   . LYS   A 1 48  ? 4.395   11.726  5.716   1.00 75.44  ? 44  LYS   A N   1 
ATOM   335  C CA  . LYS   A 1 48  ? 5.314   12.493  6.542   1.00 75.95  ? 44  LYS   A CA  1 
ATOM   336  C C   . LYS   A 1 48  ? 6.397   11.537  7.040   1.00 77.56  ? 44  LYS   A C   1 
ATOM   337  O O   . LYS   A 1 48  ? 6.102   10.592  7.775   1.00 82.64  ? 44  LYS   A O   1 
ATOM   338  C CB  . LYS   A 1 48  ? 4.567   13.258  7.646   1.00 65.66  ? 44  LYS   A CB  1 
ATOM   339  N N   . GLN   A 1 49  ? 7.640   11.770  6.590   1.00 70.36  ? 45  GLN   A N   1 
ATOM   340  C CA  . GLN   A 1 49  ? 8.735   10.856  6.862   1.00 70.17  ? 45  GLN   A CA  1 
ATOM   341  C C   . GLN   A 1 49  ? 9.890   11.585  7.540   1.00 72.73  ? 45  GLN   A C   1 
ATOM   342  O O   . GLN   A 1 49  ? 10.448  12.524  6.974   1.00 78.50  ? 45  GLN   A O   1 
ATOM   343  C CB  . GLN   A 1 49  ? 9.279   10.221  5.584   1.00 62.04  ? 45  GLN   A CB  1 
ATOM   344  C CG  . GLN   A 1 49  ? 10.637  9.580   5.839   1.00 62.85  ? 45  GLN   A CG  1 
ATOM   345  C CD  . GLN   A 1 49  ? 11.381  9.130   4.610   1.00 65.84  ? 45  GLN   A CD  1 
ATOM   346  O OE1 . GLN   A 1 49  ? 11.127  9.572   3.493   1.00 70.84  ? 45  GLN   A OE1 1 
ATOM   347  N NE2 . GLN   A 1 49  ? 12.318  8.223   4.819   1.00 65.50  ? 45  GLN   A NE2 1 
ATOM   348  N N   . GLU   A 1 50  ? 10.266  11.105  8.734   1.00 72.37  ? 46  GLU   A N   1 
ATOM   349  C CA  . GLU   A 1 50  ? 11.433  11.598  9.450   1.00 70.98  ? 46  GLU   A CA  1 
ATOM   350  C C   . GLU   A 1 50  ? 12.289  10.404  9.866   1.00 69.34  ? 46  GLU   A C   1 
ATOM   351  O O   . GLU   A 1 50  ? 11.860  9.559   10.649  1.00 69.56  ? 46  GLU   A O   1 
ATOM   352  C CB  . GLU   A 1 50  ? 11.036  12.503  10.628  1.00 73.86  ? 46  GLU   A CB  1 
ATOM   353  N N   . GLY   A 1 51  ? 13.499  10.332  9.303   1.00 72.92  ? 47  GLY   A N   1 
ATOM   354  C CA  . GLY   A 1 51  ? 14.416  9.242   9.587   1.00 69.50  ? 47  GLY   A CA  1 
ATOM   355  C C   . GLY   A 1 51  ? 13.852  7.919   9.087   1.00 71.07  ? 47  GLY   A C   1 
ATOM   356  O O   . GLY   A 1 51  ? 13.598  7.776   7.895   1.00 80.10  ? 47  GLY   A O   1 
ATOM   357  N N   . ASP   A 1 52  ? 13.628  6.979   10.010  1.00 68.70  ? 48  ASP   A N   1 
ATOM   358  C CA  . ASP   A 1 52  ? 13.077  5.691   9.634   1.00 72.07  ? 48  ASP   A CA  1 
ATOM   359  C C   . ASP   A 1 52  ? 11.673  5.561   10.223  1.00 73.82  ? 48  ASP   A C   1 
ATOM   360  O O   . ASP   A 1 52  ? 11.190  4.450   10.470  1.00 71.72  ? 48  ASP   A O   1 
ATOM   361  C CB  . ASP   A 1 52  ? 14.076  4.561   9.918   1.00 83.05  ? 48  ASP   A CB  1 
ATOM   362  C CG  . ASP   A 1 52  ? 14.468  4.403   11.383  1.00 97.09  ? 48  ASP   A CG  1 
ATOM   363  O OD1 . ASP   A 1 52  ? 14.292  5.392   12.148  1.00 99.73  ? 48  ASP   A OD1 1 
ATOM   364  O OD2 . ASP   A 1 52  ? 14.945  3.283   11.755  1.00 89.07  ? 48  ASP   A OD2 1 
ATOM   365  N N   . THR   A 1 53  ? 11.022  6.721   10.411  1.00 72.00  ? 49  THR   A N   1 
ATOM   366  C CA  . THR   A 1 53  ? 9.693   6.811   11.010  1.00 77.42  ? 49  THR   A CA  1 
ATOM   367  C C   . THR   A 1 53  ? 8.700   7.427   10.019  1.00 71.45  ? 49  THR   A C   1 
ATOM   368  O O   . THR   A 1 53  ? 8.957   8.489   9.440   1.00 63.09  ? 49  THR   A O   1 
ATOM   369  C CB  . THR   A 1 53  ? 9.744   7.539   12.362  1.00 80.88  ? 49  THR   A CB  1 
ATOM   370  O OG1 . THR   A 1 53  ? 10.724  6.900   13.182  1.00 89.73  ? 49  THR   A OG1 1 
ATOM   371  C CG2 . THR   A 1 53  ? 8.417   7.561   13.088  1.00 74.00  ? 49  THR   A CG2 1 
ATOM   372  N N   . PHE   A 1 54  ? 7.552   6.747   9.859   1.00 64.38  ? 50  PHE   A N   1 
ATOM   373  C CA  . PHE   A 1 54  ? 6.629   7.036   8.771   1.00 64.43  ? 50  PHE   A CA  1 
ATOM   374  C C   . PHE   A 1 54  ? 5.197   7.254   9.262   1.00 64.36  ? 50  PHE   A C   1 
ATOM   375  O O   . PHE   A 1 54  ? 4.606   6.396   9.925   1.00 62.76  ? 50  PHE   A O   1 
ATOM   376  C CB  . PHE   A 1 54  ? 6.672   5.926   7.715   1.00 62.43  ? 50  PHE   A CB  1 
ATOM   377  C CG  . PHE   A 1 54  ? 7.828   6.010   6.750   1.00 63.61  ? 50  PHE   A CG  1 
ATOM   378  C CD1 . PHE   A 1 54  ? 9.086   5.520   7.095   1.00 66.19  ? 50  PHE   A CD1 1 
ATOM   379  C CD2 . PHE   A 1 54  ? 7.666   6.581   5.497   1.00 59.48  ? 50  PHE   A CD2 1 
ATOM   380  C CE1 . PHE   A 1 54  ? 10.160  5.608   6.218   1.00 60.93  ? 50  PHE   A CE1 1 
ATOM   381  C CE2 . PHE   A 1 54  ? 8.739   6.666   4.616   1.00 65.26  ? 50  PHE   A CE2 1 
ATOM   382  C CZ  . PHE   A 1 54  ? 9.982   6.176   4.975   1.00 63.69  ? 50  PHE   A CZ  1 
ATOM   383  N N   . TYR   A 1 55  ? 4.651   8.420   8.891   1.00 62.34  ? 51  TYR   A N   1 
ATOM   384  C CA  . TYR   A 1 55  ? 3.218   8.657   8.894   1.00 69.94  ? 51  TYR   A CA  1 
ATOM   385  C C   . TYR   A 1 55  ? 2.682   8.573   7.466   1.00 72.91  ? 51  TYR   A C   1 
ATOM   386  O O   . TYR   A 1 55  ? 3.106   9.335   6.592   1.00 69.75  ? 51  TYR   A O   1 
ATOM   387  C CB  . TYR   A 1 55  ? 2.896   10.044  9.452   1.00 74.76  ? 51  TYR   A CB  1 
ATOM   388  C CG  . TYR   A 1 55  ? 1.475   10.506  9.227   1.00 79.41  ? 51  TYR   A CG  1 
ATOM   389  C CD1 . TYR   A 1 55  ? 0.455   10.137  10.092  1.00 78.91  ? 51  TYR   A CD1 1 
ATOM   390  C CD2 . TYR   A 1 55  ? 1.148   11.316  8.146   1.00 85.11  ? 51  TYR   A CD2 1 
ATOM   391  C CE1 . TYR   A 1 55  ? -0.848  10.572  9.895   1.00 86.69  ? 51  TYR   A CE1 1 
ATOM   392  C CE2 . TYR   A 1 55  ? -0.150  11.756  7.932   1.00 84.86  ? 51  TYR   A CE2 1 
ATOM   393  C CZ  . TYR   A 1 55  ? -1.149  11.387  8.815   1.00 85.89  ? 51  TYR   A CZ  1 
ATOM   394  O OH  . TYR   A 1 55  ? -2.426  11.816  8.613   1.00 85.80  ? 51  TYR   A OH  1 
ATOM   395  N N   . ILE   A 1 56  ? 1.729   7.657   7.248   1.00 65.86  ? 52  ILE   A N   1 
ATOM   396  C CA  . ILE   A 1 56  ? 1.115   7.552   5.941   1.00 62.79  ? 52  ILE   A CA  1 
ATOM   397  C C   . ILE   A 1 56  ? -0.402  7.576   6.085   1.00 64.77  ? 52  ILE   A C   1 
ATOM   398  O O   . ILE   A 1 56  ? -0.968  6.688   6.719   1.00 64.35  ? 52  ILE   A O   1 
ATOM   399  C CB  . ILE   A 1 56  ? 1.628   6.326   5.163   1.00 61.40  ? 52  ILE   A CB  1 
ATOM   400  C CG1 . ILE   A 1 56  ? 3.156   6.342   5.048   1.00 56.71  ? 52  ILE   A CG1 1 
ATOM   401  C CG2 . ILE   A 1 56  ? 0.964   6.267   3.791   1.00 58.68  ? 52  ILE   A CG2 1 
ATOM   402  C CD1 . ILE   A 1 56  ? 3.755   5.021   4.645   1.00 56.00  ? 52  ILE   A CD1 1 
ATOM   403  N N   . LYS   A 1 57  ? -1.013  8.613   5.477   1.00 70.08  ? 53  LYS   A N   1 
ATOM   404  C CA  . LYS   A 1 57  ? -2.449  8.799   5.309   1.00 63.05  ? 53  LYS   A CA  1 
ATOM   405  C C   . LYS   A 1 57  ? -2.805  8.372   3.890   1.00 63.95  ? 53  LYS   A C   1 
ATOM   406  O O   . LYS   A 1 57  ? -2.201  8.851   2.933   1.00 64.83  ? 53  LYS   A O   1 
ATOM   407  C CB  . LYS   A 1 57  ? -2.833  10.270  5.523   1.00 66.85  ? 53  LYS   A CB  1 
ATOM   408  C CG  . LYS   A 1 57  ? -4.280  10.565  5.927   1.00 68.04  ? 53  LYS   A CG  1 
ATOM   409  C CD  . LYS   A 1 57  ? -4.642  12.062  5.949   1.00 53.49  ? 53  LYS   A CD  1 
ATOM   410  N N   . VAL   A 1 58  ? -3.752  7.429   3.792   1.00 67.34  ? 54  VAL   A N   1 
ATOM   411  C CA  . VAL   A 1 58  ? -4.205  6.840   2.541   1.00 57.79  ? 54  VAL   A CA  1 
ATOM   412  C C   . VAL   A 1 58  ? -5.716  6.997   2.469   1.00 64.29  ? 54  VAL   A C   1 
ATOM   413  O O   . VAL   A 1 58  ? -6.465  6.386   3.228   1.00 65.11  ? 54  VAL   A O   1 
ATOM   414  C CB  . VAL   A 1 58  ? -3.786  5.368   2.404   1.00 49.70  ? 54  VAL   A CB  1 
ATOM   415  C CG1 . VAL   A 1 58  ? -4.306  4.748   1.118   1.00 49.86  ? 54  VAL   A CG1 1 
ATOM   416  C CG2 . VAL   A 1 58  ? -2.286  5.241   2.440   1.00 54.02  ? 54  VAL   A CG2 1 
ATOM   417  N N   . SER   A 1 59  ? -6.140  7.845   1.536   1.00 73.79  ? 55  SER   A N   1 
ATOM   418  C CA  . SER   A 1 59  ? -7.536  8.211   1.425   1.00 72.06  ? 55  SER   A CA  1 
ATOM   419  C C   . SER   A 1 59  ? -8.044  7.905   0.020   1.00 74.45  ? 55  SER   A C   1 
ATOM   420  O O   . SER   A 1 59  ? -7.287  7.867   -0.957  1.00 67.64  ? 55  SER   A O   1 
ATOM   421  C CB  . SER   A 1 59  ? -7.688  9.659   1.692   1.00 74.38  ? 55  SER   A CB  1 
ATOM   422  O OG  . SER   A 1 59  ? -7.352  10.375  0.512   1.00 90.99  ? 55  SER   A OG  1 
ATOM   423  N N   . THR   A 1 60  ? -9.355  7.679   -0.044  1.00 70.98  ? 56  THR   A N   1 
ATOM   424  C CA  . THR   A 1 60  ? -10.089 7.797   -1.283  1.00 67.30  ? 56  THR   A CA  1 
ATOM   425  C C   . THR   A 1 60  ? -11.142 8.884   -1.093  1.00 59.94  ? 56  THR   A C   1 
ATOM   426  O O   . THR   A 1 60  ? -11.002 9.761   -0.252  1.00 57.88  ? 56  THR   A O   1 
ATOM   427  C CB  . THR   A 1 60  ? -10.639 6.443   -1.748  1.00 66.85  ? 56  THR   A CB  1 
ATOM   428  O OG1 . THR   A 1 60  ? -11.735 6.058   -0.920  1.00 72.90  ? 56  THR   A OG1 1 
ATOM   429  C CG2 . THR   A 1 60  ? -9.591  5.359   -1.726  1.00 63.97  ? 56  THR   A CG2 1 
ATOM   430  N N   . THR   A 1 61  ? -12.202 8.804   -1.887  1.00 64.08  ? 57  THR   A N   1 
ATOM   431  C CA  . THR   A 1 61  ? -13.268 9.778   -1.811  1.00 70.33  ? 57  THR   A CA  1 
ATOM   432  C C   . THR   A 1 61  ? -14.016 9.627   -0.488  1.00 66.71  ? 57  THR   A C   1 
ATOM   433  O O   . THR   A 1 61  ? -14.442 10.632  0.072   1.00 73.87  ? 57  THR   A O   1 
ATOM   434  C CB  . THR   A 1 61  ? -14.070 9.783   -3.120  1.00 73.93  ? 57  THR   A CB  1 
ATOM   435  O OG1 . THR   A 1 61  ? -13.136 10.308  -4.063  1.00 78.13  ? 57  THR   A OG1 1 
ATOM   436  C CG2 . THR   A 1 61  ? -15.317 10.639  -3.072  1.00 65.44  ? 57  THR   A CG2 1 
ATOM   437  N N   . VAL   A 1 62  ? -14.139 8.397   0.034   1.00 61.37  ? 58  VAL   A N   1 
ATOM   438  C CA  . VAL   A 1 62  ? -15.005 8.208   1.192   1.00 63.84  ? 58  VAL   A CA  1 
ATOM   439  C C   . VAL   A 1 62  ? -14.292 7.561   2.379   1.00 69.34  ? 58  VAL   A C   1 
ATOM   440  O O   . VAL   A 1 62  ? -14.818 7.605   3.494   1.00 67.80  ? 58  VAL   A O   1 
ATOM   441  C CB  . VAL   A 1 62  ? -16.323 7.481   0.860   1.00 56.51  ? 58  VAL   A CB  1 
ATOM   442  C CG1 . VAL   A 1 62  ? -16.997 8.070   -0.374  1.00 53.70  ? 58  VAL   A CG1 1 
ATOM   443  C CG2 . VAL   A 1 62  ? -16.146 5.971   0.761   1.00 48.06  ? 58  VAL   A CG2 1 
ATOM   444  N N   . TYR   A 1 63  ? -13.120 6.960   2.136   1.00 72.60  ? 59  TYR   A N   1 
ATOM   445  C CA  . TYR   A 1 63  ? -12.389 6.260   3.182   1.00 69.31  ? 59  TYR   A CA  1 
ATOM   446  C C   . TYR   A 1 63  ? -10.997 6.862   3.330   1.00 76.07  ? 59  TYR   A C   1 
ATOM   447  O O   . TYR   A 1 63  ? -10.467 7.458   2.391   1.00 81.30  ? 59  TYR   A O   1 
ATOM   448  C CB  . TYR   A 1 63  ? -12.286 4.771   2.860   1.00 65.74  ? 59  TYR   A CB  1 
ATOM   449  C CG  . TYR   A 1 63  ? -12.142 3.908   4.080   1.00 75.12  ? 59  TYR   A CG  1 
ATOM   450  C CD1 . TYR   A 1 63  ? -13.263 3.453   4.762   1.00 80.55  ? 59  TYR   A CD1 1 
ATOM   451  C CD2 . TYR   A 1 63  ? -10.890 3.549   4.557   1.00 77.66  ? 59  TYR   A CD2 1 
ATOM   452  C CE1 . TYR   A 1 63  ? -13.149 2.663   5.895   1.00 80.11  ? 59  TYR   A CE1 1 
ATOM   453  C CE2 . TYR   A 1 63  ? -10.755 2.756   5.685   1.00 83.66  ? 59  TYR   A CE2 1 
ATOM   454  C CZ  . TYR   A 1 63  ? -11.888 2.316   6.355   1.00 90.49  ? 59  TYR   A CZ  1 
ATOM   455  O OH  . TYR   A 1 63  ? -11.766 1.537   7.470   1.00 101.20 ? 59  TYR   A OH  1 
ATOM   456  N N   . THR   A 1 64  ? -10.412 6.693   4.519   1.00 71.50  ? 60  THR   A N   1 
ATOM   457  C CA  . THR   A 1 64  ? -9.096  7.245   4.789   1.00 71.77  ? 60  THR   A CA  1 
ATOM   458  C C   . THR   A 1 64  ? -8.472  6.499   5.959   1.00 69.46  ? 60  THR   A C   1 
ATOM   459  O O   . THR   A 1 64  ? -9.142  6.300   6.969   1.00 78.09  ? 60  THR   A O   1 
ATOM   460  C CB  . THR   A 1 64  ? -9.180  8.741   5.122   1.00 74.45  ? 60  THR   A CB  1 
ATOM   461  O OG1 . THR   A 1 64  ? -7.878  9.153   5.544   1.00 86.50  ? 60  THR   A OG1 1 
ATOM   462  C CG2 . THR   A 1 64  ? -10.206 9.076   6.185   1.00 62.47  ? 60  THR   A CG2 1 
ATOM   463  N N   . THR   A 1 65  ? -7.200  6.104   5.823   1.00 63.64  ? 61  THR   A N   1 
ATOM   464  C CA  . THR   A 1 65  ? -6.505  5.528   6.965   1.00 74.62  ? 61  THR   A CA  1 
ATOM   465  C C   . THR   A 1 65  ? -5.101  6.088   7.123   1.00 75.17  ? 61  THR   A C   1 
ATOM   466  O O   . THR   A 1 65  ? -4.444  6.462   6.160   1.00 80.58  ? 61  THR   A O   1 
ATOM   467  C CB  . THR   A 1 65  ? -6.550  3.994   7.053   1.00 72.84  ? 61  THR   A CB  1 
ATOM   468  O OG1 . THR   A 1 65  ? -6.799  3.493   5.744   1.00 63.71  ? 61  THR   A OG1 1 
ATOM   469  C CG2 . THR   A 1 65  ? -7.596  3.496   8.032   1.00 76.44  ? 61  THR   A CG2 1 
ATOM   470  N N   . GLU   A 1 66  ? -4.686  6.126   8.388   1.00 73.47  ? 62  GLU   A N   1 
ATOM   471  C CA  . GLU   A 1 66  ? -3.376  6.574   8.792   1.00 71.38  ? 62  GLU   A CA  1 
ATOM   472  C C   . GLU   A 1 66  ? -2.684  5.397   9.445   1.00 67.59  ? 62  GLU   A C   1 
ATOM   473  O O   . GLU   A 1 66  ? -3.159  4.899   10.456  1.00 68.55  ? 62  GLU   A O   1 
ATOM   474  C CB  . GLU   A 1 66  ? -3.498  7.597   9.913   1.00 76.53  ? 62  GLU   A CB  1 
ATOM   475  C CG  . GLU   A 1 66  ? -3.966  8.958   9.463   1.00 84.14  ? 62  GLU   A CG  1 
ATOM   476  C CD  . GLU   A 1 66  ? -4.377  9.763   10.675  1.00 89.72  ? 62  GLU   A CD  1 
ATOM   477  O OE1 . GLU   A 1 66  ? -4.499  9.152   11.754  1.00 92.44  ? 62  GLU   A OE1 1 
ATOM   478  O OE2 . GLU   A 1 66  ? -4.569  10.981  10.538  1.00 100.62 ? 62  GLU   A OE2 1 
ATOM   479  N N   . ILE   A 1 67  ? -1.559  4.980   8.868   1.00 73.32  ? 63  ILE   A N   1 
ATOM   480  C CA  . ILE   A 1 67  ? -0.702  4.027   9.540   1.00 68.91  ? 63  ILE   A CA  1 
ATOM   481  C C   . ILE   A 1 67  ? 0.561   4.759   9.993   1.00 71.79  ? 63  ILE   A C   1 
ATOM   482  O O   . ILE   A 1 67  ? 0.996   5.733   9.366   1.00 61.73  ? 63  ILE   A O   1 
ATOM   483  C CB  . ILE   A 1 67  ? -0.434  2.799   8.649   1.00 67.60  ? 63  ILE   A CB  1 
ATOM   484  C CG1 . ILE   A 1 67  ? 1.018   2.704   8.191   1.00 64.87  ? 63  ILE   A CG1 1 
ATOM   485  C CG2 . ILE   A 1 67  ? -1.383  2.755   7.465   1.00 68.77  ? 63  ILE   A CG2 1 
ATOM   486  C CD1 . ILE   A 1 67  ? 1.330   1.369   7.578   1.00 72.43  ? 63  ILE   A CD1 1 
ATOM   487  N N   . ASN   A 1 68  ? 1.093   4.296   11.131  1.00 77.46  ? 64  ASN   A N   1 
ATOM   488  C CA  . ASN   A 1 68  ? 2.248   4.875   11.799  1.00 72.98  ? 64  ASN   A CA  1 
ATOM   489  C C   . ASN   A 1 68  ? 3.256   3.756   12.061  1.00 70.60  ? 64  ASN   A C   1 
ATOM   490  O O   . ASN   A 1 68  ? 2.906   2.723   12.636  1.00 66.11  ? 64  ASN   A O   1 
ATOM   491  C CB  . ASN   A 1 68  ? 1.823   5.607   13.076  1.00 72.03  ? 64  ASN   A CB  1 
ATOM   492  C CG  . ASN   A 1 68  ? 1.665   7.104   12.889  1.00 83.74  ? 64  ASN   A CG  1 
ATOM   493  O OD1 . ASN   A 1 68  ? 2.650   7.810   12.655  1.00 88.78  ? 64  ASN   A OD1 1 
ATOM   494  N ND2 . ASN   A 1 68  ? 0.441   7.603   13.012  1.00 76.40  ? 64  ASN   A ND2 1 
ATOM   495  N N   . PHE   A 1 69  ? 4.503   3.951   11.611  1.00 65.41  ? 65  PHE   A N   1 
ATOM   496  C CA  . PHE   A 1 69  ? 5.477   2.880   11.755  1.00 66.27  ? 65  PHE   A CA  1 
ATOM   497  C C   . PHE   A 1 69  ? 6.913   3.404   11.755  1.00 66.98  ? 65  PHE   A C   1 
ATOM   498  O O   . PHE   A 1 69  ? 7.237   4.442   11.175  1.00 69.65  ? 65  PHE   A O   1 
ATOM   499  C CB  . PHE   A 1 69  ? 5.204   1.770   10.733  1.00 67.31  ? 65  PHE   A CB  1 
ATOM   500  C CG  . PHE   A 1 69  ? 5.598   2.103   9.316   1.00 76.82  ? 65  PHE   A CG  1 
ATOM   501  C CD1 . PHE   A 1 69  ? 4.703   2.729   8.458   1.00 77.73  ? 65  PHE   A CD1 1 
ATOM   502  C CD2 . PHE   A 1 69  ? 6.871   1.807   8.842   1.00 76.01  ? 65  PHE   A CD2 1 
ATOM   503  C CE1 . PHE   A 1 69  ? 5.062   3.032   7.153   1.00 68.59  ? 65  PHE   A CE1 1 
ATOM   504  C CE2 . PHE   A 1 69  ? 7.236   2.123   7.541   1.00 68.71  ? 65  PHE   A CE2 1 
ATOM   505  C CZ  . PHE   A 1 69  ? 6.329   2.733   6.703   1.00 72.38  ? 65  PHE   A CZ  1 
ATOM   506  N N   . LYS   A 1 70  ? 7.769   2.664   12.458  1.00 68.96  ? 66  LYS   A N   1 
ATOM   507  C CA  . LYS   A 1 70  ? 9.209   2.850   12.405  1.00 77.30  ? 66  LYS   A CA  1 
ATOM   508  C C   . LYS   A 1 70  ? 9.751   1.634   11.660  1.00 78.45  ? 66  LYS   A C   1 
ATOM   509  O O   . LYS   A 1 70  ? 9.283   0.509   11.856  1.00 78.56  ? 66  LYS   A O   1 
ATOM   510  C CB  . LYS   A 1 70  ? 9.784   2.925   13.830  1.00 82.86  ? 66  LYS   A CB  1 
ATOM   511  C CG  . LYS   A 1 70  ? 11.157  3.571   14.013  1.00 68.16  ? 66  LYS   A CG  1 
ATOM   512  N N   . VAL   A 1 71  ? 10.721  1.859   10.780  1.00 67.46  ? 67  VAL   A N   1 
ATOM   513  C CA  . VAL   A 1 71  ? 11.244  0.707   10.075  1.00 69.05  ? 67  VAL   A CA  1 
ATOM   514  C C   . VAL   A 1 71  ? 11.921  -0.205  11.089  1.00 71.98  ? 67  VAL   A C   1 
ATOM   515  O O   . VAL   A 1 71  ? 12.592  0.264   11.996  1.00 87.51  ? 67  VAL   A O   1 
ATOM   516  C CB  . VAL   A 1 71  ? 12.205  1.121   8.956   1.00 65.24  ? 67  VAL   A CB  1 
ATOM   517  C CG1 . VAL   A 1 71  ? 12.555  -0.073  8.090   1.00 66.64  ? 67  VAL   A CG1 1 
ATOM   518  C CG2 . VAL   A 1 71  ? 11.622  2.249   8.119   1.00 66.04  ? 67  VAL   A CG2 1 
ATOM   519  N N   . GLY   A 1 72  ? 11.709  -1.511  10.941  1.00 78.89  ? 68  GLY   A N   1 
ATOM   520  C CA  . GLY   A 1 72  ? 12.370  -2.497  11.775  1.00 72.14  ? 68  GLY   A CA  1 
ATOM   521  C C   . GLY   A 1 72  ? 11.544  -2.891  12.993  1.00 70.15  ? 68  GLY   A C   1 
ATOM   522  O O   . GLY   A 1 72  ? 11.894  -3.851  13.665  1.00 79.61  ? 68  GLY   A O   1 
ATOM   523  N N   . GLU   A 1 73  ? 10.455  -2.158  13.258  1.00 74.55  ? 69  GLU   A N   1 
ATOM   524  C CA  . GLU   A 1 73  ? 9.590   -2.396  14.406  1.00 75.42  ? 69  GLU   A CA  1 
ATOM   525  C C   . GLU   A 1 73  ? 8.234   -2.966  13.982  1.00 73.48  ? 69  GLU   A C   1 
ATOM   526  O O   . GLU   A 1 73  ? 7.441   -2.286  13.330  1.00 77.36  ? 69  GLU   A O   1 
ATOM   527  C CB  . GLU   A 1 73  ? 9.314   -1.071  15.104  1.00 85.45  ? 69  GLU   A CB  1 
ATOM   528  C CG  . GLU   A 1 73  ? 10.529  -0.459  15.754  1.00 94.29  ? 69  GLU   A CG  1 
ATOM   529  C CD  . GLU   A 1 73  ? 10.101  0.455   16.885  1.00 108.70 ? 69  GLU   A CD  1 
ATOM   530  O OE1 . GLU   A 1 73  ? 8.927   0.917   16.863  1.00 102.81 ? 69  GLU   A OE1 1 
ATOM   531  O OE2 . GLU   A 1 73  ? 10.928  0.685   17.789  1.00 119.16 ? 69  GLU   A OE2 1 
ATOM   532  N N   . GLU   A 1 74  ? 7.960   -4.210  14.402  1.00 71.49  ? 70  GLU   A N   1 
ATOM   533  C CA  . GLU   A 1 74  ? 6.708   -4.905  14.128  1.00 69.79  ? 70  GLU   A CA  1 
ATOM   534  C C   . GLU   A 1 74  ? 5.569   -3.971  14.538  1.00 59.45  ? 70  GLU   A C   1 
ATOM   535  O O   . GLU   A 1 74  ? 5.646   -3.362  15.594  1.00 58.75  ? 70  GLU   A O   1 
ATOM   536  C CB  . GLU   A 1 74  ? 6.689   -6.234  14.907  1.00 77.18  ? 70  GLU   A CB  1 
ATOM   537  C CG  . GLU   A 1 74  ? 6.303   -7.479  14.115  1.00 65.25  ? 70  GLU   A CG  1 
ATOM   538  N N   . PHE   A 1 75  ? 4.558   -3.803  13.680  1.00 61.20  ? 71  PHE   A N   1 
ATOM   539  C CA  . PHE   A 1 75  ? 3.396   -2.979  13.995  1.00 66.86  ? 71  PHE   A CA  1 
ATOM   540  C C   . PHE   A 1 75  ? 2.124   -3.592  13.408  1.00 70.23  ? 71  PHE   A C   1 
ATOM   541  O O   . PHE   A 1 75  ? 2.188   -4.573  12.665  1.00 75.67  ? 71  PHE   A O   1 
ATOM   542  C CB  . PHE   A 1 75  ? 3.581   -1.547  13.499  1.00 62.26  ? 71  PHE   A CB  1 
ATOM   543  C CG  . PHE   A 1 75  ? 3.458   -1.392  12.008  1.00 68.63  ? 71  PHE   A CG  1 
ATOM   544  C CD1 . PHE   A 1 75  ? 4.489   -1.777  11.163  1.00 79.43  ? 71  PHE   A CD1 1 
ATOM   545  C CD2 . PHE   A 1 75  ? 2.316   -0.857  11.442  1.00 68.98  ? 71  PHE   A CD2 1 
ATOM   546  C CE1 . PHE   A 1 75  ? 4.388   -1.615  9.789   1.00 77.83  ? 71  PHE   A CE1 1 
ATOM   547  C CE2 . PHE   A 1 75  ? 2.209   -0.710  10.067  1.00 73.44  ? 71  PHE   A CE2 1 
ATOM   548  C CZ  . PHE   A 1 75  ? 3.244   -1.083  9.243   1.00 73.59  ? 71  PHE   A CZ  1 
ATOM   549  N N   . GLU   A 1 76  ? 0.970   -3.003  13.744  1.00 77.52  ? 72  GLU   A N   1 
ATOM   550  C CA  . GLU   A 1 76  ? -0.318  -3.578  13.376  1.00 81.64  ? 72  GLU   A CA  1 
ATOM   551  C C   . GLU   A 1 76  ? -1.024  -2.698  12.345  1.00 85.98  ? 72  GLU   A C   1 
ATOM   552  O O   . GLU   A 1 76  ? -1.060  -1.473  12.466  1.00 90.54  ? 72  GLU   A O   1 
ATOM   553  C CB  . GLU   A 1 76  ? -1.182  -3.776  14.620  1.00 85.06  ? 72  GLU   A CB  1 
ATOM   554  C CG  . GLU   A 1 76  ? -1.837  -5.136  14.664  1.00 90.48  ? 72  GLU   A CG  1 
ATOM   555  C CD  . GLU   A 1 76  ? -2.751  -5.385  15.852  1.00 92.86  ? 72  GLU   A CD  1 
ATOM   556  O OE1 . GLU   A 1 76  ? -2.236  -5.810  16.909  1.00 94.57  ? 72  GLU   A OE1 1 
ATOM   557  O OE2 . GLU   A 1 76  ? -3.980  -5.169  15.709  1.00 87.20  ? 72  GLU   A OE2 1 
ATOM   558  N N   . GLU   A 1 77  ? -1.563  -3.338  11.306  1.00 81.72  ? 73  GLU   A N   1 
ATOM   559  C CA  . GLU   A 1 77  ? -2.319  -2.630  10.290  1.00 90.43  ? 73  GLU   A CA  1 
ATOM   560  C C   . GLU   A 1 77  ? -3.388  -3.578  9.760   1.00 93.78  ? 73  GLU   A C   1 
ATOM   561  O O   . GLU   A 1 77  ? -3.682  -4.589  10.396  1.00 98.21  ? 73  GLU   A O   1 
ATOM   562  C CB  . GLU   A 1 77  ? -1.406  -2.005  9.222   1.00 94.15  ? 73  GLU   A CB  1 
ATOM   563  C CG  . GLU   A 1 77  ? -0.634  -3.001  8.363   1.00 98.11  ? 73  GLU   A CG  1 
ATOM   564  C CD  . GLU   A 1 77  ? 0.038   -2.505  7.081   1.00 98.15  ? 73  GLU   A CD  1 
ATOM   565  O OE1 . GLU   A 1 77  ? -0.224  -1.359  6.655   1.00 105.28 ? 73  GLU   A OE1 1 
ATOM   566  O OE2 . GLU   A 1 77  ? 0.823   -3.278  6.492   1.00 84.22  ? 73  GLU   A OE2 1 
ATOM   567  N N   . GLN   A 1 78  ? -3.986  -3.229  8.621   1.00 89.69  ? 74  GLN   A N   1 
ATOM   568  C CA  . GLN   A 1 78  ? -4.879  -4.156  7.952   1.00 95.51  ? 74  GLN   A CA  1 
ATOM   569  C C   . GLN   A 1 78  ? -4.340  -4.433  6.550   1.00 95.45  ? 74  GLN   A C   1 
ATOM   570  O O   . GLN   A 1 78  ? -3.629  -3.603  5.980   1.00 100.02 ? 74  GLN   A O   1 
ATOM   571  C CB  . GLN   A 1 78  ? -6.330  -3.656  7.987   1.00 103.31 ? 74  GLN   A CB  1 
ATOM   572  C CG  . GLN   A 1 78  ? -6.635  -2.513  7.023   1.00 111.23 ? 74  GLN   A CG  1 
ATOM   573  N N   . THR   A 1 79  ? -4.792  -5.556  5.999   1.00 81.62  ? 75  THR   A N   1 
ATOM   574  C CA  . THR   A 1 79  ? -4.441  -5.883  4.609   1.00 85.54  ? 75  THR   A CA  1 
ATOM   575  C C   . THR   A 1 79  ? -5.172  -4.901  3.705   1.00 92.58  ? 75  THR   A C   1 
ATOM   576  O O   . THR   A 1 79  ? -5.663  -3.878  4.205   1.00 99.64  ? 75  THR   A O   1 
ATOM   577  C CB  . THR   A 1 79  ? -4.933  -7.289  4.283   1.00 81.95  ? 75  THR   A CB  1 
ATOM   578  O OG1 . THR   A 1 79  ? -6.359  -7.240  4.283   1.00 86.01  ? 75  THR   A OG1 1 
ATOM   579  C CG2 . THR   A 1 79  ? -4.457  -8.324  5.276   1.00 81.92  ? 75  THR   A CG2 1 
ATOM   580  N N   . VAL   A 1 80  ? -5.264  -5.218  2.421   1.00 83.13  ? 76  VAL   A N   1 
ATOM   581  C CA  . VAL   A 1 80  ? -6.011  -4.363  1.511   1.00 86.88  ? 76  VAL   A CA  1 
ATOM   582  C C   . VAL   A 1 80  ? -7.488  -4.736  1.594   1.00 91.82  ? 76  VAL   A C   1 
ATOM   583  O O   . VAL   A 1 80  ? -8.358  -3.869  1.469   1.00 88.88  ? 76  VAL   A O   1 
ATOM   584  C CB  . VAL   A 1 80  ? -5.519  -4.471  0.056   1.00 93.53  ? 76  VAL   A CB  1 
ATOM   585  C CG1 . VAL   A 1 80  ? -5.754  -3.181  -0.719  1.00 89.87  ? 76  VAL   A CG1 1 
ATOM   586  C CG2 . VAL   A 1 80  ? -4.066  -4.910  -0.033  1.00 107.31 ? 76  VAL   A CG2 1 
ATOM   587  N N   . ASP   A 1 81  ? -7.745  -6.044  1.771   1.00 88.31  ? 77  ASP   A N   1 
ATOM   588  C CA  . ASP   A 1 81  ? -9.097  -6.566  1.894   1.00 91.23  ? 77  ASP   A CA  1 
ATOM   589  C C   . ASP   A 1 81  ? -9.598  -6.314  3.317   1.00 94.45  ? 77  ASP   A C   1 
ATOM   590  O O   . ASP   A 1 81  ? -10.709 -6.702  3.674   1.00 97.83  ? 77  ASP   A O   1 
ATOM   591  C CB  . ASP   A 1 81  ? -9.214  -8.003  1.365   1.00 94.28  ? 77  ASP   A CB  1 
ATOM   592  C CG  . ASP   A 1 81  ? -8.726  -9.094  2.312   1.00 110.12 ? 77  ASP   A CG  1 
ATOM   593  O OD1 . ASP   A 1 81  ? -7.556  -9.036  2.726   1.00 112.67 ? 77  ASP   A OD1 1 
ATOM   594  O OD2 . ASP   A 1 81  ? -9.523  -10.002 2.628   1.00 115.26 ? 77  ASP   A OD2 1 
ATOM   595  N N   . GLY   A 1 82  ? -8.752  -5.650  4.116   1.00 84.73  ? 78  GLY   A N   1 
ATOM   596  C CA  . GLY   A 1 82  ? -9.116  -5.158  5.432   1.00 82.62  ? 78  GLY   A CA  1 
ATOM   597  C C   . GLY   A 1 82  ? -9.207  -6.272  6.469   1.00 85.30  ? 78  GLY   A C   1 
ATOM   598  O O   . GLY   A 1 82  ? -10.191 -6.375  7.190   1.00 93.58  ? 78  GLY   A O   1 
ATOM   599  N N   . ARG   A 1 83  ? -8.175  -7.112  6.522   1.00 88.24  ? 79  ARG   A N   1 
ATOM   600  C CA  . ARG   A 1 83  ? -8.014  -8.089  7.584   1.00 85.13  ? 79  ARG   A CA  1 
ATOM   601  C C   . ARG   A 1 83  ? -6.838  -7.623  8.437   1.00 91.33  ? 79  ARG   A C   1 
ATOM   602  O O   . ARG   A 1 83  ? -5.795  -7.253  7.894   1.00 86.39  ? 79  ARG   A O   1 
ATOM   603  C CB  . ARG   A 1 83  ? -7.711  -9.473  6.992   1.00 91.11  ? 79  ARG   A CB  1 
ATOM   604  C CG  . ARG   A 1 83  ? -8.872  -10.176 6.299   1.00 89.81  ? 79  ARG   A CG  1 
ATOM   605  C CD  . ARG   A 1 83  ? -8.433  -11.449 5.583   1.00 90.75  ? 79  ARG   A CD  1 
ATOM   606  N N   . PRO   A 1 84  ? -6.953  -7.609  9.787   1.00 102.27 ? 80  PRO   A N   1 
ATOM   607  C CA  . PRO   A 1 84  ? -5.868  -7.127  10.645  1.00 101.16 ? 80  PRO   A CA  1 
ATOM   608  C C   . PRO   A 1 84  ? -4.652  -8.049  10.613  1.00 87.64  ? 80  PRO   A C   1 
ATOM   609  O O   . PRO   A 1 84  ? -4.790  -9.270  10.573  1.00 83.96  ? 80  PRO   A O   1 
ATOM   610  C CB  . PRO   A 1 84  ? -6.507  -7.021  12.040  1.00 101.32 ? 80  PRO   A CB  1 
ATOM   611  C CG  . PRO   A 1 84  ? -7.999  -7.113  11.781  1.00 105.83 ? 80  PRO   A CG  1 
ATOM   612  C CD  . PRO   A 1 84  ? -8.134  -8.010  10.565  1.00 105.68 ? 80  PRO   A CD  1 
ATOM   613  N N   . CYS   A 1 85  ? -3.464  -7.436  10.615  1.00 85.56  ? 81  CYS   A N   1 
ATOM   614  C CA  . CYS   A 1 85  ? -2.222  -8.157  10.398  1.00 85.33  ? 81  CYS   A CA  1 
ATOM   615  C C   . CYS   A 1 85  ? -1.083  -7.517  11.183  1.00 84.04  ? 81  CYS   A C   1 
ATOM   616  O O   . CYS   A 1 85  ? -1.141  -6.334  11.513  1.00 86.88  ? 81  CYS   A O   1 
ATOM   617  C CB  . CYS   A 1 85  ? -1.855  -8.145  8.920   1.00 92.54  ? 81  CYS   A CB  1 
ATOM   618  S SG  . CYS   A 1 85  ? -1.602  -6.484  8.242   1.00 85.62  ? 81  CYS   A SG  1 
ATOM   619  N N   . LYS   A 1 86  ? -0.059  -8.334  11.464  1.00 86.68  ? 82  LYS   A N   1 
ATOM   620  C CA  . LYS   A 1 86  ? 1.218   -7.914  12.028  1.00 86.80  ? 82  LYS   A CA  1 
ATOM   621  C C   . LYS   A 1 86  ? 2.161   -7.604  10.860  1.00 79.27  ? 82  LYS   A C   1 
ATOM   622  O O   . LYS   A 1 86  ? 2.477   -8.480  10.056  1.00 76.56  ? 82  LYS   A O   1 
ATOM   623  C CB  . LYS   A 1 86  ? 1.736   -9.008  12.980  1.00 88.53  ? 82  LYS   A CB  1 
ATOM   624  C CG  . LYS   A 1 86  ? 2.920   -8.675  13.887  1.00 73.58  ? 82  LYS   A CG  1 
ATOM   625  N N   . SER   A 1 87  ? 2.589   -6.342  10.768  1.00 69.54  ? 83  SER   A N   1 
ATOM   626  C CA  . SER   A 1 87  ? 3.383   -5.874  9.645   1.00 76.23  ? 83  SER   A CA  1 
ATOM   627  C C   . SER   A 1 87  ? 4.762   -5.453  10.127  1.00 75.64  ? 83  SER   A C   1 
ATOM   628  O O   . SER   A 1 87  ? 4.917   -5.109  11.294  1.00 82.56  ? 83  SER   A O   1 
ATOM   629  C CB  . SER   A 1 87  ? 2.696   -4.728  8.969   1.00 77.81  ? 83  SER   A CB  1 
ATOM   630  O OG  . SER   A 1 87  ? 1.538   -5.184  8.301   1.00 90.47  ? 83  SER   A OG  1 
ATOM   631  N N   . LEU   A 1 88  ? 5.739   -5.446  9.210   1.00 73.96  ? 84  LEU   A N   1 
ATOM   632  C CA  . LEU   A 1 88  ? 7.101   -5.038  9.531   1.00 68.50  ? 84  LEU   A CA  1 
ATOM   633  C C   . LEU   A 1 88  ? 7.875   -4.683  8.262   1.00 70.58  ? 84  LEU   A C   1 
ATOM   634  O O   . LEU   A 1 88  ? 8.013   -5.508  7.349   1.00 64.44  ? 84  LEU   A O   1 
ATOM   635  C CB  . LEU   A 1 88  ? 7.798   -6.161  10.299  1.00 59.93  ? 84  LEU   A CB  1 
ATOM   636  C CG  . LEU   A 1 88  ? 9.314   -6.061  10.351  1.00 62.83  ? 84  LEU   A CG  1 
ATOM   637  C CD1 . LEU   A 1 88  ? 9.748   -5.230  11.548  1.00 62.69  ? 84  LEU   A CD1 1 
ATOM   638  C CD2 . LEU   A 1 88  ? 9.942   -7.446  10.381  1.00 64.27  ? 84  LEU   A CD2 1 
ATOM   639  N N   . VAL   A 1 89  ? 8.401   -3.449  8.251   1.00 67.97  ? 85  VAL   A N   1 
ATOM   640  C CA  . VAL   A 1 89  ? 8.989   -2.845  7.066   1.00 66.39  ? 85  VAL   A CA  1 
ATOM   641  C C   . VAL   A 1 89  ? 10.512  -2.898  7.183   1.00 65.45  ? 85  VAL   A C   1 
ATOM   642  O O   . VAL   A 1 89  ? 11.055  -2.757  8.275   1.00 70.66  ? 85  VAL   A O   1 
ATOM   643  C CB  . VAL   A 1 89  ? 8.452   -1.412  6.856   1.00 64.56  ? 85  VAL   A CB  1 
ATOM   644  C CG1 . VAL   A 1 89  ? 9.372   -0.541  6.023   1.00 62.45  ? 85  VAL   A CG1 1 
ATOM   645  C CG2 . VAL   A 1 89  ? 7.050   -1.395  6.263   1.00 57.98  ? 85  VAL   A CG2 1 
ATOM   646  N N   . LYS   A 1 90  ? 11.194  -3.130  6.055   1.00 59.55  ? 86  LYS   A N   1 
ATOM   647  C CA  . LYS   A 1 90  ? 12.648  -3.069  6.020   1.00 59.48  ? 86  LYS   A CA  1 
ATOM   648  C C   . LYS   A 1 90  ? 13.048  -2.297  4.762   1.00 62.07  ? 86  LYS   A C   1 
ATOM   649  O O   . LYS   A 1 90  ? 12.292  -2.280  3.795   1.00 63.41  ? 86  LYS   A O   1 
ATOM   650  C CB  . LYS   A 1 90  ? 13.255  -4.482  6.032   1.00 64.73  ? 86  LYS   A CB  1 
ATOM   651  C CG  . LYS   A 1 90  ? 13.203  -5.288  7.333   1.00 58.58  ? 86  LYS   A CG  1 
ATOM   652  N N   . TRP   A 1 91  ? 14.221  -1.647  4.779   1.00 64.90  ? 87  TRP   A N   1 
ATOM   653  C CA  . TRP   A 1 91  ? 14.762  -1.004  3.588   1.00 67.69  ? 87  TRP   A CA  1 
ATOM   654  C C   . TRP   A 1 91  ? 15.354  -2.022  2.608   1.00 68.88  ? 87  TRP   A C   1 
ATOM   655  O O   . TRP   A 1 91  ? 16.028  -2.977  3.004   1.00 65.46  ? 87  TRP   A O   1 
ATOM   656  C CB  . TRP   A 1 91  ? 15.847  0.008   3.949   1.00 73.09  ? 87  TRP   A CB  1 
ATOM   657  C CG  . TRP   A 1 91  ? 15.433  1.114   4.859   1.00 77.51  ? 87  TRP   A CG  1 
ATOM   658  C CD1 . TRP   A 1 91  ? 15.642  1.193   6.204   1.00 84.22  ? 87  TRP   A CD1 1 
ATOM   659  C CD2 . TRP   A 1 91  ? 14.794  2.338   4.475   1.00 80.45  ? 87  TRP   A CD2 1 
ATOM   660  N NE1 . TRP   A 1 91  ? 15.158  2.378   6.687   1.00 90.58  ? 87  TRP   A NE1 1 
ATOM   661  C CE2 . TRP   A 1 91  ? 14.627  3.097   5.651   1.00 83.28  ? 87  TRP   A CE2 1 
ATOM   662  C CE3 . TRP   A 1 91  ? 14.332  2.851   3.261   1.00 85.50  ? 87  TRP   A CE3 1 
ATOM   663  C CZ2 . TRP   A 1 91  ? 14.022  4.349   5.645   1.00 83.77  ? 87  TRP   A CZ2 1 
ATOM   664  C CZ3 . TRP   A 1 91  ? 13.727  4.085   3.255   1.00 89.33  ? 87  TRP   A CZ3 1 
ATOM   665  C CH2 . TRP   A 1 91  ? 13.574  4.819   4.432   1.00 93.54  ? 87  TRP   A CH2 1 
ATOM   666  N N   . GLU   A 1 92  ? 15.142  -1.741  1.313   1.00 70.79  ? 88  GLU   A N   1 
ATOM   667  C CA  . GLU   A 1 92  ? 15.696  -2.495  0.199   1.00 66.68  ? 88  GLU   A CA  1 
ATOM   668  C C   . GLU   A 1 92  ? 16.823  -1.659  -0.402  1.00 63.40  ? 88  GLU   A C   1 
ATOM   669  O O   . GLU   A 1 92  ? 17.803  -2.191  -0.909  1.00 64.96  ? 88  GLU   A O   1 
ATOM   670  C CB  . GLU   A 1 92  ? 14.595  -2.786  -0.830  1.00 67.57  ? 88  GLU   A CB  1 
ATOM   671  C CG  . GLU   A 1 92  ? 14.491  -4.239  -1.278  1.00 59.99  ? 88  GLU   A CG  1 
ATOM   672  N N   . SER   A 1 93  ? 16.683  -0.339  -0.303  1.00 61.14  ? 89  SER   A N   1 
ATOM   673  C CA  . SER   A 1 93  ? 17.669  0.599   -0.803  1.00 63.68  ? 89  SER   A CA  1 
ATOM   674  C C   . SER   A 1 93  ? 17.324  1.988   -0.270  1.00 65.79  ? 89  SER   A C   1 
ATOM   675  O O   . SER   A 1 93  ? 16.460  2.104   0.595   1.00 64.30  ? 89  SER   A O   1 
ATOM   676  C CB  . SER   A 1 93  ? 17.676  0.589   -2.296  1.00 67.80  ? 89  SER   A CB  1 
ATOM   677  O OG  . SER   A 1 93  ? 16.600  1.381   -2.778  1.00 86.03  ? 89  SER   A OG  1 
ATOM   678  N N   . GLU   A 1 94  ? 17.961  3.034   -0.820  1.00 67.71  ? 90  GLU   A N   1 
ATOM   679  C CA  . GLU   A 1 94  ? 17.841  4.377   -0.270  1.00 70.79  ? 90  GLU   A CA  1 
ATOM   680  C C   . GLU   A 1 94  ? 16.374  4.795   -0.176  1.00 74.10  ? 90  GLU   A C   1 
ATOM   681  O O   . GLU   A 1 94  ? 15.975  5.452   0.784   1.00 73.58  ? 90  GLU   A O   1 
ATOM   682  C CB  . GLU   A 1 94  ? 18.709  5.397   -1.016  1.00 74.87  ? 90  GLU   A CB  1 
ATOM   683  C CG  . GLU   A 1 94  ? 18.141  6.810   -0.965  1.00 82.05  ? 90  GLU   A CG  1 
ATOM   684  C CD  . GLU   A 1 94  ? 19.098  7.988   -0.817  1.00 93.91  ? 90  GLU   A CD  1 
ATOM   685  O OE1 . GLU   A 1 94  ? 19.819  8.296   -1.786  1.00 91.80  ? 90  GLU   A OE1 1 
ATOM   686  O OE2 . GLU   A 1 94  ? 19.099  8.623   0.268   1.00 103.35 ? 90  GLU   A OE2 1 
ATOM   687  N N   . ASN   A 1 95  ? 15.566  4.415   -1.170  1.00 81.49  ? 91  ASN   A N   1 
ATOM   688  C CA  . ASN   A 1 95  ? 14.188  4.884   -1.171  1.00 84.18  ? 91  ASN   A CA  1 
ATOM   689  C C   . ASN   A 1 95  ? 13.250  3.767   -1.616  1.00 72.84  ? 91  ASN   A C   1 
ATOM   690  O O   . ASN   A 1 95  ? 12.306  3.986   -2.362  1.00 71.64  ? 91  ASN   A O   1 
ATOM   691  C CB  . ASN   A 1 95  ? 14.019  6.217   -1.917  1.00 90.97  ? 91  ASN   A CB  1 
ATOM   692  C CG  . ASN   A 1 95  ? 14.584  7.418   -1.178  1.00 90.08  ? 91  ASN   A CG  1 
ATOM   693  O OD1 . ASN   A 1 95  ? 15.433  8.130   -1.708  1.00 81.28  ? 91  ASN   A OD1 1 
ATOM   694  N ND2 . ASN   A 1 95  ? 14.130  7.658   0.045   1.00 98.03  ? 91  ASN   A ND2 1 
ATOM   695  N N   . LYS   A 1 96  ? 13.522  2.555   -1.145  1.00 70.13  ? 92  LYS   A N   1 
ATOM   696  C CA  . LYS   A 1 96  ? 12.597  1.457   -1.353  1.00 70.16  ? 92  LYS   A CA  1 
ATOM   697  C C   . LYS   A 1 96  ? 12.500  0.703   -0.030  1.00 64.61  ? 92  LYS   A C   1 
ATOM   698  O O   . LYS   A 1 96  ? 13.499  0.196   0.482   1.00 55.15  ? 92  LYS   A O   1 
ATOM   699  C CB  . LYS   A 1 96  ? 13.008  0.596   -2.562  1.00 68.22  ? 92  LYS   A CB  1 
ATOM   700  C CG  . LYS   A 1 96  ? 12.011  -0.460  -3.051  1.00 54.00  ? 92  LYS   A CG  1 
ATOM   701  N N   . MET   A 1 97  ? 11.288  0.686   0.527   1.00 57.46  ? 93  MET   A N   1 
ATOM   702  C CA  . MET   A 1 97  ? 11.024  -0.115  1.701   1.00 60.80  ? 93  MET   A CA  1 
ATOM   703  C C   . MET   A 1 97  ? 9.965   -1.150  1.345   1.00 63.45  ? 93  MET   A C   1 
ATOM   704  O O   . MET   A 1 97  ? 9.199   -0.949  0.406   1.00 66.92  ? 93  MET   A O   1 
ATOM   705  C CB  . MET   A 1 97  ? 10.510  0.774   2.831   1.00 68.02  ? 93  MET   A CB  1 
ATOM   706  C CG  . MET   A 1 97  ? 9.081   1.240   2.651   1.00 71.83  ? 93  MET   A CG  1 
ATOM   707  S SD  . MET   A 1 97  ? 8.774   2.693   3.667   1.00 73.98  ? 93  MET   A SD  1 
ATOM   708  C CE  . MET   A 1 97  ? 10.104  3.753   3.100   1.00 77.98  ? 93  MET   A CE  1 
ATOM   709  N N   . VAL   A 1 98  ? 9.951   -2.256  2.095   1.00 63.33  ? 94  VAL   A N   1 
ATOM   710  C CA  . VAL   A 1 98  ? 9.067   -3.377  1.811   1.00 69.50  ? 94  VAL   A CA  1 
ATOM   711  C C   . VAL   A 1 98  ? 8.588   -3.940  3.143   1.00 75.25  ? 94  VAL   A C   1 
ATOM   712  O O   . VAL   A 1 98  ? 9.332   -3.908  4.128   1.00 72.03  ? 94  VAL   A O   1 
ATOM   713  C CB  . VAL   A 1 98  ? 9.722   -4.465  0.930   1.00 68.33  ? 94  VAL   A CB  1 
ATOM   714  C CG1 . VAL   A 1 98  ? 11.087  -4.037  0.389   1.00 68.05  ? 94  VAL   A CG1 1 
ATOM   715  C CG2 . VAL   A 1 98  ? 9.810   -5.816  1.626   1.00 56.56  ? 94  VAL   A CG2 1 
ATOM   716  N N   . CYS   A 1 99  ? 7.338   -4.433  3.135   1.00 71.75  ? 95  CYS   A N   1 
ATOM   717  C CA  . CYS   A 1 99  ? 6.599   -4.739  4.344   1.00 65.47  ? 95  CYS   A CA  1 
ATOM   718  C C   . CYS   A 1 99  ? 5.978   -6.112  4.177   1.00 68.26  ? 95  CYS   A C   1 
ATOM   719  O O   . CYS   A 1 99  ? 5.186   -6.310  3.256   1.00 72.78  ? 95  CYS   A O   1 
ATOM   720  C CB  . CYS   A 1 99  ? 5.470   -3.734  4.541   1.00 69.22  ? 95  CYS   A CB  1 
ATOM   721  S SG  . CYS   A 1 99  ? 4.502   -3.997  6.051   1.00 85.74  ? 95  CYS   A SG  1 
ATOM   722  N N   . GLU   A 1 100 ? 6.364   -7.036  5.068   1.00 66.18  ? 96  GLU   A N   1 
ATOM   723  C CA  . GLU   A 1 100 ? 5.762   -8.359  5.143   1.00 67.85  ? 96  GLU   A CA  1 
ATOM   724  C C   . GLU   A 1 100 ? 4.629   -8.311  6.167   1.00 69.96  ? 96  GLU   A C   1 
ATOM   725  O O   . GLU   A 1 100 ? 4.819   -7.813  7.276   1.00 79.77  ? 96  GLU   A O   1 
ATOM   726  C CB  . GLU   A 1 100 ? 6.819   -9.419  5.470   1.00 62.26  ? 96  GLU   A CB  1 
ATOM   727  N N   . GLN   A 1 101 ? 3.443   -8.791  5.771   1.00 67.35  ? 97  GLN   A N   1 
ATOM   728  C CA  . GLN   A 1 101 ? 2.295   -8.859  6.663   1.00 66.95  ? 97  GLN   A CA  1 
ATOM   729  C C   . GLN   A 1 101 ? 2.036   -10.318 7.010   1.00 75.86  ? 97  GLN   A C   1 
ATOM   730  O O   . GLN   A 1 101 ? 2.088   -11.190 6.144   1.00 83.31  ? 97  GLN   A O   1 
ATOM   731  C CB  . GLN   A 1 101 ? 1.058   -8.195  6.065   1.00 61.52  ? 97  GLN   A CB  1 
ATOM   732  C CG  . GLN   A 1 101 ? 1.347   -6.854  5.404   1.00 71.63  ? 97  GLN   A CG  1 
ATOM   733  C CD  . GLN   A 1 101 ? 0.136   -6.279  4.711   1.00 75.73  ? 97  GLN   A CD  1 
ATOM   734  O OE1 . GLN   A 1 101 ? -0.548  -6.958  3.948   1.00 82.68  ? 97  GLN   A OE1 1 
ATOM   735  N NE2 . GLN   A 1 101 ? -0.149  -5.017  4.981   1.00 74.04  ? 97  GLN   A NE2 1 
ATOM   736  N N   . LYS   A 1 102 ? 1.817   -10.562 8.307   1.00 85.58  ? 98  LYS   A N   1 
ATOM   737  C CA  . LYS   A 1 102 ? 1.479   -11.871 8.835   1.00 86.91  ? 98  LYS   A CA  1 
ATOM   738  C C   . LYS   A 1 102 ? 0.178   -11.697 9.611   1.00 96.49  ? 98  LYS   A C   1 
ATOM   739  O O   . LYS   A 1 102 ? 0.060   -10.762 10.405  1.00 91.46  ? 98  LYS   A O   1 
ATOM   740  C CB  . LYS   A 1 102 ? 2.633   -12.446 9.672   1.00 78.90  ? 98  LYS   A CB  1 
ATOM   741  N N   . LEU   A 1 103 ? -0.791  -12.583 9.336   1.00 98.14  ? 99  LEU   A N   1 
ATOM   742  C CA  . LEU   A 1 103 ? -2.164  -12.414 9.784   1.00 94.35  ? 99  LEU   A CA  1 
ATOM   743  C C   . LEU   A 1 103 ? -2.303  -12.734 11.270  1.00 98.16  ? 99  LEU   A C   1 
ATOM   744  O O   . LEU   A 1 103 ? -1.828  -13.777 11.720  1.00 109.09 ? 99  LEU   A O   1 
ATOM   745  C CB  . LEU   A 1 103 ? -3.055  -13.336 8.953   1.00 86.84  ? 99  LEU   A CB  1 
ATOM   746  C CG  . LEU   A 1 103 ? -3.628  -12.722 7.680   1.00 78.54  ? 99  LEU   A CG  1 
ATOM   747  C CD1 . LEU   A 1 103 ? -4.242  -13.815 6.813   1.00 79.18  ? 99  LEU   A CD1 1 
ATOM   748  C CD2 . LEU   A 1 103 ? -4.651  -11.641 8.014   1.00 63.95  ? 99  LEU   A CD2 1 
ATOM   749  N N   . LEU   A 1 104 ? -2.989  -11.834 11.996  1.00 93.08  ? 100 LEU   A N   1 
ATOM   750  C CA  . LEU   A 1 104 ? -3.224  -11.943 13.430  1.00 100.76 ? 100 LEU   A CA  1 
ATOM   751  C C   . LEU   A 1 104 ? -3.989  -13.228 13.733  1.00 107.08 ? 100 LEU   A C   1 
ATOM   752  O O   . LEU   A 1 104 ? -3.513  -14.098 14.463  1.00 108.95 ? 100 LEU   A O   1 
ATOM   753  C CB  . LEU   A 1 104 ? -4.074  -10.757 13.903  1.00 92.15  ? 100 LEU   A CB  1 
ATOM   754  C CG  . LEU   A 1 104 ? -3.430  -9.373  13.926  1.00 85.95  ? 100 LEU   A CG  1 
ATOM   755  C CD1 . LEU   A 1 104 ? -4.402  -8.389  14.552  1.00 84.29  ? 100 LEU   A CD1 1 
ATOM   756  C CD2 . LEU   A 1 104 ? -2.102  -9.367  14.679  1.00 76.70  ? 100 LEU   A CD2 1 
ATOM   757  N N   . LYS   A 1 105 ? -5.217  -13.271 13.211  1.00 108.54 ? 101 LYS   A N   1 
ATOM   758  C CA  . LYS   A 1 105 ? -6.090  -14.425 13.274  1.00 107.28 ? 101 LYS   A CA  1 
ATOM   759  C C   . LYS   A 1 105 ? -6.226  -14.932 11.844  1.00 112.84 ? 101 LYS   A C   1 
ATOM   760  O O   . LYS   A 1 105 ? -5.579  -14.395 10.947  1.00 117.99 ? 101 LYS   A O   1 
ATOM   761  C CB  . LYS   A 1 105 ? -7.429  -14.005 13.897  1.00 91.94  ? 101 LYS   A CB  1 
ATOM   762  N N   . GLY   A 1 106 ? -7.045  -15.972 11.647  1.00 121.13 ? 102 GLY   A N   1 
ATOM   763  C CA  . GLY   A 1 106 ? -7.432  -16.440 10.324  1.00 116.28 ? 102 GLY   A CA  1 
ATOM   764  C C   . GLY   A 1 106 ? -6.276  -17.065 9.545   1.00 113.40 ? 102 GLY   A C   1 
ATOM   765  O O   . GLY   A 1 106 ? -5.155  -17.156 10.046  1.00 116.86 ? 102 GLY   A O   1 
ATOM   766  N N   . GLU   A 1 107 ? -6.587  -17.511 8.321   1.00 116.57 ? 103 GLU   A N   1 
ATOM   767  C CA  . GLU   A 1 107 ? -5.609  -17.977 7.349   1.00 115.15 ? 103 GLU   A CA  1 
ATOM   768  C C   . GLU   A 1 107 ? -5.872  -17.280 6.012   1.00 104.65 ? 103 GLU   A C   1 
ATOM   769  O O   . GLU   A 1 107 ? -6.943  -16.703 5.804   1.00 97.35  ? 103 GLU   A O   1 
ATOM   770  C CB  . GLU   A 1 107 ? -5.655  -19.505 7.225   1.00 106.55 ? 103 GLU   A CB  1 
ATOM   771  N N   . GLY   A 1 108 ? -4.883  -17.316 5.112   1.00 90.68  ? 104 GLY   A N   1 
ATOM   772  C CA  . GLY   A 1 108 ? -5.111  -16.841 3.758   1.00 85.43  ? 104 GLY   A CA  1 
ATOM   773  C C   . GLY   A 1 108 ? -3.830  -16.427 3.042   1.00 90.58  ? 104 GLY   A C   1 
ATOM   774  O O   . GLY   A 1 108 ? -2.727  -16.702 3.515   1.00 103.20 ? 104 GLY   A O   1 
ATOM   775  N N   . PRO   A 1 109 ? -3.955  -15.719 1.895   1.00 86.60  ? 105 PRO   A N   1 
ATOM   776  C CA  . PRO   A 1 109 ? -2.816  -15.425 1.014   1.00 87.11  ? 105 PRO   A CA  1 
ATOM   777  C C   . PRO   A 1 109 ? -1.651  -14.630 1.612   1.00 85.14  ? 105 PRO   A C   1 
ATOM   778  O O   . PRO   A 1 109 ? -1.806  -13.921 2.605   1.00 84.13  ? 105 PRO   A O   1 
ATOM   779  C CB  . PRO   A 1 109 ? -3.443  -14.606 -0.126  1.00 78.91  ? 105 PRO   A CB  1 
ATOM   780  C CG  . PRO   A 1 109 ? -4.910  -14.958 -0.075  1.00 84.41  ? 105 PRO   A CG  1 
ATOM   781  C CD  . PRO   A 1 109 ? -5.216  -15.157 1.393   1.00 80.03  ? 105 PRO   A CD  1 
ATOM   782  N N   . LYS   A 1 110 ? -0.479  -14.751 0.971   1.00 82.93  ? 106 LYS   A N   1 
ATOM   783  C CA  . LYS   A 1 110 ? 0.729   -14.066 1.399   1.00 81.97  ? 106 LYS   A CA  1 
ATOM   784  C C   . LYS   A 1 110 ? 0.681   -12.627 0.875   1.00 85.28  ? 106 LYS   A C   1 
ATOM   785  O O   . LYS   A 1 110 ? 0.926   -12.377 -0.304  1.00 86.11  ? 106 LYS   A O   1 
ATOM   786  C CB  . LYS   A 1 110 ? 1.967   -14.865 0.963   1.00 79.22  ? 106 LYS   A CB  1 
ATOM   787  C CG  . LYS   A 1 110 ? 3.176   -14.831 1.901   1.00 66.37  ? 106 LYS   A CG  1 
ATOM   788  N N   . THR   A 1 111 ? 0.339   -11.689 1.768   1.00 83.73  ? 107 THR   A N   1 
ATOM   789  C CA  . THR   A 1 111 ? 0.245   -10.282 1.419   1.00 80.39  ? 107 THR   A CA  1 
ATOM   790  C C   . THR   A 1 111 ? 1.545   -9.578  1.773   1.00 75.60  ? 107 THR   A C   1 
ATOM   791  O O   . THR   A 1 111 ? 2.138   -9.863  2.804   1.00 80.66  ? 107 THR   A O   1 
ATOM   792  C CB  . THR   A 1 111 ? -0.836  -9.554  2.227   1.00 89.33  ? 107 THR   A CB  1 
ATOM   793  O OG1 . THR   A 1 111 ? -1.333  -10.410 3.258   1.00 95.23  ? 107 THR   A OG1 1 
ATOM   794  C CG2 . THR   A 1 111 ? -1.969  -9.034  1.367   1.00 101.69 ? 107 THR   A CG2 1 
ATOM   795  N N   . SER   A 1 112 ? 1.955   -8.645  0.912   1.00 80.27  ? 108 SER   A N   1 
ATOM   796  C CA  . SER   A 1 112 ? 3.042   -7.720  1.192   1.00 75.69  ? 108 SER   A CA  1 
ATOM   797  C C   . SER   A 1 112 ? 2.769   -6.389  0.493   1.00 75.45  ? 108 SER   A C   1 
ATOM   798  O O   . SER   A 1 112 ? 1.820   -6.258  -0.281  1.00 79.82  ? 108 SER   A O   1 
ATOM   799  C CB  . SER   A 1 112 ? 4.331   -8.278  0.704   1.00 74.47  ? 108 SER   A CB  1 
ATOM   800  O OG  . SER   A 1 112 ? 4.445   -8.015  -0.687  1.00 86.13  ? 108 SER   A OG  1 
ATOM   801  N N   . TRP   A 1 113 ? 3.622   -5.403  0.767   1.00 69.04  ? 109 TRP   A N   1 
ATOM   802  C CA  . TRP   A 1 113 ? 3.573   -4.155  0.029   1.00 67.28  ? 109 TRP   A CA  1 
ATOM   803  C C   . TRP   A 1 113 ? 4.927   -3.467  0.088   1.00 69.74  ? 109 TRP   A C   1 
ATOM   804  O O   . TRP   A 1 113 ? 5.632   -3.520  1.102   1.00 67.21  ? 109 TRP   A O   1 
ATOM   805  C CB  . TRP   A 1 113 ? 2.456   -3.231  0.537   1.00 69.03  ? 109 TRP   A CB  1 
ATOM   806  C CG  . TRP   A 1 113 ? 2.657   -2.687  1.918   1.00 72.04  ? 109 TRP   A CG  1 
ATOM   807  C CD1 . TRP   A 1 113 ? 2.084   -3.148  3.067   1.00 74.24  ? 109 TRP   A CD1 1 
ATOM   808  C CD2 . TRP   A 1 113 ? 3.489   -1.574  2.306   1.00 71.85  ? 109 TRP   A CD2 1 
ATOM   809  N NE1 . TRP   A 1 113 ? 2.491   -2.396  4.138   1.00 73.03  ? 109 TRP   A NE1 1 
ATOM   810  C CE2 . TRP   A 1 113 ? 3.356   -1.430  3.706   1.00 65.28  ? 109 TRP   A CE2 1 
ATOM   811  C CE3 . TRP   A 1 113 ? 4.324   -0.689  1.613   1.00 68.49  ? 109 TRP   A CE3 1 
ATOM   812  C CZ2 . TRP   A 1 113 ? 4.022   -0.440  4.417   1.00 61.57  ? 109 TRP   A CZ2 1 
ATOM   813  C CZ3 . TRP   A 1 113 ? 4.992   0.287   2.320   1.00 61.41  ? 109 TRP   A CZ3 1 
ATOM   814  C CH2 . TRP   A 1 113 ? 4.838   0.402   3.699   1.00 65.06  ? 109 TRP   A CH2 1 
ATOM   815  N N   . THR   A 1 114 ? 5.250   -2.791  -1.012  1.00 71.89  ? 110 THR   A N   1 
ATOM   816  C CA  . THR   A 1 114 ? 6.458   -1.991  -1.058  1.00 73.31  ? 110 THR   A CA  1 
ATOM   817  C C   . THR   A 1 114 ? 6.128   -0.584  -1.548  1.00 69.91  ? 110 THR   A C   1 
ATOM   818  O O   . THR   A 1 114 ? 5.200   -0.383  -2.326  1.00 73.30  ? 110 THR   A O   1 
ATOM   819  C CB  . THR   A 1 114 ? 7.519   -2.640  -1.947  1.00 65.18  ? 110 THR   A CB  1 
ATOM   820  O OG1 . THR   A 1 114 ? 7.210   -2.070  -3.212  1.00 78.04  ? 110 THR   A OG1 1 
ATOM   821  C CG2 . THR   A 1 114 ? 7.413   -4.148  -2.005  1.00 64.09  ? 110 THR   A CG2 1 
ATOM   822  N N   . LYS   A 1 115 ? 6.911   0.374   -1.057  1.00 69.82  ? 111 LYS   A N   1 
ATOM   823  C CA  . LYS   A 1 115 ? 6.922   1.737   -1.547  1.00 70.18  ? 111 LYS   A CA  1 
ATOM   824  C C   . LYS   A 1 115 ? 8.345   2.078   -1.994  1.00 80.47  ? 111 LYS   A C   1 
ATOM   825  O O   . LYS   A 1 115 ? 9.334   1.737   -1.330  1.00 73.14  ? 111 LYS   A O   1 
ATOM   826  C CB  . LYS   A 1 115 ? 6.363   2.692   -0.489  1.00 66.24  ? 111 LYS   A CB  1 
ATOM   827  C CG  . LYS   A 1 115 ? 4.847   2.701   -0.391  1.00 72.60  ? 111 LYS   A CG  1 
ATOM   828  C CD  . LYS   A 1 115 ? 4.288   3.620   0.676   1.00 78.47  ? 111 LYS   A CD  1 
ATOM   829  C CE  . LYS   A 1 115 ? 2.867   4.090   0.391   1.00 89.38  ? 111 LYS   A CE  1 
ATOM   830  N NZ  . LYS   A 1 115 ? 1.948   3.019   -0.079  1.00 83.83  ? 111 LYS   A NZ  1 
ATOM   831  N N   . GLU   A 1 116 ? 8.409   2.737   -3.157  1.00 80.97  ? 112 GLU   A N   1 
ATOM   832  C CA  . GLU   A 1 116 ? 9.649   3.093   -3.818  1.00 74.17  ? 112 GLU   A CA  1 
ATOM   833  C C   . GLU   A 1 116 ? 9.479   4.444   -4.493  1.00 71.66  ? 112 GLU   A C   1 
ATOM   834  O O   . GLU   A 1 116 ? 8.420   4.729   -5.041  1.00 76.22  ? 112 GLU   A O   1 
ATOM   835  C CB  . GLU   A 1 116 ? 9.950   2.101   -4.934  1.00 72.33  ? 112 GLU   A CB  1 
ATOM   836  C CG  . GLU   A 1 116 ? 10.683  2.753   -6.082  1.00 74.57  ? 112 GLU   A CG  1 
ATOM   837  C CD  . GLU   A 1 116 ? 11.915  2.001   -6.535  1.00 77.35  ? 112 GLU   A CD  1 
ATOM   838  O OE1 . GLU   A 1 116 ? 11.805  0.780   -6.772  1.00 79.26  ? 112 GLU   A OE1 1 
ATOM   839  O OE2 . GLU   A 1 116 ? 12.982  2.636   -6.619  1.00 73.47  ? 112 GLU   A OE2 1 
ATOM   840  N N   . LEU   A 1 117 ? 10.549  5.239   -4.462  1.00 72.31  ? 113 LEU   A N   1 
ATOM   841  C CA  . LEU   A 1 117 ? 10.625  6.518   -5.135  1.00 72.93  ? 113 LEU   A CA  1 
ATOM   842  C C   . LEU   A 1 117 ? 11.576  6.367   -6.307  1.00 81.13  ? 113 LEU   A C   1 
ATOM   843  O O   . LEU   A 1 117 ? 12.746  6.053   -6.099  1.00 91.83  ? 113 LEU   A O   1 
ATOM   844  C CB  . LEU   A 1 117 ? 11.192  7.544   -4.160  1.00 69.17  ? 113 LEU   A CB  1 
ATOM   845  C CG  . LEU   A 1 117 ? 10.163  8.474   -3.539  1.00 71.53  ? 113 LEU   A CG  1 
ATOM   846  C CD1 . LEU   A 1 117 ? 10.632  8.896   -2.166  1.00 90.89  ? 113 LEU   A CD1 1 
ATOM   847  C CD2 . LEU   A 1 117 ? 9.969   9.695   -4.417  1.00 79.11  ? 113 LEU   A CD2 1 
ATOM   848  N N   . THR   A 1 118 ? 11.055  6.600   -7.517  1.00 87.98  ? 114 THR   A N   1 
ATOM   849  C CA  . THR   A 1 118 ? 11.840  6.490   -8.735  1.00 85.13  ? 114 THR   A CA  1 
ATOM   850  C C   . THR   A 1 118 ? 12.722  7.728   -8.855  1.00 92.65  ? 114 THR   A C   1 
ATOM   851  O O   . THR   A 1 118 ? 12.482  8.735   -8.186  1.00 83.21  ? 114 THR   A O   1 
ATOM   852  C CB  . THR   A 1 118 ? 10.943  6.318   -9.965  1.00 88.42  ? 114 THR   A CB  1 
ATOM   853  O OG1 . THR   A 1 118 ? 10.230  7.544   -10.125 1.00 89.65  ? 114 THR   A OG1 1 
ATOM   854  C CG2 . THR   A 1 118 ? 9.986   5.148   -9.854  1.00 89.29  ? 114 THR   A CG2 1 
ATOM   855  N N   . ASN   A 1 119 ? 13.740  7.626   -9.718  1.00 101.30 ? 115 ASN   A N   1 
ATOM   856  C CA  . ASN   A 1 119 ? 14.713  8.686   -9.921  1.00 100.12 ? 115 ASN   A CA  1 
ATOM   857  C C   . ASN   A 1 119 ? 14.120  9.775   -10.806 1.00 103.83 ? 115 ASN   A C   1 
ATOM   858  O O   . ASN   A 1 119 ? 14.799  10.754  -11.102 1.00 120.89 ? 115 ASN   A O   1 
ATOM   859  C CB  . ASN   A 1 119 ? 16.022  8.141   -10.492 1.00 103.46 ? 115 ASN   A CB  1 
ATOM   860  C CG  . ASN   A 1 119 ? 16.836  7.404   -9.449  1.00 109.66 ? 115 ASN   A CG  1 
ATOM   861  O OD1 . ASN   A 1 119 ? 17.054  6.202   -9.566  1.00 117.59 ? 115 ASN   A OD1 1 
ATOM   862  N ND2 . ASN   A 1 119 ? 17.266  8.111   -8.416  1.00 103.38 ? 115 ASN   A ND2 1 
ATOM   863  N N   . ASP   A 1 120 ? 12.860  9.585   -11.223 1.00 111.68 ? 116 ASP   A N   1 
ATOM   864  C CA  . ASP   A 1 120 ? 12.098  10.598  -11.941 1.00 107.70 ? 116 ASP   A CA  1 
ATOM   865  C C   . ASP   A 1 120 ? 10.862  11.001  -11.132 1.00 96.20  ? 116 ASP   A C   1 
ATOM   866  O O   . ASP   A 1 120 ? 9.863   11.436  -11.698 1.00 98.16  ? 116 ASP   A O   1 
ATOM   867  C CB  . ASP   A 1 120 ? 11.808  10.188  -13.390 1.00 109.40 ? 116 ASP   A CB  1 
ATOM   868  C CG  . ASP   A 1 120 ? 11.146  8.826   -13.521 1.00 119.94 ? 116 ASP   A CG  1 
ATOM   869  O OD1 . ASP   A 1 120 ? 10.348  8.462   -12.626 1.00 117.95 ? 116 ASP   A OD1 1 
ATOM   870  O OD2 . ASP   A 1 120 ? 11.439  8.135   -14.515 1.00 119.36 ? 116 ASP   A OD2 1 
ATOM   871  N N   . GLY   A 1 121 ? 10.941  10.825  -9.809  1.00 92.13  ? 117 GLY   A N   1 
ATOM   872  C CA  . GLY   A 1 121 ? 10.070  11.486  -8.849  1.00 87.42  ? 117 GLY   A CA  1 
ATOM   873  C C   . GLY   A 1 121 ? 8.634   10.971  -8.848  1.00 84.88  ? 117 GLY   A C   1 
ATOM   874  O O   . GLY   A 1 121 ? 7.708   11.723  -8.563  1.00 92.98  ? 117 GLY   A O   1 
ATOM   875  N N   . GLU   A 1 122 ? 8.449   9.693   -9.182  1.00 87.15  ? 118 GLU   A N   1 
ATOM   876  C CA  . GLU   A 1 122 ? 7.153   9.058   -9.008  1.00 86.77  ? 118 GLU   A CA  1 
ATOM   877  C C   . GLU   A 1 122 ? 7.233   8.247   -7.723  1.00 79.69  ? 118 GLU   A C   1 
ATOM   878  O O   . GLU   A 1 122 ? 8.334   7.880   -7.320  1.00 73.99  ? 118 GLU   A O   1 
ATOM   879  C CB  . GLU   A 1 122 ? 6.815   8.144   -10.194 1.00 97.47  ? 118 GLU   A CB  1 
ATOM   880  C CG  . GLU   A 1 122 ? 6.340   8.886   -11.441 1.00 106.25 ? 118 GLU   A CG  1 
ATOM   881  C CD  . GLU   A 1 122 ? 6.099   8.073   -12.710 1.00 102.19 ? 118 GLU   A CD  1 
ATOM   882  O OE1 . GLU   A 1 122 ? 5.946   6.844   -12.617 1.00 90.97  ? 118 GLU   A OE1 1 
ATOM   883  O OE2 . GLU   A 1 122 ? 6.062   8.682   -13.800 1.00 110.28 ? 118 GLU   A OE2 1 
ATOM   884  N N   . LEU   A 1 123 ? 6.076   8.007   -7.090  1.00 71.94  ? 119 LEU   A N   1 
ATOM   885  C CA  . LEU   A 1 123 ? 5.958   7.012   -6.036  1.00 70.76  ? 119 LEU   A CA  1 
ATOM   886  C C   . LEU   A 1 123 ? 5.388   5.721   -6.606  1.00 67.88  ? 119 LEU   A C   1 
ATOM   887  O O   . LEU   A 1 123 ? 4.361   5.747   -7.275  1.00 79.82  ? 119 LEU   A O   1 
ATOM   888  C CB  . LEU   A 1 123 ? 5.047   7.543   -4.930  1.00 73.51  ? 119 LEU   A CB  1 
ATOM   889  C CG  . LEU   A 1 123 ? 4.786   6.569   -3.781  1.00 74.95  ? 119 LEU   A CG  1 
ATOM   890  C CD1 . LEU   A 1 123 ? 6.064   5.866   -3.347  1.00 72.87  ? 119 LEU   A CD1 1 
ATOM   891  C CD2 . LEU   A 1 123 ? 4.179   7.306   -2.601  1.00 77.16  ? 119 LEU   A CD2 1 
ATOM   892  N N   . ILE   A 1 124 ? 6.040   4.592   -6.319  1.00 64.64  ? 120 ILE   A N   1 
ATOM   893  C CA  . ILE   A 1 124 ? 5.577   3.330   -6.872  1.00 70.20  ? 120 ILE   A CA  1 
ATOM   894  C C   . ILE   A 1 124 ? 5.219   2.371   -5.745  1.00 75.37  ? 120 ILE   A C   1 
ATOM   895  O O   . ILE   A 1 124 ? 6.088   1.894   -5.007  1.00 82.08  ? 120 ILE   A O   1 
ATOM   896  C CB  . ILE   A 1 124 ? 6.581   2.696   -7.858  1.00 66.21  ? 120 ILE   A CB  1 
ATOM   897  C CG1 . ILE   A 1 124 ? 6.589   3.400   -9.221  1.00 71.49  ? 120 ILE   A CG1 1 
ATOM   898  C CG2 . ILE   A 1 124 ? 6.297   1.210   -7.990  1.00 63.89  ? 120 ILE   A CG2 1 
ATOM   899  C CD1 . ILE   A 1 124 ? 6.565   2.469   -10.437 1.00 67.39  ? 120 ILE   A CD1 1 
ATOM   900  N N   . LEU   A 1 125 ? 3.922   2.072   -5.659  1.00 72.63  ? 121 LEU   A N   1 
ATOM   901  C CA  . LEU   A 1 125 ? 3.446   1.100   -4.696  1.00 75.63  ? 121 LEU   A CA  1 
ATOM   902  C C   . LEU   A 1 125 ? 3.195   -0.213  -5.419  1.00 72.60  ? 121 LEU   A C   1 
ATOM   903  O O   . LEU   A 1 125 ? 2.499   -0.232  -6.434  1.00 76.62  ? 121 LEU   A O   1 
ATOM   904  C CB  . LEU   A 1 125 ? 2.164   1.612   -4.033  1.00 75.90  ? 121 LEU   A CB  1 
ATOM   905  C CG  . LEU   A 1 125 ? 1.423   0.565   -3.206  1.00 74.47  ? 121 LEU   A CG  1 
ATOM   906  C CD1 . LEU   A 1 125 ? 1.931   0.551   -1.776  1.00 80.56  ? 121 LEU   A CD1 1 
ATOM   907  C CD2 . LEU   A 1 125 ? -0.072  0.817   -3.238  1.00 77.07  ? 121 LEU   A CD2 1 
ATOM   908  N N   . THR   A 1 126 ? 3.783   -1.290  -4.894  1.00 66.10  ? 122 THR   A N   1 
ATOM   909  C CA  . THR   A 1 126 ? 3.402   -2.626  -5.321  1.00 69.81  ? 122 THR   A CA  1 
ATOM   910  C C   . THR   A 1 126 ? 2.819   -3.354  -4.114  1.00 65.54  ? 122 THR   A C   1 
ATOM   911  O O   . THR   A 1 126 ? 3.251   -3.116  -2.994  1.00 71.98  ? 122 THR   A O   1 
ATOM   912  C CB  . THR   A 1 126 ? 4.555   -3.366  -6.016  1.00 73.44  ? 122 THR   A CB  1 
ATOM   913  O OG1 . THR   A 1 126 ? 5.634   -3.372  -5.088  1.00 85.66  ? 122 THR   A OG1 1 
ATOM   914  C CG2 . THR   A 1 126 ? 5.019   -2.740  -7.315  1.00 67.15  ? 122 THR   A CG2 1 
ATOM   915  N N   . MET   A 1 127 ? 1.811   -4.199  -4.359  1.00 68.03  ? 123 MET   A N   1 
ATOM   916  C CA  . MET   A 1 127 ? 1.099   -4.959  -3.344  1.00 64.37  ? 123 MET   A CA  1 
ATOM   917  C C   . MET   A 1 127 ? 0.885   -6.384  -3.857  1.00 74.32  ? 123 MET   A C   1 
ATOM   918  O O   . MET   A 1 127 ? 0.156   -6.609  -4.824  1.00 69.33  ? 123 MET   A O   1 
ATOM   919  C CB  . MET   A 1 127 ? -0.274  -4.353  -3.060  1.00 59.17  ? 123 MET   A CB  1 
ATOM   920  C CG  . MET   A 1 127 ? -0.246  -2.900  -2.686  1.00 64.95  ? 123 MET   A CG  1 
ATOM   921  S SD  . MET   A 1 127 ? -1.943  -2.243  -2.600  1.00 84.74  ? 123 MET   A SD  1 
ATOM   922  C CE  . MET   A 1 127 ? -2.188  -1.663  -4.277  1.00 81.74  ? 123 MET   A CE  1 
ATOM   923  N N   . THR   A 1 128 ? 1.532   -7.347  -3.187  1.00 79.50  ? 124 THR   A N   1 
ATOM   924  C CA  . THR   A 1 128 ? 1.451   -8.747  -3.553  1.00 67.27  ? 124 THR   A CA  1 
ATOM   925  C C   . THR   A 1 128 ? 0.419   -9.442  -2.680  1.00 73.40  ? 124 THR   A C   1 
ATOM   926  O O   . THR   A 1 128 ? 0.254   -9.133  -1.504  1.00 79.38  ? 124 THR   A O   1 
ATOM   927  C CB  . THR   A 1 128 ? 2.805   -9.445  -3.411  1.00 71.52  ? 124 THR   A CB  1 
ATOM   928  O OG1 . THR   A 1 128 ? 3.822   -8.530  -3.813  1.00 82.46  ? 124 THR   A OG1 1 
ATOM   929  C CG2 . THR   A 1 128 ? 2.919   -10.698 -4.251  1.00 78.32  ? 124 THR   A CG2 1 
ATOM   930  N N   . ALA   A 1 129 ? -0.301  -10.367 -3.307  1.00 82.68  ? 125 ALA   A N   1 
ATOM   931  C CA  . ALA   A 1 129 ? -1.027  -11.402 -2.602  1.00 85.51  ? 125 ALA   A CA  1 
ATOM   932  C C   . ALA   A 1 129 ? -0.799  -12.709 -3.354  1.00 86.03  ? 125 ALA   A C   1 
ATOM   933  O O   . ALA   A 1 129 ? -1.315  -12.890 -4.458  1.00 94.02  ? 125 ALA   A O   1 
ATOM   934  C CB  . ALA   A 1 129 ? -2.481  -11.029 -2.488  1.00 84.62  ? 125 ALA   A CB  1 
ATOM   935  N N   . ASP   A 1 130 ? 0.037   -13.573 -2.763  1.00 83.77  ? 126 ASP   A N   1 
ATOM   936  C CA  . ASP   A 1 130 ? 0.465   -14.819 -3.378  1.00 90.61  ? 126 ASP   A CA  1 
ATOM   937  C C   . ASP   A 1 130 ? 1.190   -14.519 -4.686  1.00 85.44  ? 126 ASP   A C   1 
ATOM   938  O O   . ASP   A 1 130 ? 2.149   -13.749 -4.701  1.00 84.41  ? 126 ASP   A O   1 
ATOM   939  C CB  . ASP   A 1 130 ? -0.696  -15.807 -3.544  1.00 91.66  ? 126 ASP   A CB  1 
ATOM   940  C CG  . ASP   A 1 130 ? -1.211  -16.379 -2.233  1.00 99.65  ? 126 ASP   A CG  1 
ATOM   941  O OD1 . ASP   A 1 130 ? -0.405  -16.505 -1.277  1.00 100.09 ? 126 ASP   A OD1 1 
ATOM   942  O OD2 . ASP   A 1 130 ? -2.414  -16.699 -2.177  1.00 98.78  ? 126 ASP   A OD2 1 
ATOM   943  N N   . ASP   A 1 131 ? 0.695   -15.112 -5.780  1.00 81.34  ? 127 ASP   A N   1 
ATOM   944  C CA  . ASP   A 1 131 ? 1.334   -15.018 -7.082  1.00 87.96  ? 127 ASP   A CA  1 
ATOM   945  C C   . ASP   A 1 131 ? 1.002   -13.674 -7.740  1.00 94.88  ? 127 ASP   A C   1 
ATOM   946  O O   . ASP   A 1 131 ? 1.553   -13.370 -8.799  1.00 98.14  ? 127 ASP   A O   1 
ATOM   947  C CB  . ASP   A 1 131 ? 0.982   -16.229 -7.959  1.00 76.77  ? 127 ASP   A CB  1 
ATOM   948  N N   . VAL   A 1 132 ? 0.124   -12.869 -7.112  1.00 92.73  ? 128 VAL   A N   1 
ATOM   949  C CA  . VAL   A 1 132 ? -0.470  -11.700 -7.759  1.00 89.98  ? 128 VAL   A CA  1 
ATOM   950  C C   . VAL   A 1 132 ? 0.168   -10.398 -7.281  1.00 82.17  ? 128 VAL   A C   1 
ATOM   951  O O   . VAL   A 1 132 ? 0.304   -10.174 -6.084  1.00 86.63  ? 128 VAL   A O   1 
ATOM   952  C CB  . VAL   A 1 132 ? -2.001  -11.652 -7.589  1.00 88.67  ? 128 VAL   A CB  1 
ATOM   953  C CG1 . VAL   A 1 132 ? -2.551  -10.251 -7.826  1.00 80.74  ? 128 VAL   A CG1 1 
ATOM   954  C CG2 . VAL   A 1 132 ? -2.681  -12.646 -8.515  1.00 99.12  ? 128 VAL   A CG2 1 
ATOM   955  N N   . VAL   A 1 133 ? 0.481   -9.516  -8.237  1.00 75.42  ? 129 VAL   A N   1 
ATOM   956  C CA  . VAL   A 1 133 ? 1.253   -8.310  -7.971  1.00 80.67  ? 129 VAL   A CA  1 
ATOM   957  C C   . VAL   A 1 133 ? 0.525   -7.084  -8.524  1.00 82.13  ? 129 VAL   A C   1 
ATOM   958  O O   . VAL   A 1 133 ? 0.428   -6.909  -9.743  1.00 91.45  ? 129 VAL   A O   1 
ATOM   959  C CB  . VAL   A 1 133 ? 2.670   -8.421  -8.576  1.00 70.06  ? 129 VAL   A CB  1 
ATOM   960  C CG1 . VAL   A 1 133 ? 3.494   -7.165  -8.341  1.00 61.12  ? 129 VAL   A CG1 1 
ATOM   961  C CG2 . VAL   A 1 133 ? 3.407   -9.661  -8.093  1.00 68.78  ? 129 VAL   A CG2 1 
ATOM   962  N N   . CYS   A 1 134 ? 0.058   -6.206  -7.629  1.00 66.47  ? 130 CYS   A N   1 
ATOM   963  C CA  . CYS   A 1 134 ? -0.556  -4.973  -8.096  1.00 67.83  ? 130 CYS   A CA  1 
ATOM   964  C C   . CYS   A 1 134 ? 0.426   -3.804  -8.004  1.00 67.26  ? 130 CYS   A C   1 
ATOM   965  O O   . CYS   A 1 134 ? 1.100   -3.620  -6.993  1.00 63.15  ? 130 CYS   A O   1 
ATOM   966  C CB  . CYS   A 1 134 ? -1.842  -4.664  -7.342  1.00 67.08  ? 130 CYS   A CB  1 
ATOM   967  S SG  . CYS   A 1 134 ? -2.404  -2.959  -7.577  1.00 74.23  ? 130 CYS   A SG  1 
ATOM   968  N N   . THR   A 1 135 ? 0.496   -3.006  -9.076  1.00 62.82  ? 131 THR   A N   1 
ATOM   969  C CA  . THR   A 1 135 ? 1.363   -1.840  -9.072  1.00 65.72  ? 131 THR   A CA  1 
ATOM   970  C C   . THR   A 1 135 ? 0.535   -0.573  -9.215  1.00 67.62  ? 131 THR   A C   1 
ATOM   971  O O   . THR   A 1 135 ? -0.365  -0.487  -10.049 1.00 68.85  ? 131 THR   A O   1 
ATOM   972  C CB  . THR   A 1 135 ? 2.442   -1.893  -10.160 1.00 64.38  ? 131 THR   A CB  1 
ATOM   973  O OG1 . THR   A 1 135 ? 3.109   -3.150  -10.082 1.00 68.01  ? 131 THR   A OG1 1 
ATOM   974  C CG2 . THR   A 1 135 ? 3.462   -0.789  -10.010 1.00 60.79  ? 131 THR   A CG2 1 
ATOM   975  N N   . GLN   A 1 136 ? 0.876   0.415   -8.391  1.00 67.85  ? 132 GLN   A N   1 
ATOM   976  C CA  . GLN   A 1 136 ? 0.228   1.707   -8.469  1.00 66.87  ? 132 GLN   A CA  1 
ATOM   977  C C   . GLN   A 1 136 ? 1.303   2.786   -8.474  1.00 69.88  ? 132 GLN   A C   1 
ATOM   978  O O   . GLN   A 1 136 ? 2.241   2.754   -7.683  1.00 77.33  ? 132 GLN   A O   1 
ATOM   979  C CB  . GLN   A 1 136 ? -0.784  1.867   -7.338  1.00 65.15  ? 132 GLN   A CB  1 
ATOM   980  C CG  . GLN   A 1 136 ? -2.016  0.998   -7.522  1.00 68.54  ? 132 GLN   A CG  1 
ATOM   981  C CD  . GLN   A 1 136 ? -2.993  1.163   -6.388  1.00 74.29  ? 132 GLN   A CD  1 
ATOM   982  O OE1 . GLN   A 1 136 ? -2.618  1.408   -5.246  1.00 75.46  ? 132 GLN   A OE1 1 
ATOM   983  N NE2 . GLN   A 1 136 ? -4.269  1.029   -6.703  1.00 82.08  ? 132 GLN   A NE2 1 
ATOM   984  N N   . VAL   A 1 137 ? 1.159   3.728   -9.400  1.00 66.35  ? 133 VAL   A N   1 
ATOM   985  C CA  . VAL   A 1 137 ? 2.109   4.812   -9.472  1.00 61.55  ? 133 VAL   A CA  1 
ATOM   986  C C   . VAL   A 1 137 ? 1.417   6.106   -9.084  1.00 63.03  ? 133 VAL   A C   1 
ATOM   987  O O   . VAL   A 1 137 ? 0.315   6.403   -9.539  1.00 69.41  ? 133 VAL   A O   1 
ATOM   988  C CB  . VAL   A 1 137 ? 2.763   4.894   -10.860 1.00 60.78  ? 133 VAL   A CB  1 
ATOM   989  C CG1 . VAL   A 1 137 ? 4.077   5.672   -10.784 1.00 57.01  ? 133 VAL   A CG1 1 
ATOM   990  C CG2 . VAL   A 1 137 ? 2.986   3.498   -11.429 1.00 52.38  ? 133 VAL   A CG2 1 
ATOM   991  N N   . PHE   A 1 138 ? 2.098   6.849   -8.215  1.00 64.79  ? 134 PHE   A N   1 
ATOM   992  C CA  . PHE   A 1 138 ? 1.624   8.128   -7.729  1.00 65.43  ? 134 PHE   A CA  1 
ATOM   993  C C   . PHE   A 1 138 ? 2.606   9.214   -8.141  1.00 64.82  ? 134 PHE   A C   1 
ATOM   994  O O   . PHE   A 1 138 ? 3.793   8.970   -8.340  1.00 70.10  ? 134 PHE   A O   1 
ATOM   995  C CB  . PHE   A 1 138 ? 1.499   8.115   -6.206  1.00 60.97  ? 134 PHE   A CB  1 
ATOM   996  C CG  . PHE   A 1 138 ? 0.515   7.113   -5.669  1.00 65.30  ? 134 PHE   A CG  1 
ATOM   997  C CD1 . PHE   A 1 138 ? 0.724   5.748   -5.835  1.00 70.76  ? 134 PHE   A CD1 1 
ATOM   998  C CD2 . PHE   A 1 138 ? -0.610  7.533   -4.984  1.00 64.82  ? 134 PHE   A CD2 1 
ATOM   999  C CE1 . PHE   A 1 138 ? -0.170  4.820   -5.328  1.00 67.53  ? 134 PHE   A CE1 1 
ATOM   1000 C CE2 . PHE   A 1 138 ? -1.511  6.605   -4.487  1.00 70.45  ? 134 PHE   A CE2 1 
ATOM   1001 C CZ  . PHE   A 1 138 ? -1.291  5.254   -4.657  1.00 73.35  ? 134 PHE   A CZ  1 
ATOM   1002 N N   . VAL   A 1 139 ? 2.084   10.429  -8.247  1.00 62.95  ? 135 VAL   A N   1 
ATOM   1003 C CA  . VAL   A 1 139 ? 2.912   11.580  -8.530  1.00 64.41  ? 135 VAL   A CA  1 
ATOM   1004 C C   . VAL   A 1 139 ? 2.590   12.613  -7.453  1.00 71.77  ? 135 VAL   A C   1 
ATOM   1005 O O   . VAL   A 1 139 ? 1.491   12.572  -6.880  1.00 60.41  ? 135 VAL   A O   1 
ATOM   1006 C CB  . VAL   A 1 139 ? 2.638   12.085  -9.961  1.00 64.21  ? 135 VAL   A CB  1 
ATOM   1007 C CG1 . VAL   A 1 139 ? 3.167   11.115  -11.008 1.00 56.65  ? 135 VAL   A CG1 1 
ATOM   1008 C CG2 . VAL   A 1 139 ? 1.158   12.362  -10.207 1.00 64.59  ? 135 VAL   A CG2 1 
ATOM   1009 N N   . ARG   A 1 140 ? 3.561   13.498  -7.162  1.00 73.72  ? 136 ARG   A N   1 
ATOM   1010 C CA  . ARG   A 1 140 ? 3.331   14.578  -6.210  1.00 75.51  ? 136 ARG   A CA  1 
ATOM   1011 C C   . ARG   A 1 140 ? 2.087   15.356  -6.623  1.00 74.47  ? 136 ARG   A C   1 
ATOM   1012 O O   . ARG   A 1 140 ? 1.949   15.705  -7.790  1.00 71.36  ? 136 ARG   A O   1 
ATOM   1013 C CB  . ARG   A 1 140 ? 4.540   15.506  -6.077  1.00 69.88  ? 136 ARG   A CB  1 
ATOM   1014 C CG  . ARG   A 1 140 ? 5.671   14.894  -5.270  1.00 76.17  ? 136 ARG   A CG  1 
ATOM   1015 C CD  . ARG   A 1 140 ? 6.449   15.820  -4.347  1.00 83.14  ? 136 ARG   A CD  1 
ATOM   1016 N NE  . ARG   A 1 140 ? 7.158   15.060  -3.320  1.00 78.68  ? 136 ARG   A NE  1 
ATOM   1017 C CZ  . ARG   A 1 140 ? 8.200   14.277  -3.564  1.00 75.83  ? 136 ARG   A CZ  1 
ATOM   1018 N NH1 . ARG   A 1 140 ? 8.659   14.162  -4.801  1.00 73.41  ? 136 ARG   A NH1 1 
ATOM   1019 N NH2 . ARG   A 1 140 ? 8.763   13.599  -2.580  1.00 75.28  ? 136 ARG   A NH2 1 
ATOM   1020 N N   . GLU   A 1 141 ? 1.173   15.582  -5.666  1.00 83.60  ? 137 GLU   A N   1 
ATOM   1021 C CA  . GLU   A 1 141 ? -0.031  16.356  -5.935  1.00 85.77  ? 137 GLU   A CA  1 
ATOM   1022 C C   . GLU   A 1 141 ? 0.398   17.673  -6.587  1.00 89.18  ? 137 GLU   A C   1 
ATOM   1023 O O   . GLU   A 1 141 ? 1.545   18.142  -6.376  1.00 78.44  ? 137 GLU   A O   1 
ATOM   1024 C CB  . GLU   A 1 141 ? -0.894  16.579  -4.685  1.00 73.86  ? 137 GLU   A CB  1 
ATOM   1025 O OXT . GLU   A 1 141 ? -0.412  18.229  -7.336  1.00 93.91  ? 137 GLU   A OXT 1 
HETATM 1026 C CAU . A1IQ0 B 2 .   ? -0.688  -1.803  2.152   0.80 98.04  ? 201 A1IQ0 A CAU 1 
HETATM 1027 O OAT . A1IQ0 B 2 .   ? -0.964  -0.375  2.412   0.80 105.16 ? 201 A1IQ0 A OAT 1 
HETATM 1028 C CAR . A1IQ0 B 2 .   ? 0.116   0.379   2.248   0.80 84.21  ? 201 A1IQ0 A CAR 1 
HETATM 1029 O OAS . A1IQ0 B 2 .   ? 1.065   0.267   2.982   0.80 85.01  ? 201 A1IQ0 A OAS 1 
HETATM 1030 C CAP . A1IQ0 B 2 .   ? 0.126   1.410   1.099   0.80 78.45  ? 201 A1IQ0 A CAP 1 
HETATM 1031 C CAQ . A1IQ0 B 2 .   ? 1.340   2.224   0.930   0.80 74.60  ? 201 A1IQ0 A CAQ 1 
HETATM 1032 C CAO . A1IQ0 B 2 .   ? -0.983  1.674   0.068   0.80 82.42  ? 201 A1IQ0 A CAO 1 
HETATM 1033 C CAD . A1IQ0 B 2 .   ? -2.216  1.120   0.185   0.80 78.89  ? 201 A1IQ0 A CAD 1 
HETATM 1034 C CAE . A1IQ0 B 2 .   ? -2.701  0.824   1.504   0.80 82.04  ? 201 A1IQ0 A CAE 1 
HETATM 1035 C CAF . A1IQ0 B 2 .   ? -3.926  0.274   1.715   0.80 86.14  ? 201 A1IQ0 A CAF 1 
HETATM 1036 O OAM . A1IQ0 B 2 .   ? -4.429  -0.045  2.980   0.80 82.61  ? 201 A1IQ0 A OAM 1 
HETATM 1037 C CAN . A1IQ0 B 2 .   ? -5.542  -0.962  3.076   0.80 84.27  ? 201 A1IQ0 A CAN 1 
HETATM 1038 C CAC . A1IQ0 B 2 .   ? -2.992  0.952   -0.947  0.80 70.49  ? 201 A1IQ0 A CAC 1 
HETATM 1039 C CAA . A1IQ0 B 2 .   ? -4.232  0.423   -0.733  0.80 79.22  ? 201 A1IQ0 A CAA 1 
HETATM 1040 O OAK . A1IQ0 B 2 .   ? -5.047  0.207   -1.770  0.80 79.16  ? 201 A1IQ0 A OAK 1 
HETATM 1041 C CAL . A1IQ0 B 2 .   ? -4.251  0.264   -2.963  0.80 86.91  ? 201 A1IQ0 A CAL 1 
HETATM 1042 C CAB . A1IQ0 B 2 .   ? -4.690  0.100   0.579   0.80 85.07  ? 201 A1IQ0 A CAB 1 
HETATM 1043 O OAG . A1IQ0 B 2 .   ? -5.893  -0.405  0.769   0.80 83.38  ? 201 A1IQ0 A OAG 1 
HETATM 1044 O O   . HOH   C 3 .   ? -1.872  -16.466 11.634  1.00 69.48  ? 301 HOH   A O   1 
HETATM 1045 O O   . HOH   C 3 .   ? -11.895 -10.391 1.325   1.00 77.79  ? 302 HOH   A O   1 
# 
